data_3VTI
#
_entry.id   3VTI
#
_cell.length_a   118.739
_cell.length_b   119.101
_cell.length_c   174.631
_cell.angle_alpha   90.00
_cell.angle_beta   90.00
_cell.angle_gamma   90.00
#
_symmetry.space_group_name_H-M   'P 21 21 21'
#
loop_
_entity.id
_entity.type
_entity.pdbx_description
1 polymer 'Hydrogenase maturation factor'
2 polymer 'Hydrogenase maturation factor'
3 non-polymer 'ZINC ION'
4 non-polymer 'FE (III) ION'
5 non-polymer 'MAGNESIUM ION'
6 water water
#
loop_
_entity_poly.entity_id
_entity_poly.type
_entity_poly.pdbx_seq_one_letter_code
_entity_poly.pdbx_strand_id
1 'polypeptide(L)'
;MVRGRVPQIQARQINIFGIVQGVGFRPFVFNIAQKYNLKGIVYNNSSGLYIEVEGEEKDIEAFIREIKENPPSLSVIDEI
QVREVEVKEYKDFKIVGSKEDGGFVPVSPDMGVCEDCLRELKDPKDRRYRYPFINCTNCGPRFSIIEDIPYDRAKTSMKV
FPMCEKCSREYHDPHDRRFHAQPVACFDCGPSLSFVGEGCFDDEIKCVAKALKEGKIVAIKGIGGFHLAVNALDDEAVAT
LRRRKKRYGKPFAVMMRDVEEVKKYCIVSPEEERLLLSQRRPIVLLKKKGEKLAKGIADDLDTLGVMLPYAPIHYLLMEE
IDFPIVMTSGNVSEEPICKDNEEALEKLKDIADVFLLNNRDIVNRIDDSVTSFNAGAERIIRRARGYAPQPILLKKEVKA
SILAVGGFYKNTFCMTKGHYAFISHHIGDLDNEKAFNYYIEQIERYKKLFRVDPEVVAHDMHKGYLSTQYAKSLDLPKIE
VQHHHAHIASCMAEHNLDEKVIGIAYDGTGYGTDGNVWGAEILVCDLKSFERIAHLKYKPLPGNELAIKKIYRTALGFIF
DNISFYKNFVEQVDSRELDIILKQIDRKINTAYVSSMGRFFDAVAALIGVRKEVLFEGQAAMELESLMAESEEYYEYEIL
KEDRYVIDPELILRQIYEDYMKGFEKSYISAKFHNTVVNFTYDLANLIRKETGINKVVLSGGSFQNRYLLRRLIEKLSLS
GFEVYSNSKVPCNDGGISLGQAVIANKILEGSAWSHPQFEK
;
A,B
2 'polypeptide(L)'
;GALIEEVFADAFDNEYIRAMEDAALLFGNITLTTDSFTVKPLFFPGGDIGKLAVCGTVNDASMRGAKPLFLTAAFIIEEG
FPVEDLKKIVKSMAEAAKEAGVKIVAGDTKVVEKGSVDRIFINTSGIGVLYEGANVSIKNAKPGDIVLISGTIGDHGMAV
MSAREELQFDTPIFSDVAPLNGLIEKLMTLGEAIKVLRDPTRGGVAEVLYEISKMSGVGIKIYEEKLPVKESVKSACEFM
GIDFLHLANEGKVVVVVERDYAEKALEIMKSHEYGKDAEIIGEVNDSKLVTINTIYGTSRIVDRPIGELLPRIC
;
C,D
#
loop_
_chem_comp.id
_chem_comp.type
_chem_comp.name
_chem_comp.formula
FE non-polymer 'FE (III) ION' 'Fe 3'
MG non-polymer 'MAGNESIUM ION' 'Mg 2'
ZN non-polymer 'ZINC ION' 'Zn 2'
#
# COMPACT_ATOMS: atom_id res chain seq x y z
N GLN A 8 -18.25 96.68 -18.84
CA GLN A 8 -18.39 95.90 -17.58
C GLN A 8 -17.22 94.95 -17.40
N ILE A 9 -16.94 94.59 -16.15
CA ILE A 9 -15.87 93.65 -15.77
C ILE A 9 -16.49 92.51 -14.94
N GLN A 10 -15.97 91.29 -15.12
CA GLN A 10 -16.43 90.08 -14.42
C GLN A 10 -15.29 89.44 -13.61
N ALA A 11 -15.62 88.91 -12.43
CA ALA A 11 -14.61 88.34 -11.51
C ALA A 11 -14.94 86.93 -11.01
N ARG A 12 -13.91 86.08 -11.00
CA ARG A 12 -14.05 84.69 -10.54
C ARG A 12 -12.95 84.24 -9.57
N GLN A 13 -13.29 83.27 -8.73
CA GLN A 13 -12.34 82.62 -7.83
C GLN A 13 -12.26 81.12 -8.16
N ILE A 14 -11.07 80.69 -8.59
CA ILE A 14 -10.90 79.33 -9.08
C ILE A 14 -10.01 78.48 -8.17
N ASN A 15 -10.56 77.33 -7.76
CA ASN A 15 -9.81 76.33 -7.02
C ASN A 15 -9.49 75.13 -7.88
N ILE A 16 -8.21 74.76 -7.95
CA ILE A 16 -7.78 73.56 -8.65
C ILE A 16 -7.24 72.55 -7.65
N PHE A 17 -7.91 71.40 -7.56
CA PHE A 17 -7.51 70.33 -6.65
C PHE A 17 -6.68 69.29 -7.41
N GLY A 18 -5.61 68.82 -6.78
CA GLY A 18 -4.81 67.72 -7.32
C GLY A 18 -3.32 67.99 -7.27
N ILE A 19 -2.57 67.33 -8.15
CA ILE A 19 -1.13 67.57 -8.22
C ILE A 19 -0.88 68.79 -9.10
N VAL A 20 -0.36 69.85 -8.50
CA VAL A 20 -0.22 71.10 -9.20
C VAL A 20 1.13 71.73 -8.98
N GLN A 21 1.96 71.12 -8.18
CA GLN A 21 3.26 71.68 -7.92
C GLN A 21 4.30 70.90 -8.66
N GLY A 22 5.35 71.58 -9.07
CA GLY A 22 6.44 70.93 -9.73
C GLY A 22 6.17 70.75 -11.19
N VAL A 23 5.08 71.28 -11.68
CA VAL A 23 4.70 71.04 -13.04
C VAL A 23 4.62 72.29 -13.88
N GLY A 24 5.17 73.38 -13.36
CA GLY A 24 5.16 74.69 -14.00
C GLY A 24 3.77 75.28 -14.15
N PHE A 25 2.88 74.98 -13.20
CA PHE A 25 1.50 75.44 -13.25
C PHE A 25 1.37 76.96 -13.01
N ARG A 26 2.15 77.49 -12.07
CA ARG A 26 2.02 78.91 -11.72
C ARG A 26 2.53 79.84 -12.83
N PRO A 27 3.78 79.63 -13.30
CA PRO A 27 4.22 80.33 -14.52
C PRO A 27 3.27 80.17 -15.71
N PHE A 28 2.56 79.04 -15.79
CA PHE A 28 1.53 78.87 -16.81
C PHE A 28 0.39 79.86 -16.59
N VAL A 29 -0.25 79.79 -15.42
CA VAL A 29 -1.36 80.68 -15.06
C VAL A 29 -0.99 82.17 -15.28
N PHE A 30 0.24 82.54 -14.96
CA PHE A 30 0.80 83.87 -15.17
C PHE A 30 0.83 84.25 -16.65
N ASN A 31 1.26 83.30 -17.48
CA ASN A 31 1.35 83.51 -18.93
C ASN A 31 -0.01 83.64 -19.58
N ILE A 32 -0.92 82.72 -19.28
CA ILE A 32 -2.29 82.80 -19.80
C ILE A 32 -3.11 83.93 -19.18
N ALA A 33 -2.53 84.59 -18.17
CA ALA A 33 -3.11 85.81 -17.62
C ALA A 33 -2.78 87.02 -18.50
N GLN A 34 -1.49 87.14 -18.88
CA GLN A 34 -1.01 88.16 -19.80
C GLN A 34 -1.60 87.98 -21.21
N LYS A 35 -1.92 86.73 -21.56
CA LYS A 35 -2.54 86.38 -22.83
C LYS A 35 -3.94 87.01 -22.93
N TYR A 36 -4.89 86.50 -22.15
CA TYR A 36 -6.25 87.06 -22.13
C TYR A 36 -6.34 88.37 -21.35
N ASN A 37 -5.18 89.05 -21.21
CA ASN A 37 -5.05 90.34 -20.51
C ASN A 37 -5.93 90.45 -19.26
N LEU A 38 -5.62 89.63 -18.26
CA LEU A 38 -6.37 89.55 -17.02
C LEU A 38 -5.55 89.98 -15.79
N LYS A 39 -6.27 90.34 -14.73
CA LYS A 39 -5.65 90.80 -13.48
C LYS A 39 -5.97 89.85 -12.33
N GLY A 40 -5.05 89.77 -11.37
CA GLY A 40 -5.28 88.99 -10.15
C GLY A 40 -4.09 88.21 -9.64
N ILE A 41 -4.36 87.08 -9.00
CA ILE A 41 -3.34 86.30 -8.29
C ILE A 41 -3.49 84.79 -8.41
N VAL A 42 -2.37 84.10 -8.29
CA VAL A 42 -2.31 82.64 -8.15
C VAL A 42 -1.33 82.28 -7.03
N TYR A 43 -1.66 81.25 -6.26
CA TYR A 43 -0.77 80.69 -5.24
C TYR A 43 -1.17 79.27 -4.84
N ASN A 44 -0.25 78.57 -4.18
CA ASN A 44 -0.49 77.19 -3.73
C ASN A 44 -1.25 77.13 -2.43
N ASN A 45 -2.00 76.05 -2.24
CA ASN A 45 -2.55 75.71 -0.94
C ASN A 45 -2.47 74.19 -0.73
N SER A 46 -2.93 73.69 0.43
CA SER A 46 -2.80 72.27 0.74
C SER A 46 -3.50 71.36 -0.29
N SER A 47 -4.66 71.80 -0.80
CA SER A 47 -5.46 71.01 -1.75
C SER A 47 -4.94 71.06 -3.20
N GLY A 48 -4.15 72.10 -3.51
CA GLY A 48 -3.68 72.35 -4.86
C GLY A 48 -3.54 73.86 -4.99
N LEU A 49 -4.20 74.43 -6.01
CA LEU A 49 -4.00 75.84 -6.38
C LEU A 49 -5.17 76.82 -6.15
N TYR A 50 -4.85 78.08 -5.89
CA TYR A 50 -5.86 79.11 -5.68
C TYR A 50 -5.69 80.24 -6.68
N ILE A 51 -6.79 80.61 -7.32
CA ILE A 51 -6.77 81.62 -8.36
C ILE A 51 -7.84 82.67 -8.13
N GLU A 52 -7.44 83.92 -8.30
CA GLU A 52 -8.38 85.00 -8.30
C GLU A 52 -8.17 85.79 -9.59
N VAL A 53 -9.24 85.94 -10.35
CA VAL A 53 -9.13 86.50 -11.68
C VAL A 53 -10.31 87.39 -12.05
N GLU A 54 -10.01 88.53 -12.67
CA GLU A 54 -11.03 89.50 -13.08
C GLU A 54 -10.63 90.22 -14.36
N GLY A 55 -11.64 90.44 -15.22
CA GLY A 55 -11.45 91.09 -16.52
C GLY A 55 -12.69 90.96 -17.38
N GLU A 56 -12.51 90.92 -18.69
CA GLU A 56 -13.63 90.87 -19.63
C GLU A 56 -14.29 89.48 -19.62
N GLU A 57 -15.62 89.47 -19.66
CA GLU A 57 -16.41 88.23 -19.60
C GLU A 57 -15.94 87.16 -20.61
N LYS A 58 -15.48 87.60 -21.78
CA LYS A 58 -15.00 86.69 -22.83
C LYS A 58 -13.59 86.14 -22.54
N ASP A 59 -12.82 86.88 -21.74
CA ASP A 59 -11.47 86.44 -21.37
C ASP A 59 -11.47 85.42 -20.23
N ILE A 60 -12.37 85.60 -19.27
CA ILE A 60 -12.50 84.67 -18.13
C ILE A 60 -13.08 83.29 -18.47
N GLU A 61 -14.11 83.26 -19.33
CA GLU A 61 -14.69 81.98 -19.81
C GLU A 61 -13.67 81.15 -20.61
N ALA A 62 -12.83 81.86 -21.37
CA ALA A 62 -11.73 81.26 -22.11
C ALA A 62 -10.58 80.83 -21.20
N PHE A 63 -10.29 81.67 -20.19
CA PHE A 63 -9.30 81.35 -19.15
C PHE A 63 -9.70 80.06 -18.46
N ILE A 64 -10.97 79.99 -18.04
CA ILE A 64 -11.55 78.79 -17.43
C ILE A 64 -11.51 77.60 -18.39
N ARG A 65 -11.55 77.88 -19.69
CA ARG A 65 -11.45 76.81 -20.70
C ARG A 65 -10.03 76.30 -20.91
N GLU A 66 -9.05 77.20 -20.99
CA GLU A 66 -7.64 76.82 -21.12
C GLU A 66 -7.12 75.99 -19.94
N ILE A 67 -7.56 76.33 -18.73
CA ILE A 67 -7.21 75.58 -17.53
C ILE A 67 -7.91 74.22 -17.57
N LYS A 68 -9.15 74.23 -18.04
CA LYS A 68 -9.96 73.02 -18.09
C LYS A 68 -9.53 72.06 -19.21
N GLU A 69 -9.16 72.60 -20.36
CA GLU A 69 -8.96 71.79 -21.58
C GLU A 69 -7.49 71.45 -21.90
N ASN A 70 -6.58 72.40 -21.75
CA ASN A 70 -5.15 72.06 -21.85
C ASN A 70 -4.26 72.62 -20.73
N PRO A 71 -4.41 72.07 -19.51
CA PRO A 71 -3.54 72.42 -18.39
C PRO A 71 -2.15 71.83 -18.58
N PRO A 72 -1.16 72.26 -17.77
CA PRO A 72 0.20 71.73 -17.87
C PRO A 72 0.23 70.20 -17.89
N SER A 73 1.02 69.63 -18.80
CA SER A 73 1.08 68.18 -19.05
C SER A 73 1.17 67.30 -17.81
N LEU A 74 2.18 67.59 -16.98
CA LEU A 74 2.49 66.81 -15.78
C LEU A 74 1.53 66.98 -14.59
N SER A 75 0.61 67.94 -14.67
CA SER A 75 -0.42 68.11 -13.67
C SER A 75 -1.38 66.93 -13.67
N VAL A 76 -2.02 66.69 -12.53
CA VAL A 76 -3.08 65.68 -12.43
C VAL A 76 -4.25 66.34 -11.70
N ILE A 77 -5.11 66.98 -12.49
CA ILE A 77 -6.24 67.73 -11.94
C ILE A 77 -7.38 66.79 -11.61
N ASP A 78 -7.85 66.81 -10.37
CA ASP A 78 -8.95 65.95 -9.94
C ASP A 78 -10.30 66.65 -10.02
N GLU A 79 -10.31 67.94 -9.71
CA GLU A 79 -11.54 68.73 -9.62
C GLU A 79 -11.25 70.21 -9.84
N ILE A 80 -12.17 70.89 -10.52
CA ILE A 80 -12.10 72.34 -10.65
C ILE A 80 -13.42 72.96 -10.15
N GLN A 81 -13.31 74.00 -9.33
CA GLN A 81 -14.47 74.72 -8.82
C GLN A 81 -14.38 76.19 -9.21
N VAL A 82 -15.51 76.75 -9.63
CA VAL A 82 -15.61 78.17 -9.97
C VAL A 82 -16.81 78.81 -9.26
N ARG A 83 -16.56 79.90 -8.51
CA ARG A 83 -17.62 80.68 -7.87
C ARG A 83 -17.52 82.13 -8.32
N GLU A 84 -18.67 82.80 -8.38
CA GLU A 84 -18.73 84.23 -8.69
C GLU A 84 -18.32 85.03 -7.46
N VAL A 85 -17.50 86.05 -7.68
CA VAL A 85 -17.05 86.95 -6.61
C VAL A 85 -17.12 88.41 -7.06
N GLU A 86 -17.17 89.33 -6.08
CA GLU A 86 -17.13 90.76 -6.36
C GLU A 86 -15.81 91.18 -6.99
N VAL A 87 -15.89 92.14 -7.93
CA VAL A 87 -14.70 92.75 -8.53
C VAL A 87 -13.92 93.47 -7.43
N LYS A 88 -12.59 93.44 -7.54
CA LYS A 88 -11.73 93.99 -6.50
C LYS A 88 -10.69 94.98 -7.05
N GLU A 89 -10.70 95.12 -8.38
CA GLU A 89 -9.79 96.03 -9.11
C GLU A 89 -8.30 95.83 -8.82
N TYR A 90 -7.77 94.71 -9.32
CA TYR A 90 -6.34 94.45 -9.25
C TYR A 90 -5.60 95.32 -10.25
N LYS A 91 -4.39 95.74 -9.87
CA LYS A 91 -3.50 96.44 -10.78
C LYS A 91 -2.98 95.47 -11.85
N ASP A 92 -2.31 94.39 -11.43
CA ASP A 92 -1.69 93.46 -12.37
C ASP A 92 -2.03 91.99 -12.07
N PHE A 93 -1.21 91.07 -12.56
CA PHE A 93 -1.28 89.67 -12.15
C PHE A 93 0.02 89.25 -11.48
N LYS A 94 -0.09 88.49 -10.40
CA LYS A 94 1.09 88.07 -9.65
C LYS A 94 1.07 86.60 -9.23
N ILE A 95 2.26 86.00 -9.25
CA ILE A 95 2.47 84.71 -8.63
C ILE A 95 2.83 84.98 -7.18
N VAL A 96 1.87 84.76 -6.29
CA VAL A 96 2.10 85.04 -4.88
C VAL A 96 2.49 83.75 -4.15
N GLY A 97 3.23 83.90 -3.06
CA GLY A 97 3.74 82.75 -2.32
C GLY A 97 2.75 82.15 -1.35
N SER A 98 3.16 81.05 -0.72
CA SER A 98 2.40 80.39 0.32
C SER A 98 3.30 79.56 1.22
N LYS A 99 2.80 79.24 2.41
CA LYS A 99 3.50 78.30 3.29
C LYS A 99 3.60 76.93 2.63
N GLU A 100 2.72 76.67 1.68
CA GLU A 100 2.70 75.39 0.95
C GLU A 100 3.74 75.30 -0.18
N ASP A 101 4.44 76.40 -0.45
CA ASP A 101 5.47 76.46 -1.50
C ASP A 101 6.59 75.45 -1.26
N GLY A 102 7.12 74.91 -2.36
CA GLY A 102 8.18 73.92 -2.29
C GLY A 102 7.61 72.66 -1.70
N GLY A 103 6.68 72.05 -2.43
CA GLY A 103 5.93 70.91 -1.96
C GLY A 103 6.16 69.68 -2.81
N PHE A 104 7.43 69.44 -3.15
CA PHE A 104 7.90 68.21 -3.82
C PHE A 104 7.17 68.03 -5.17
N VAL A 105 6.92 66.83 -5.72
CA VAL A 105 7.53 65.51 -5.49
C VAL A 105 9.04 65.61 -5.79
N PRO A 106 9.89 64.74 -5.20
CA PRO A 106 11.30 64.97 -5.55
C PRO A 106 11.66 64.50 -6.98
N VAL A 107 11.06 63.41 -7.47
CA VAL A 107 11.44 62.88 -8.78
C VAL A 107 10.29 62.93 -9.80
N SER A 108 10.51 63.69 -10.86
CA SER A 108 9.52 63.83 -11.92
C SER A 108 9.74 62.83 -13.07
N PRO A 109 8.67 62.52 -13.81
CA PRO A 109 8.79 61.73 -15.03
C PRO A 109 9.70 62.38 -16.06
N ASP A 110 10.16 61.58 -17.01
CA ASP A 110 10.87 62.10 -18.15
C ASP A 110 9.94 62.97 -18.98
N MET A 111 10.45 64.09 -19.48
CA MET A 111 9.63 65.06 -20.22
C MET A 111 10.07 65.24 -21.68
N GLY A 112 9.07 65.30 -22.56
CA GLY A 112 9.29 65.59 -23.95
C GLY A 112 9.83 67.00 -24.11
N VAL A 113 10.51 67.26 -25.22
CA VAL A 113 11.06 68.58 -25.52
C VAL A 113 9.98 69.68 -25.41
N CYS A 114 10.27 70.73 -24.64
CA CYS A 114 9.34 71.86 -24.48
C CYS A 114 9.42 72.78 -25.69
N GLU A 115 8.45 73.66 -25.81
CA GLU A 115 8.36 74.59 -26.94
C GLU A 115 9.61 75.49 -27.11
N ASP A 116 10.14 76.02 -26.01
CA ASP A 116 11.34 76.87 -26.05
C ASP A 116 12.61 76.16 -26.53
N CYS A 117 12.84 74.95 -26.03
CA CYS A 117 13.97 74.12 -26.49
C CYS A 117 13.79 73.76 -27.97
N LEU A 118 12.55 73.51 -28.36
CA LEU A 118 12.23 73.22 -29.77
C LEU A 118 12.61 74.39 -30.68
N ARG A 119 12.23 75.59 -30.26
CA ARG A 119 12.54 76.80 -31.00
C ARG A 119 14.05 77.06 -31.03
N GLU A 120 14.76 76.72 -29.95
CA GLU A 120 16.21 76.88 -29.93
C GLU A 120 16.94 75.82 -30.75
N LEU A 121 16.44 74.59 -30.70
CA LEU A 121 16.91 73.51 -31.57
C LEU A 121 16.83 73.88 -33.05
N LYS A 122 15.80 74.65 -33.43
CA LYS A 122 15.55 74.98 -34.83
C LYS A 122 16.03 76.38 -35.24
N ASP A 123 16.67 77.08 -34.32
CA ASP A 123 17.15 78.44 -34.55
C ASP A 123 18.63 78.41 -34.97
N PRO A 124 18.91 78.69 -36.25
CA PRO A 124 20.26 78.58 -36.81
C PRO A 124 21.29 79.48 -36.12
N LYS A 125 20.82 80.52 -35.42
CA LYS A 125 21.69 81.46 -34.72
C LYS A 125 22.00 81.04 -33.29
N ASP A 126 21.27 80.03 -32.82
CA ASP A 126 21.41 79.57 -31.44
C ASP A 126 22.57 78.58 -31.31
N ARG A 127 23.36 78.80 -30.28
CA ARG A 127 24.49 77.92 -29.93
C ARG A 127 24.14 76.41 -29.86
N ARG A 128 22.87 76.10 -29.56
CA ARG A 128 22.42 74.70 -29.46
C ARG A 128 21.64 74.21 -30.69
N TYR A 129 21.77 74.93 -31.79
CA TYR A 129 21.14 74.57 -33.06
C TYR A 129 21.50 73.13 -33.42
N ARG A 130 20.48 72.30 -33.60
CA ARG A 130 20.64 70.89 -33.97
C ARG A 130 21.31 70.03 -32.91
N TYR A 131 21.36 70.51 -31.66
CA TYR A 131 21.97 69.73 -30.58
C TYR A 131 21.01 68.65 -30.04
N PRO A 132 21.39 67.35 -30.19
CA PRO A 132 20.47 66.23 -29.95
C PRO A 132 20.17 65.92 -28.46
N PHE A 133 20.72 66.72 -27.54
CA PHE A 133 20.45 66.49 -26.13
C PHE A 133 20.08 67.78 -25.42
N ILE A 134 19.55 68.72 -26.20
CA ILE A 134 19.06 69.99 -25.69
C ILE A 134 17.94 69.73 -24.67
N ASN A 135 18.03 70.44 -23.55
CA ASN A 135 17.02 70.38 -22.50
C ASN A 135 17.09 71.64 -21.65
N CYS A 136 16.09 71.85 -20.80
CA CYS A 136 16.07 72.98 -19.87
C CYS A 136 15.37 72.57 -18.58
N THR A 137 15.10 73.53 -17.71
CA THR A 137 14.43 73.27 -16.45
C THR A 137 13.03 72.65 -16.64
N ASN A 138 12.44 72.87 -17.82
CA ASN A 138 11.06 72.45 -18.11
C ASN A 138 10.91 71.18 -19.00
N CYS A 139 12.02 70.60 -19.45
CA CYS A 139 11.96 69.39 -20.26
C CYS A 139 13.19 68.52 -20.09
N GLY A 140 13.19 67.39 -20.83
CA GLY A 140 14.35 66.51 -20.91
C GLY A 140 14.21 65.32 -19.99
N PRO A 141 15.30 64.52 -19.86
CA PRO A 141 15.26 63.32 -19.04
C PRO A 141 15.29 63.67 -17.55
N ARG A 142 14.48 62.96 -16.78
CA ARG A 142 14.48 63.07 -15.34
C ARG A 142 14.68 61.68 -14.79
N PHE A 143 13.59 61.01 -14.43
CA PHE A 143 13.66 59.67 -13.86
C PHE A 143 14.68 58.74 -14.50
N SER A 144 14.75 58.74 -15.84
CA SER A 144 15.59 57.80 -16.58
C SER A 144 17.08 57.92 -16.26
N ILE A 145 17.50 59.06 -15.73
CA ILE A 145 18.92 59.28 -15.40
C ILE A 145 19.20 59.51 -13.91
N ILE A 146 18.19 59.33 -13.05
CA ILE A 146 18.29 59.68 -11.63
C ILE A 146 18.62 58.45 -10.77
N GLU A 147 19.73 58.52 -10.06
CA GLU A 147 20.19 57.43 -9.17
C GLU A 147 19.64 57.58 -7.75
N ASP A 148 19.62 58.81 -7.24
CA ASP A 148 19.33 59.09 -5.84
C ASP A 148 18.81 60.52 -5.68
N ILE A 149 18.42 60.87 -4.44
CA ILE A 149 17.92 62.22 -4.12
C ILE A 149 18.79 62.94 -3.07
N PRO A 150 18.63 64.28 -2.92
CA PRO A 150 17.79 65.20 -3.71
C PRO A 150 18.23 65.24 -5.17
N TYR A 151 17.29 65.53 -6.07
CA TYR A 151 17.57 65.66 -7.50
C TYR A 151 18.74 66.61 -7.78
N ASP A 152 19.82 66.06 -8.32
CA ASP A 152 21.08 66.79 -8.49
C ASP A 152 21.95 66.08 -9.52
N ARG A 153 22.63 66.86 -10.36
CA ARG A 153 23.52 66.34 -11.41
C ARG A 153 24.47 65.24 -10.92
N ALA A 154 25.07 65.43 -9.75
CA ALA A 154 26.01 64.44 -9.20
C ALA A 154 25.32 63.11 -8.91
N LYS A 155 24.01 63.15 -8.73
CA LYS A 155 23.21 61.95 -8.47
C LYS A 155 22.47 61.51 -9.75
N THR A 156 23.07 61.82 -10.90
CA THR A 156 22.55 61.40 -12.21
C THR A 156 23.72 60.93 -13.08
N SER A 157 23.40 60.27 -14.18
CA SER A 157 24.42 59.83 -15.14
C SER A 157 25.11 60.99 -15.87
N MET A 158 24.75 62.22 -15.54
CA MET A 158 25.39 63.39 -16.12
C MET A 158 26.62 63.87 -15.33
N LYS A 159 26.89 63.24 -14.19
CA LYS A 159 28.03 63.61 -13.34
C LYS A 159 29.40 63.48 -14.03
N VAL A 160 29.52 62.53 -14.97
CA VAL A 160 30.78 62.27 -15.67
C VAL A 160 31.12 63.30 -16.76
N PHE A 161 30.14 64.14 -17.09
CA PHE A 161 30.35 65.25 -18.00
C PHE A 161 30.56 66.54 -17.18
N PRO A 162 31.79 67.07 -17.16
CA PRO A 162 31.97 68.38 -16.56
C PRO A 162 31.38 69.48 -17.46
N MET A 163 30.58 70.36 -16.85
CA MET A 163 30.01 71.50 -17.56
C MET A 163 31.08 72.43 -18.13
N CYS A 164 30.81 72.98 -19.30
CA CYS A 164 31.64 74.03 -19.89
C CYS A 164 31.22 75.35 -19.24
N GLU A 165 31.97 76.42 -19.53
CA GLU A 165 31.74 77.74 -18.96
C GLU A 165 30.35 78.26 -19.25
N LYS A 166 29.99 78.19 -20.54
CA LYS A 166 28.76 78.73 -21.08
C LYS A 166 27.52 78.06 -20.45
N CYS A 167 27.60 76.74 -20.26
CA CYS A 167 26.51 75.99 -19.61
C CYS A 167 26.48 76.26 -18.10
N SER A 168 27.67 76.50 -17.53
CA SER A 168 27.79 76.68 -16.09
C SER A 168 27.10 77.95 -15.59
N ARG A 169 27.27 79.05 -16.32
CA ARG A 169 26.68 80.31 -15.89
C ARG A 169 25.17 80.35 -16.13
N GLU A 170 24.71 79.62 -17.14
CA GLU A 170 23.27 79.42 -17.38
C GLU A 170 22.63 78.67 -16.21
N TYR A 171 23.30 77.60 -15.79
CA TYR A 171 22.88 76.74 -14.67
C TYR A 171 22.76 77.53 -13.37
N HIS A 172 23.65 78.48 -13.17
CA HIS A 172 23.71 79.23 -11.92
C HIS A 172 22.91 80.53 -11.94
N ASP A 173 22.53 81.00 -13.14
CA ASP A 173 21.73 82.22 -13.29
C ASP A 173 20.26 81.94 -12.97
N PRO A 174 19.75 82.53 -11.88
CA PRO A 174 18.39 82.24 -11.40
C PRO A 174 17.26 82.68 -12.35
N HIS A 175 17.56 83.61 -13.27
CA HIS A 175 16.57 84.06 -14.27
C HIS A 175 16.67 83.34 -15.61
N ASP A 176 17.58 82.36 -15.72
CA ASP A 176 17.73 81.57 -16.95
C ASP A 176 16.80 80.36 -16.95
N ARG A 177 16.31 80.00 -18.15
CA ARG A 177 15.44 78.83 -18.30
C ARG A 177 16.19 77.52 -18.06
N ARG A 178 17.50 77.60 -17.90
CA ARG A 178 18.33 76.45 -17.55
C ARG A 178 18.90 76.51 -16.13
N PHE A 179 18.36 77.40 -15.29
CA PHE A 179 18.70 77.48 -13.87
C PHE A 179 18.42 76.14 -13.18
N HIS A 180 19.48 75.56 -12.60
CA HIS A 180 19.43 74.23 -11.96
C HIS A 180 18.90 73.10 -12.87
N ALA A 181 19.02 73.28 -14.19
CA ALA A 181 18.71 72.24 -15.14
C ALA A 181 19.85 71.25 -15.11
N GLN A 182 19.63 70.16 -14.35
CA GLN A 182 20.69 69.21 -14.01
C GLN A 182 21.44 68.57 -15.19
N PRO A 183 20.70 68.13 -16.23
CA PRO A 183 21.38 67.56 -17.38
C PRO A 183 21.70 68.55 -18.52
N VAL A 184 21.91 69.83 -18.20
CA VAL A 184 22.34 70.80 -19.23
C VAL A 184 23.55 70.33 -20.02
N ALA A 185 23.53 70.67 -21.30
CA ALA A 185 24.55 70.25 -22.26
C ALA A 185 24.54 71.12 -23.53
N CYS A 186 25.67 71.11 -24.23
CA CYS A 186 25.81 71.71 -25.54
C CYS A 186 26.76 70.78 -26.30
N PHE A 187 27.12 71.13 -27.53
CA PHE A 187 28.11 70.35 -28.28
C PHE A 187 29.47 70.26 -27.57
N ASP A 188 29.84 71.32 -26.83
CA ASP A 188 31.17 71.40 -26.24
C ASP A 188 31.38 70.53 -25.01
N CYS A 189 30.31 70.25 -24.26
CA CYS A 189 30.44 69.52 -23.00
C CYS A 189 29.52 68.33 -22.86
N GLY A 190 28.43 68.32 -23.61
CA GLY A 190 27.42 67.30 -23.45
C GLY A 190 27.63 65.99 -24.19
N PRO A 191 26.65 65.08 -24.09
CA PRO A 191 26.67 63.82 -24.82
C PRO A 191 26.59 64.03 -26.32
N SER A 192 26.96 63.01 -27.08
CA SER A 192 26.93 63.04 -28.54
C SER A 192 26.43 61.70 -29.06
N LEU A 193 26.07 61.66 -30.35
CA LEU A 193 25.56 60.46 -31.00
C LEU A 193 26.65 59.65 -31.70
N SER A 194 26.39 58.36 -31.88
CA SER A 194 27.26 57.46 -32.63
C SER A 194 26.42 56.57 -33.54
N PHE A 195 27.00 56.21 -34.69
CA PHE A 195 26.33 55.36 -35.65
C PHE A 195 27.12 54.08 -35.87
N VAL A 196 26.53 52.94 -35.54
CA VAL A 196 27.16 51.64 -35.77
C VAL A 196 26.39 50.82 -36.82
N GLY A 197 27.13 50.06 -37.63
CA GLY A 197 26.58 49.30 -38.74
C GLY A 197 27.54 49.43 -39.90
N GLU A 198 27.03 49.80 -41.07
CA GLU A 198 27.91 50.07 -42.22
C GLU A 198 28.44 51.51 -42.18
N GLY A 199 29.48 51.76 -42.96
CA GLY A 199 30.10 53.09 -43.03
C GLY A 199 29.12 54.15 -43.47
N CYS A 200 29.27 55.35 -42.93
CA CYS A 200 28.43 56.48 -43.30
C CYS A 200 29.14 57.81 -43.05
N PHE A 201 29.26 58.59 -44.11
CA PHE A 201 30.07 59.81 -44.14
C PHE A 201 29.43 60.95 -43.33
N ASP A 202 28.11 61.05 -43.41
CA ASP A 202 27.35 62.18 -42.87
C ASP A 202 27.28 62.26 -41.34
N ASP A 203 26.45 63.17 -40.85
CA ASP A 203 26.11 63.22 -39.43
C ASP A 203 25.15 62.09 -39.11
N GLU A 204 25.11 61.69 -37.85
CA GLU A 204 24.48 60.44 -37.43
C GLU A 204 22.97 60.36 -37.69
N ILE A 205 22.27 61.49 -37.63
CA ILE A 205 20.85 61.52 -37.94
C ILE A 205 20.58 61.22 -39.42
N LYS A 206 21.34 61.90 -40.29
CA LYS A 206 21.28 61.68 -41.75
C LYS A 206 21.50 60.22 -42.13
N CYS A 207 22.42 59.57 -41.44
CA CYS A 207 22.70 58.14 -41.65
C CYS A 207 21.48 57.29 -41.33
N VAL A 208 20.81 57.59 -40.22
CA VAL A 208 19.60 56.87 -39.82
C VAL A 208 18.48 57.05 -40.84
N ALA A 209 18.32 58.29 -41.30
CA ALA A 209 17.37 58.61 -42.37
C ALA A 209 17.62 57.77 -43.61
N LYS A 210 18.89 57.61 -43.97
CA LYS A 210 19.30 56.85 -45.15
C LYS A 210 18.94 55.37 -44.96
N ALA A 211 19.22 54.85 -43.77
CA ALA A 211 18.99 53.45 -43.45
C ALA A 211 17.51 53.09 -43.48
N LEU A 212 16.68 53.97 -42.93
CA LEU A 212 15.25 53.83 -42.98
C LEU A 212 14.75 53.82 -44.45
N LYS A 213 15.26 54.78 -45.22
CA LYS A 213 14.88 54.96 -46.61
C LYS A 213 15.16 53.70 -47.44
N GLU A 214 16.20 52.97 -47.04
CA GLU A 214 16.63 51.74 -47.73
C GLU A 214 15.90 50.48 -47.25
N GLY A 215 15.03 50.64 -46.25
CA GLY A 215 14.24 49.52 -45.74
C GLY A 215 14.95 48.67 -44.71
N LYS A 216 15.84 49.29 -43.95
CA LYS A 216 16.61 48.60 -42.91
C LYS A 216 16.01 48.88 -41.53
N ILE A 217 16.33 48.02 -40.57
CA ILE A 217 15.90 48.21 -39.19
C ILE A 217 16.96 48.99 -38.40
N VAL A 218 16.51 50.05 -37.74
CA VAL A 218 17.40 50.91 -36.94
C VAL A 218 17.05 50.79 -35.47
N ALA A 219 18.06 50.47 -34.66
CA ALA A 219 17.91 50.49 -33.22
C ALA A 219 18.35 51.84 -32.69
N ILE A 220 17.41 52.54 -32.07
CA ILE A 220 17.62 53.92 -31.63
C ILE A 220 17.63 54.00 -30.10
N LYS A 221 18.65 54.64 -29.55
CA LYS A 221 18.70 54.89 -28.13
C LYS A 221 17.93 56.17 -27.83
N GLY A 222 16.81 56.03 -27.12
CA GLY A 222 16.01 57.17 -26.71
C GLY A 222 16.21 57.57 -25.26
N ILE A 223 15.11 57.90 -24.59
CA ILE A 223 15.14 58.37 -23.22
C ILE A 223 15.12 57.20 -22.24
N GLY A 224 14.21 56.26 -22.47
CA GLY A 224 13.99 55.16 -21.54
C GLY A 224 14.59 53.84 -21.97
N GLY A 225 15.20 53.81 -23.14
CA GLY A 225 15.85 52.62 -23.66
C GLY A 225 15.98 52.67 -25.17
N PHE A 226 16.27 51.51 -25.75
CA PHE A 226 16.34 51.35 -27.20
C PHE A 226 14.97 51.02 -27.82
N HIS A 227 14.72 51.57 -29.01
CA HIS A 227 13.58 51.17 -29.82
C HIS A 227 13.97 50.80 -31.25
N LEU A 228 13.14 49.97 -31.88
CA LEU A 228 13.38 49.51 -33.24
C LEU A 228 12.45 50.23 -34.25
N ALA A 229 13.06 50.77 -35.31
CA ALA A 229 12.34 51.54 -36.33
C ALA A 229 12.54 51.04 -37.76
N VAL A 230 11.45 51.08 -38.53
CA VAL A 230 11.49 50.95 -40.01
C VAL A 230 10.57 52.00 -40.61
N ASN A 231 10.64 52.15 -41.93
CA ASN A 231 9.67 52.96 -42.67
C ASN A 231 8.27 52.31 -42.63
N ALA A 232 7.33 52.94 -41.92
CA ALA A 232 5.96 52.39 -41.80
C ALA A 232 5.14 52.34 -43.11
N LEU A 233 5.73 52.78 -44.22
CA LEU A 233 5.09 52.66 -45.54
C LEU A 233 5.79 51.57 -46.36
N ASP A 234 6.84 50.98 -45.80
CA ASP A 234 7.61 49.97 -46.50
C ASP A 234 7.25 48.55 -46.04
N ASP A 235 6.39 47.88 -46.82
CA ASP A 235 5.92 46.53 -46.50
C ASP A 235 7.04 45.50 -46.28
N GLU A 236 8.07 45.55 -47.11
CA GLU A 236 9.23 44.66 -46.96
C GLU A 236 9.99 44.84 -45.64
N ALA A 237 10.26 46.09 -45.29
CA ALA A 237 10.95 46.41 -44.03
C ALA A 237 10.15 45.96 -42.80
N VAL A 238 8.85 46.24 -42.81
CA VAL A 238 7.97 45.78 -41.74
C VAL A 238 7.94 44.25 -41.71
N ALA A 239 7.95 43.62 -42.88
CA ALA A 239 7.96 42.16 -42.97
C ALA A 239 9.23 41.53 -42.39
N THR A 240 10.39 42.16 -42.65
CA THR A 240 11.67 41.62 -42.17
C THR A 240 11.82 41.78 -40.65
N LEU A 241 11.22 42.83 -40.10
CA LEU A 241 11.16 43.03 -38.65
C LEU A 241 10.24 42.00 -37.99
N ARG A 242 9.12 41.69 -38.66
CA ARG A 242 8.18 40.64 -38.21
C ARG A 242 8.87 39.28 -38.18
N ARG A 243 9.65 39.00 -39.22
CA ARG A 243 10.41 37.76 -39.34
C ARG A 243 11.51 37.69 -38.29
N ARG A 244 12.19 38.82 -38.05
CA ARG A 244 13.36 38.84 -37.16
C ARG A 244 12.98 38.77 -35.69
N LYS A 245 11.81 39.28 -35.33
CA LYS A 245 11.29 39.11 -33.99
C LYS A 245 10.68 37.72 -33.89
N LYS A 246 9.87 37.38 -34.90
CA LYS A 246 9.33 36.03 -35.13
C LYS A 246 8.39 35.52 -34.03
N ARG A 247 8.45 36.14 -32.85
CA ARG A 247 7.64 35.68 -31.72
C ARG A 247 6.68 36.77 -31.24
N TYR A 248 6.43 37.74 -32.13
CA TYR A 248 5.68 38.93 -31.74
C TYR A 248 4.17 38.80 -31.98
N GLY A 249 3.73 39.04 -33.22
CA GLY A 249 2.31 39.06 -33.55
C GLY A 249 1.62 40.38 -33.21
N LYS A 250 2.02 40.98 -32.09
CA LYS A 250 1.42 42.23 -31.61
C LYS A 250 1.55 43.38 -32.61
N PRO A 251 0.55 44.29 -32.65
CA PRO A 251 0.65 45.44 -33.56
C PRO A 251 1.78 46.39 -33.16
N PHE A 252 2.35 47.06 -34.16
CA PHE A 252 3.41 48.01 -33.93
C PHE A 252 2.83 49.37 -33.71
N ALA A 253 3.48 50.13 -32.82
CA ALA A 253 3.21 51.55 -32.68
C ALA A 253 3.95 52.25 -33.80
N VAL A 254 3.50 53.45 -34.14
CA VAL A 254 4.08 54.21 -35.22
C VAL A 254 4.33 55.63 -34.74
N MET A 255 5.47 56.20 -35.12
CA MET A 255 5.74 57.59 -34.82
C MET A 255 5.45 58.44 -36.05
N MET A 256 4.69 59.51 -35.84
CA MET A 256 4.43 60.50 -36.88
C MET A 256 4.92 61.91 -36.46
N ARG A 257 5.16 62.78 -37.44
CA ARG A 257 5.88 64.05 -37.23
C ARG A 257 5.08 65.12 -36.48
N ASP A 258 3.77 65.12 -36.69
CA ASP A 258 2.86 66.07 -36.07
C ASP A 258 1.41 65.62 -36.16
N VAL A 259 0.53 66.37 -35.52
CA VAL A 259 -0.89 66.06 -35.48
C VAL A 259 -1.54 66.04 -36.90
N GLU A 260 -1.16 66.98 -37.75
CA GLU A 260 -1.63 66.95 -39.13
C GLU A 260 -1.41 65.57 -39.76
N GLU A 261 -0.20 65.01 -39.60
CA GLU A 261 0.08 63.69 -40.17
C GLU A 261 -0.78 62.59 -39.54
N VAL A 262 -1.04 62.68 -38.24
CA VAL A 262 -1.90 61.71 -37.57
C VAL A 262 -3.33 61.75 -38.13
N LYS A 263 -3.87 62.96 -38.27
CA LYS A 263 -5.23 63.19 -38.81
C LYS A 263 -5.43 62.59 -40.21
N LYS A 264 -4.33 62.31 -40.90
CA LYS A 264 -4.38 61.65 -42.20
C LYS A 264 -4.62 60.15 -42.08
N TYR A 265 -4.12 59.54 -41.01
CA TYR A 265 -4.25 58.11 -40.82
C TYR A 265 -5.28 57.70 -39.77
N CYS A 266 -5.60 58.61 -38.86
CA CYS A 266 -6.43 58.28 -37.70
C CYS A 266 -7.45 59.35 -37.40
N ILE A 267 -8.47 58.96 -36.63
CA ILE A 267 -9.45 59.90 -36.07
C ILE A 267 -8.85 60.47 -34.80
N VAL A 268 -8.75 61.81 -34.73
CA VAL A 268 -8.15 62.45 -33.56
C VAL A 268 -9.05 63.54 -32.97
N SER A 269 -9.74 63.20 -31.89
CA SER A 269 -10.56 64.14 -31.14
C SER A 269 -9.66 65.08 -30.33
N PRO A 270 -10.21 66.20 -29.81
CA PRO A 270 -9.38 67.13 -29.03
C PRO A 270 -8.69 66.52 -27.80
N GLU A 271 -9.35 65.61 -27.10
CA GLU A 271 -8.76 64.98 -25.91
C GLU A 271 -7.61 64.10 -26.33
N GLU A 272 -7.79 63.39 -27.44
CA GLU A 272 -6.75 62.55 -28.00
C GLU A 272 -5.53 63.37 -28.46
N GLU A 273 -5.80 64.57 -28.96
CA GLU A 273 -4.77 65.49 -29.42
C GLU A 273 -4.00 66.01 -28.22
N ARG A 274 -4.73 66.30 -27.14
CA ARG A 274 -4.09 66.70 -25.89
C ARG A 274 -3.14 65.61 -25.37
N LEU A 275 -3.53 64.35 -25.48
CA LEU A 275 -2.68 63.23 -25.05
C LEU A 275 -1.45 63.05 -25.94
N LEU A 276 -1.63 63.24 -27.24
CA LEU A 276 -0.52 63.18 -28.19
C LEU A 276 0.50 64.28 -27.93
N LEU A 277 0.02 65.53 -27.85
CA LEU A 277 0.87 66.71 -27.70
C LEU A 277 1.46 66.88 -26.31
N SER A 278 0.93 66.11 -25.35
CA SER A 278 1.37 66.22 -23.96
C SER A 278 2.89 66.01 -23.85
N GLN A 279 3.52 66.64 -22.86
CA GLN A 279 4.96 66.48 -22.65
C GLN A 279 5.26 65.09 -22.12
N ARG A 280 4.22 64.43 -21.64
CA ARG A 280 4.31 63.06 -21.23
C ARG A 280 4.67 62.20 -22.45
N ARG A 281 4.19 62.61 -23.60
CA ARG A 281 4.47 61.98 -24.88
C ARG A 281 4.26 60.49 -24.95
N PRO A 282 3.06 60.00 -24.80
CA PRO A 282 2.80 58.58 -24.90
C PRO A 282 2.42 58.13 -26.31
N ILE A 283 2.33 56.82 -26.51
CA ILE A 283 1.62 56.25 -27.63
C ILE A 283 0.14 56.42 -27.29
N VAL A 284 -0.65 56.90 -28.24
CA VAL A 284 -2.09 56.97 -28.01
C VAL A 284 -2.82 56.03 -28.97
N LEU A 285 -3.64 55.12 -28.45
CA LEU A 285 -4.39 54.21 -29.32
C LEU A 285 -5.57 54.97 -29.97
N LEU A 286 -5.59 54.95 -31.30
CA LEU A 286 -6.54 55.75 -32.07
C LEU A 286 -7.25 54.92 -33.14
N LYS A 287 -8.49 55.28 -33.43
CA LYS A 287 -9.24 54.64 -34.53
C LYS A 287 -8.66 55.06 -35.88
N LYS A 288 -8.39 54.05 -36.72
CA LYS A 288 -7.93 54.23 -38.10
C LYS A 288 -8.96 54.92 -38.98
N LYS A 289 -8.44 55.57 -40.03
CA LYS A 289 -9.23 56.16 -41.11
C LYS A 289 -8.86 55.50 -42.45
N GLY A 290 -9.23 54.24 -42.64
CA GLY A 290 -8.92 53.55 -43.91
C GLY A 290 -7.46 53.11 -44.00
N GLU A 291 -7.22 51.96 -44.62
CA GLU A 291 -5.87 51.38 -44.67
C GLU A 291 -4.94 52.16 -45.59
N LYS A 292 -4.01 52.88 -44.98
CA LYS A 292 -3.06 53.73 -45.71
C LYS A 292 -1.60 53.40 -45.37
N LEU A 293 -1.39 52.63 -44.30
CA LEU A 293 -0.06 52.16 -43.91
C LEU A 293 0.27 50.81 -44.52
N ALA A 294 1.52 50.38 -44.35
CA ALA A 294 1.97 49.07 -44.82
C ALA A 294 1.29 47.92 -44.07
N LYS A 295 1.15 46.77 -44.73
CA LYS A 295 0.69 45.53 -44.09
C LYS A 295 1.69 45.10 -43.01
N GLY A 296 1.20 44.48 -41.94
CA GLY A 296 2.08 44.01 -40.89
C GLY A 296 2.27 44.96 -39.72
N ILE A 297 1.75 46.19 -39.83
CA ILE A 297 1.79 47.15 -38.74
C ILE A 297 0.73 46.81 -37.70
N ALA A 298 -0.51 46.72 -38.17
CA ALA A 298 -1.67 46.57 -37.32
C ALA A 298 -2.81 45.97 -38.14
N ASP A 299 -2.57 44.78 -38.70
CA ASP A 299 -3.53 44.10 -39.57
C ASP A 299 -4.78 43.61 -38.83
N ASP A 300 -5.91 43.61 -39.53
CA ASP A 300 -7.18 43.10 -39.02
C ASP A 300 -7.66 43.80 -37.73
N LEU A 301 -7.08 44.98 -37.47
CA LEU A 301 -7.45 45.81 -36.32
C LEU A 301 -7.87 47.22 -36.77
N ASP A 302 -8.87 47.77 -36.11
CA ASP A 302 -9.39 49.09 -36.48
C ASP A 302 -8.72 50.24 -35.70
N THR A 303 -7.66 49.92 -34.94
CA THR A 303 -6.92 50.92 -34.15
C THR A 303 -5.45 50.92 -34.47
N LEU A 304 -4.81 52.04 -34.16
CA LEU A 304 -3.39 52.21 -34.36
C LEU A 304 -2.81 53.02 -33.21
N GLY A 305 -1.69 52.55 -32.67
CA GLY A 305 -0.95 53.29 -31.66
C GLY A 305 0.01 54.28 -32.29
N VAL A 306 -0.21 55.57 -32.06
CA VAL A 306 0.59 56.63 -32.65
C VAL A 306 1.27 57.44 -31.55
N MET A 307 2.53 57.79 -31.75
CA MET A 307 3.22 58.69 -30.85
C MET A 307 3.83 59.85 -31.65
N LEU A 308 4.07 60.98 -30.99
CA LEU A 308 4.76 62.09 -31.63
C LEU A 308 6.25 62.07 -31.23
N PRO A 309 7.09 62.90 -31.89
CA PRO A 309 8.48 62.97 -31.44
C PRO A 309 8.52 63.39 -29.98
N TYR A 310 9.54 62.93 -29.24
CA TYR A 310 9.68 63.29 -27.84
C TYR A 310 11.09 63.69 -27.38
N ALA A 311 12.11 63.34 -28.17
CA ALA A 311 13.47 63.74 -27.85
C ALA A 311 14.02 64.55 -29.02
N PRO A 312 15.07 65.36 -28.77
CA PRO A 312 15.60 66.16 -29.88
C PRO A 312 15.93 65.32 -31.12
N ILE A 313 16.44 64.12 -30.92
CA ILE A 313 16.78 63.22 -32.03
C ILE A 313 15.64 62.95 -33.01
N HIS A 314 14.40 62.95 -32.52
CA HIS A 314 13.23 62.63 -33.35
C HIS A 314 12.86 63.82 -34.24
N TYR A 315 12.85 65.02 -33.67
CA TYR A 315 12.65 66.23 -34.44
C TYR A 315 13.65 66.34 -35.59
N LEU A 316 14.91 66.01 -35.30
CA LEU A 316 15.98 66.05 -36.30
C LEU A 316 15.79 64.97 -37.35
N LEU A 317 15.29 63.81 -36.93
CA LEU A 317 15.04 62.71 -37.84
C LEU A 317 13.87 63.04 -38.78
N MET A 318 12.88 63.75 -38.24
CA MET A 318 11.66 64.07 -38.98
C MET A 318 11.88 65.01 -40.16
N GLU A 319 12.86 65.89 -40.07
CA GLU A 319 13.12 66.76 -41.21
C GLU A 319 13.95 66.12 -42.32
N GLU A 320 14.38 64.88 -42.09
CA GLU A 320 15.19 64.12 -43.06
C GLU A 320 14.40 62.99 -43.75
N ILE A 321 13.20 62.73 -43.26
CA ILE A 321 12.32 61.67 -43.79
C ILE A 321 10.93 62.24 -43.99
N ASP A 322 10.14 61.58 -44.83
CA ASP A 322 8.79 62.05 -45.17
C ASP A 322 7.75 60.95 -45.04
N PHE A 323 8.01 60.00 -44.14
CA PHE A 323 7.12 58.86 -43.92
C PHE A 323 7.03 58.59 -42.40
N PRO A 324 5.89 58.00 -41.96
CA PRO A 324 5.77 57.58 -40.56
C PRO A 324 6.71 56.42 -40.32
N ILE A 325 7.13 56.24 -39.07
CA ILE A 325 8.00 55.12 -38.72
C ILE A 325 7.44 54.25 -37.60
N VAL A 326 7.58 52.94 -37.76
CA VAL A 326 7.36 52.02 -36.64
C VAL A 326 8.34 52.37 -35.52
N MET A 327 7.84 52.42 -34.29
CA MET A 327 8.67 52.62 -33.11
C MET A 327 8.26 51.60 -32.06
N THR A 328 8.85 50.43 -32.16
CA THR A 328 8.55 49.33 -31.26
C THR A 328 9.68 49.15 -30.27
N SER A 329 9.36 48.57 -29.12
CA SER A 329 10.35 48.32 -28.08
C SER A 329 11.60 47.61 -28.61
N GLY A 330 12.77 47.99 -28.09
CA GLY A 330 14.04 47.39 -28.48
C GLY A 330 14.34 46.11 -27.71
N ASN A 331 13.63 45.05 -28.05
CA ASN A 331 13.81 43.74 -27.44
C ASN A 331 13.56 42.62 -28.45
N VAL A 332 14.22 41.47 -28.27
CA VAL A 332 13.75 40.25 -28.92
C VAL A 332 12.51 39.88 -28.13
N SER A 333 11.47 39.41 -28.78
CA SER A 333 10.23 39.02 -28.07
C SER A 333 9.63 40.15 -27.20
N GLU A 334 9.54 39.94 -25.88
CA GLU A 334 8.83 40.88 -24.99
C GLU A 334 9.47 41.15 -23.62
N GLU A 335 10.72 40.73 -23.45
CA GLU A 335 11.47 41.04 -22.22
C GLU A 335 11.73 42.55 -22.11
N PRO A 336 12.22 43.00 -20.94
CA PRO A 336 12.60 44.40 -20.79
C PRO A 336 13.43 44.91 -21.97
N ILE A 337 13.15 46.12 -22.40
CA ILE A 337 13.94 46.70 -23.46
C ILE A 337 15.36 46.99 -23.02
N CYS A 338 16.26 46.97 -23.98
CA CYS A 338 17.67 47.26 -23.74
C CYS A 338 17.88 48.71 -23.33
N LYS A 339 18.93 48.97 -22.55
CA LYS A 339 19.20 50.33 -22.10
C LYS A 339 20.65 50.76 -22.31
N ASP A 340 21.56 49.80 -22.29
CA ASP A 340 22.98 50.10 -22.45
C ASP A 340 23.39 49.79 -23.87
N ASN A 341 24.39 50.53 -24.36
CA ASN A 341 24.91 50.36 -25.72
C ASN A 341 25.36 48.93 -26.01
N GLU A 342 26.26 48.41 -25.17
CA GLU A 342 26.81 47.07 -25.37
C GLU A 342 25.77 45.95 -25.24
N GLU A 343 24.81 46.13 -24.33
CA GLU A 343 23.68 45.22 -24.16
C GLU A 343 22.78 45.19 -25.42
N ALA A 344 22.54 46.35 -26.01
CA ALA A 344 21.75 46.44 -27.23
C ALA A 344 22.48 45.84 -28.42
N LEU A 345 23.76 46.16 -28.56
CA LEU A 345 24.57 45.62 -29.67
C LEU A 345 24.58 44.09 -29.73
N GLU A 346 24.47 43.44 -28.57
CA GLU A 346 24.49 41.97 -28.49
C GLU A 346 23.11 41.36 -28.63
N LYS A 347 22.16 41.88 -27.85
CA LYS A 347 20.79 41.34 -27.81
C LYS A 347 20.06 41.54 -29.14
N LEU A 348 20.30 42.69 -29.78
CA LEU A 348 19.57 43.05 -31.00
C LEU A 348 20.37 42.82 -32.28
N LYS A 349 21.43 41.99 -32.19
CA LYS A 349 22.34 41.73 -33.33
C LYS A 349 21.64 41.10 -34.54
N ASP A 350 20.67 40.23 -34.27
CA ASP A 350 19.93 39.53 -35.32
C ASP A 350 18.66 40.28 -35.74
N ILE A 351 18.42 41.44 -35.15
CA ILE A 351 17.24 42.23 -35.49
C ILE A 351 17.62 43.50 -36.25
N ALA A 352 18.36 44.38 -35.58
CA ALA A 352 18.72 45.67 -36.12
C ALA A 352 19.87 45.56 -37.13
N ASP A 353 19.81 46.36 -38.19
CA ASP A 353 20.88 46.42 -39.17
C ASP A 353 21.90 47.45 -38.73
N VAL A 354 21.41 48.53 -38.13
CA VAL A 354 22.26 49.64 -37.69
C VAL A 354 21.78 50.17 -36.34
N PHE A 355 22.63 50.95 -35.69
CA PHE A 355 22.32 51.48 -34.36
C PHE A 355 22.62 52.97 -34.29
N LEU A 356 21.73 53.71 -33.63
CA LEU A 356 22.04 55.06 -33.18
C LEU A 356 22.26 55.06 -31.67
N LEU A 357 23.51 55.20 -31.27
CA LEU A 357 23.88 55.18 -29.86
C LEU A 357 24.22 56.59 -29.36
N ASN A 358 24.35 56.71 -28.04
CA ASN A 358 24.94 57.90 -27.42
C ASN A 358 25.72 57.53 -26.16
N ASN A 359 26.47 58.49 -25.65
CA ASN A 359 27.34 58.27 -24.49
C ASN A 359 26.75 58.77 -23.16
N ARG A 360 25.42 58.86 -23.11
CA ARG A 360 24.72 59.16 -21.86
C ARG A 360 24.04 57.91 -21.37
N ASP A 361 24.41 57.45 -20.17
CA ASP A 361 23.82 56.26 -19.58
C ASP A 361 22.35 56.52 -19.30
N ILE A 362 21.54 55.51 -19.58
CA ILE A 362 20.19 55.44 -19.06
C ILE A 362 20.32 54.62 -17.78
N VAL A 363 19.88 55.19 -16.67
CA VAL A 363 20.04 54.56 -15.38
C VAL A 363 18.88 53.65 -15.13
N ASN A 364 17.68 54.19 -15.35
CA ASN A 364 16.44 53.44 -15.18
C ASN A 364 15.73 53.31 -16.51
N ARG A 365 15.68 52.08 -17.02
CA ARG A 365 15.00 51.82 -18.27
C ARG A 365 13.49 51.98 -18.04
N ILE A 366 12.81 52.53 -19.04
CA ILE A 366 11.39 52.75 -18.91
C ILE A 366 10.78 52.77 -20.30
N ASP A 367 9.73 51.99 -20.48
CA ASP A 367 9.05 51.89 -21.76
C ASP A 367 8.17 53.07 -22.09
N ASP A 368 7.79 53.15 -23.36
CA ASP A 368 6.83 54.13 -23.83
C ASP A 368 5.51 53.84 -23.15
N SER A 369 4.80 54.88 -22.73
CA SER A 369 3.44 54.73 -22.27
C SER A 369 2.50 54.47 -23.44
N VAL A 370 1.35 53.87 -23.13
CA VAL A 370 0.33 53.56 -24.10
C VAL A 370 -0.96 53.94 -23.40
N THR A 371 -1.67 54.90 -24.01
CA THR A 371 -2.91 55.40 -23.45
C THR A 371 -3.99 55.58 -24.52
N SER A 372 -5.12 56.14 -24.13
CA SER A 372 -6.28 56.30 -25.01
C SER A 372 -7.34 57.19 -24.35
N PHE A 373 -8.34 57.56 -25.13
CA PHE A 373 -9.47 58.29 -24.56
C PHE A 373 -10.75 57.56 -24.93
N ASN A 374 -11.57 57.27 -23.93
CA ASN A 374 -12.84 56.57 -24.15
C ASN A 374 -13.77 56.81 -22.99
N ALA A 375 -15.07 56.86 -23.30
CA ALA A 375 -16.11 57.07 -22.30
C ALA A 375 -15.87 58.31 -21.45
N GLY A 376 -15.36 59.38 -22.09
CA GLY A 376 -15.20 60.67 -21.42
C GLY A 376 -14.06 60.79 -20.43
N ALA A 377 -13.14 59.83 -20.43
CA ALA A 377 -11.93 59.90 -19.59
C ALA A 377 -10.75 59.20 -20.26
N GLU A 378 -9.54 59.61 -19.88
CA GLU A 378 -8.33 58.93 -20.29
C GLU A 378 -8.35 57.50 -19.73
N ARG A 379 -7.98 56.53 -20.57
CA ARG A 379 -7.88 55.12 -20.16
C ARG A 379 -6.51 54.59 -20.57
N ILE A 380 -5.61 54.56 -19.60
CA ILE A 380 -4.23 54.23 -19.83
C ILE A 380 -4.08 52.69 -19.89
N ILE A 381 -3.29 52.20 -20.84
CA ILE A 381 -3.13 50.78 -21.07
C ILE A 381 -1.80 50.35 -20.47
N ARG A 382 -0.78 51.17 -20.66
CA ARG A 382 0.52 50.88 -20.10
C ARG A 382 1.11 52.18 -19.56
N ARG A 383 1.28 52.24 -18.25
CA ARG A 383 1.71 53.46 -17.58
C ARG A 383 3.21 53.41 -17.29
N ALA A 384 3.97 54.14 -18.11
CA ALA A 384 5.43 54.11 -18.05
C ALA A 384 6.00 55.51 -18.33
N ARG A 385 6.84 55.67 -19.35
CA ARG A 385 7.52 56.96 -19.55
C ARG A 385 6.55 58.13 -19.60
N GLY A 386 6.87 59.16 -18.82
CA GLY A 386 6.12 60.41 -18.83
C GLY A 386 5.03 60.45 -17.78
N TYR A 387 4.73 59.28 -17.20
CA TYR A 387 3.71 59.14 -16.17
C TYR A 387 4.36 58.68 -14.88
N ALA A 388 5.07 57.56 -14.94
CA ALA A 388 5.89 57.12 -13.81
C ALA A 388 7.16 57.97 -13.77
N PRO A 389 7.69 58.23 -12.57
CA PRO A 389 7.27 57.69 -11.29
C PRO A 389 6.43 58.69 -10.51
N GLN A 390 5.55 59.39 -11.19
CA GLN A 390 4.62 60.26 -10.51
C GLN A 390 3.64 59.40 -9.71
N PRO A 391 3.51 59.68 -8.40
CA PRO A 391 2.58 58.93 -7.54
C PRO A 391 1.12 59.20 -7.89
N ILE A 392 0.24 58.29 -7.44
CA ILE A 392 -1.20 58.52 -7.45
C ILE A 392 -1.58 59.22 -6.13
N LEU A 393 -2.41 60.25 -6.21
CA LEU A 393 -2.77 61.02 -5.01
C LEU A 393 -3.91 60.35 -4.25
N LEU A 394 -3.67 60.11 -2.96
CA LEU A 394 -4.69 59.55 -2.10
C LEU A 394 -5.28 60.62 -1.17
N LYS A 395 -6.57 60.52 -0.91
CA LYS A 395 -7.26 61.44 0.00
C LYS A 395 -6.89 61.17 1.45
N LYS A 396 -6.84 59.89 1.84
CA LYS A 396 -6.46 59.52 3.21
C LYS A 396 -4.97 59.23 3.31
N GLU A 397 -4.34 59.77 4.35
CA GLU A 397 -2.96 59.44 4.67
C GLU A 397 -2.87 57.97 5.00
N VAL A 398 -1.86 57.30 4.44
CA VAL A 398 -1.65 55.88 4.68
C VAL A 398 -1.11 55.66 6.08
N LYS A 399 -1.68 54.65 6.76
CA LYS A 399 -1.30 54.31 8.12
C LYS A 399 0.20 53.99 8.22
N ALA A 400 0.68 53.11 7.35
CA ALA A 400 2.08 52.64 7.35
C ALA A 400 2.50 52.29 5.94
N SER A 401 3.80 52.17 5.71
CA SER A 401 4.32 51.93 4.35
C SER A 401 4.24 50.47 3.92
N ILE A 402 3.60 50.26 2.78
CA ILE A 402 3.31 48.95 2.24
C ILE A 402 3.98 48.77 0.89
N LEU A 403 4.55 47.58 0.67
CA LEU A 403 4.97 47.17 -0.66
C LEU A 403 3.93 46.22 -1.23
N ALA A 404 3.30 46.64 -2.32
CA ALA A 404 2.42 45.77 -3.10
C ALA A 404 3.22 45.22 -4.27
N VAL A 405 3.29 43.91 -4.40
CA VAL A 405 4.19 43.31 -5.39
C VAL A 405 3.57 43.17 -6.78
N GLY A 406 2.27 43.43 -6.89
CA GLY A 406 1.58 43.32 -8.17
C GLY A 406 1.22 41.88 -8.46
N GLY A 407 1.07 41.57 -9.75
CA GLY A 407 0.65 40.24 -10.20
C GLY A 407 1.67 39.65 -11.14
N PHE A 408 1.18 39.04 -12.21
CA PHE A 408 2.06 38.35 -13.16
C PHE A 408 2.18 39.11 -14.49
N TYR A 409 1.05 39.27 -15.20
CA TYR A 409 1.06 39.99 -16.46
C TYR A 409 1.26 41.49 -16.22
N LYS A 410 1.97 42.13 -17.13
CA LYS A 410 2.05 43.60 -17.20
C LYS A 410 2.28 44.16 -15.82
N ASN A 411 3.21 43.54 -15.12
CA ASN A 411 3.40 43.80 -13.71
C ASN A 411 3.84 45.23 -13.39
N THR A 412 3.30 45.74 -12.29
CA THR A 412 3.82 46.92 -11.61
C THR A 412 3.83 46.60 -10.13
N PHE A 413 4.75 47.23 -9.39
CA PHE A 413 4.72 47.19 -7.94
C PHE A 413 4.26 48.54 -7.42
N CYS A 414 3.87 48.58 -6.14
CA CYS A 414 3.39 49.82 -5.54
C CYS A 414 3.78 50.00 -4.07
N MET A 415 4.35 51.17 -3.77
CA MET A 415 4.73 51.57 -2.41
C MET A 415 3.96 52.79 -1.92
N THR A 416 3.49 52.75 -0.69
CA THR A 416 2.69 53.83 -0.11
C THR A 416 3.47 54.58 0.94
N LYS A 417 3.30 55.90 0.94
CA LYS A 417 3.82 56.76 2.01
C LYS A 417 3.00 58.04 2.03
N GLY A 418 2.51 58.41 3.22
CA GLY A 418 1.67 59.58 3.38
C GLY A 418 0.43 59.53 2.52
N HIS A 419 0.21 60.59 1.72
CA HIS A 419 -0.94 60.70 0.85
C HIS A 419 -0.62 60.21 -0.55
N TYR A 420 0.45 59.44 -0.68
CA TYR A 420 0.94 59.04 -2.00
C TYR A 420 1.08 57.54 -2.17
N ALA A 421 0.58 57.05 -3.31
CA ALA A 421 0.85 55.70 -3.76
C ALA A 421 1.89 55.73 -4.88
N PHE A 422 3.13 55.38 -4.56
CA PHE A 422 4.17 55.27 -5.57
C PHE A 422 4.10 53.96 -6.36
N ILE A 423 3.29 53.97 -7.41
CA ILE A 423 3.20 52.85 -8.34
C ILE A 423 4.39 52.91 -9.30
N SER A 424 5.03 51.78 -9.53
CA SER A 424 6.11 51.71 -10.50
C SER A 424 5.62 51.87 -11.93
N HIS A 425 6.54 52.13 -12.84
CA HIS A 425 6.28 52.06 -14.27
C HIS A 425 6.08 50.61 -14.66
N HIS A 426 5.42 50.38 -15.78
CA HIS A 426 5.34 49.07 -16.40
C HIS A 426 6.66 48.28 -16.29
N ILE A 427 6.59 47.09 -15.70
CA ILE A 427 7.75 46.21 -15.63
C ILE A 427 7.66 45.13 -16.72
N GLY A 428 6.46 44.62 -16.96
CA GLY A 428 6.27 43.57 -17.95
C GLY A 428 5.97 42.24 -17.27
N ASP A 429 5.91 41.17 -18.06
CA ASP A 429 5.54 39.86 -17.52
C ASP A 429 6.69 39.30 -16.69
N LEU A 430 6.44 39.05 -15.41
CA LEU A 430 7.42 38.43 -14.55
C LEU A 430 7.54 36.95 -14.82
N ASP A 431 8.18 36.61 -15.94
CA ASP A 431 8.32 35.23 -16.36
C ASP A 431 9.68 34.97 -17.00
N ASN A 432 10.66 35.82 -16.69
CA ASN A 432 12.03 35.64 -17.18
C ASN A 432 13.06 36.30 -16.28
N GLU A 433 14.27 35.75 -16.27
CA GLU A 433 15.38 36.28 -15.47
C GLU A 433 15.54 37.79 -15.62
N LYS A 434 15.54 38.26 -16.87
CA LYS A 434 15.76 39.68 -17.15
C LYS A 434 14.69 40.59 -16.53
N ALA A 435 13.43 40.18 -16.64
CA ALA A 435 12.30 40.89 -16.03
C ALA A 435 12.40 40.90 -14.50
N PHE A 436 12.82 39.77 -13.93
CA PHE A 436 12.93 39.65 -12.49
C PHE A 436 14.00 40.57 -11.90
N ASN A 437 15.18 40.60 -12.52
CA ASN A 437 16.25 41.48 -12.07
C ASN A 437 15.81 42.94 -12.14
N TYR A 438 15.33 43.34 -13.31
CA TYR A 438 14.70 44.63 -13.55
C TYR A 438 13.73 45.01 -12.42
N TYR A 439 12.85 44.06 -12.08
CA TYR A 439 11.84 44.22 -11.05
C TYR A 439 12.48 44.48 -9.68
N ILE A 440 13.35 43.55 -9.24
CA ILE A 440 14.01 43.63 -7.95
C ILE A 440 14.80 44.93 -7.84
N GLU A 441 15.62 45.17 -8.85
CA GLU A 441 16.41 46.37 -8.98
C GLU A 441 15.63 47.63 -8.81
N GLN A 442 14.50 47.68 -9.48
CA GLN A 442 13.68 48.90 -9.45
C GLN A 442 12.95 49.10 -8.13
N ILE A 443 12.68 48.00 -7.42
CA ILE A 443 12.12 48.10 -6.08
C ILE A 443 13.11 48.81 -5.17
N GLU A 444 14.39 48.45 -5.30
CA GLU A 444 15.43 49.11 -4.52
C GLU A 444 15.54 50.59 -4.87
N ARG A 445 15.43 50.91 -6.17
CA ARG A 445 15.49 52.31 -6.62
C ARG A 445 14.35 53.19 -6.12
N TYR A 446 13.11 52.70 -6.22
CA TYR A 446 11.94 53.43 -5.69
C TYR A 446 12.03 53.63 -4.17
N LYS A 447 12.39 52.58 -3.44
CA LYS A 447 12.66 52.71 -2.01
C LYS A 447 13.64 53.85 -1.73
N LYS A 448 14.66 53.95 -2.58
CA LYS A 448 15.71 54.95 -2.42
C LYS A 448 15.24 56.35 -2.85
N LEU A 449 14.55 56.45 -3.98
CA LEU A 449 14.11 57.75 -4.49
C LEU A 449 13.01 58.38 -3.64
N PHE A 450 12.18 57.54 -3.03
CA PHE A 450 11.03 58.07 -2.30
C PHE A 450 11.10 57.80 -0.80
N ARG A 451 12.29 57.43 -0.33
CA ARG A 451 12.54 57.22 1.09
C ARG A 451 11.42 56.39 1.76
N VAL A 452 11.18 55.20 1.21
CA VAL A 452 10.17 54.29 1.72
C VAL A 452 10.85 53.08 2.31
N ASP A 453 10.48 52.74 3.53
CA ASP A 453 10.93 51.50 4.14
C ASP A 453 9.69 50.68 4.49
N PRO A 454 9.38 49.68 3.66
CA PRO A 454 8.12 48.92 3.78
C PRO A 454 8.07 48.08 5.05
N GLU A 455 6.92 48.15 5.72
CA GLU A 455 6.67 47.44 6.96
C GLU A 455 5.87 46.17 6.71
N VAL A 456 4.99 46.22 5.72
CA VAL A 456 4.19 45.06 5.32
C VAL A 456 4.25 44.87 3.80
N VAL A 457 3.96 43.65 3.37
CA VAL A 457 3.96 43.29 1.96
C VAL A 457 2.59 42.76 1.60
N ALA A 458 2.07 43.22 0.46
CA ALA A 458 0.81 42.74 -0.08
C ALA A 458 1.07 41.96 -1.35
N HIS A 459 0.38 40.83 -1.53
CA HIS A 459 0.57 40.00 -2.72
C HIS A 459 -0.70 39.29 -3.21
N ASP A 460 -0.65 38.86 -4.47
CA ASP A 460 -1.72 38.07 -5.06
C ASP A 460 -1.86 36.70 -4.39
N MET A 461 -3.07 36.19 -4.42
CA MET A 461 -3.40 34.90 -3.81
C MET A 461 -2.72 33.72 -4.54
N HIS A 462 -2.36 33.94 -5.81
CA HIS A 462 -1.76 32.91 -6.67
C HIS A 462 -0.36 32.56 -6.17
N LYS A 463 -0.09 31.29 -5.91
CA LYS A 463 1.16 30.90 -5.27
C LYS A 463 2.33 30.73 -6.25
N GLY A 464 2.04 30.66 -7.53
CA GLY A 464 3.06 30.43 -8.55
C GLY A 464 3.60 31.67 -9.25
N TYR A 465 3.23 32.86 -8.76
CA TYR A 465 3.75 34.12 -9.28
C TYR A 465 5.12 34.39 -8.69
N LEU A 466 6.06 34.87 -9.53
CA LEU A 466 7.36 35.31 -9.03
C LEU A 466 7.19 36.42 -8.03
N SER A 467 6.20 37.28 -8.27
CA SER A 467 5.89 38.37 -7.34
C SER A 467 5.45 37.85 -5.98
N THR A 468 4.66 36.78 -5.98
CA THR A 468 4.24 36.13 -4.72
C THR A 468 5.42 35.50 -4.00
N GLN A 469 6.23 34.73 -4.73
CA GLN A 469 7.41 34.09 -4.16
C GLN A 469 8.34 35.12 -3.53
N TYR A 470 8.54 36.25 -4.23
CA TYR A 470 9.35 37.35 -3.71
C TYR A 470 8.78 37.92 -2.39
N ALA A 471 7.48 38.15 -2.34
CA ALA A 471 6.81 38.60 -1.13
C ALA A 471 7.08 37.64 0.04
N LYS A 472 6.86 36.35 -0.21
CA LYS A 472 7.06 35.32 0.82
C LYS A 472 8.51 35.22 1.28
N SER A 473 9.44 35.60 0.39
CA SER A 473 10.88 35.54 0.68
C SER A 473 11.38 36.70 1.54
N LEU A 474 10.55 37.72 1.69
CA LEU A 474 10.90 38.87 2.50
C LEU A 474 10.55 38.62 3.95
N ASP A 475 11.16 39.40 4.85
CA ASP A 475 10.99 39.17 6.29
C ASP A 475 10.03 40.18 6.93
N LEU A 476 8.79 40.17 6.43
CA LEU A 476 7.78 41.13 6.81
C LEU A 476 6.42 40.44 6.86
N PRO A 477 5.49 40.93 7.69
CA PRO A 477 4.12 40.39 7.67
C PRO A 477 3.51 40.45 6.27
N LYS A 478 2.77 39.40 5.92
CA LYS A 478 2.22 39.25 4.59
C LYS A 478 0.71 39.30 4.60
N ILE A 479 0.15 40.06 3.66
CA ILE A 479 -1.29 40.10 3.41
C ILE A 479 -1.55 39.64 1.98
N GLU A 480 -2.36 38.61 1.83
CA GLU A 480 -2.72 38.13 0.49
C GLU A 480 -4.05 38.73 0.05
N VAL A 481 -4.15 38.99 -1.24
CA VAL A 481 -5.25 39.77 -1.80
C VAL A 481 -5.72 39.05 -3.04
N GLN A 482 -7.02 38.85 -3.15
CA GLN A 482 -7.58 38.18 -4.31
C GLN A 482 -7.45 39.11 -5.50
N HIS A 483 -7.03 38.54 -6.62
CA HIS A 483 -6.76 39.25 -7.88
C HIS A 483 -7.85 40.22 -8.34
N HIS A 484 -9.10 39.77 -8.35
CA HIS A 484 -10.19 40.58 -8.92
C HIS A 484 -10.69 41.64 -7.95
N HIS A 485 -10.60 41.32 -6.66
CA HIS A 485 -10.81 42.32 -5.61
C HIS A 485 -9.80 43.47 -5.80
N ALA A 486 -8.54 43.14 -6.07
CA ALA A 486 -7.51 44.15 -6.32
C ALA A 486 -7.78 45.00 -7.57
N HIS A 487 -8.39 44.40 -8.60
CA HIS A 487 -8.85 45.16 -9.74
C HIS A 487 -9.88 46.21 -9.33
N ILE A 488 -10.96 45.77 -8.67
CA ILE A 488 -11.99 46.68 -8.22
C ILE A 488 -11.38 47.79 -7.36
N ALA A 489 -10.53 47.41 -6.41
CA ALA A 489 -9.93 48.35 -5.48
C ALA A 489 -8.99 49.37 -6.15
N SER A 490 -8.34 48.96 -7.24
CA SER A 490 -7.38 49.82 -7.92
C SER A 490 -8.13 51.02 -8.48
N CYS A 491 -9.33 50.75 -8.97
CA CYS A 491 -10.23 51.80 -9.41
C CYS A 491 -10.74 52.62 -8.23
N MET A 492 -11.01 51.96 -7.11
CA MET A 492 -11.48 52.63 -5.88
C MET A 492 -10.47 53.63 -5.32
N ALA A 493 -9.19 53.32 -5.47
CA ALA A 493 -8.10 54.20 -5.02
C ALA A 493 -8.05 55.49 -5.84
N GLU A 494 -8.20 55.35 -7.15
CA GLU A 494 -8.24 56.49 -8.07
C GLU A 494 -9.33 57.47 -7.68
N HIS A 495 -10.51 56.95 -7.36
CA HIS A 495 -11.67 57.80 -7.10
C HIS A 495 -11.95 58.00 -5.61
N ASN A 496 -10.97 57.59 -4.79
CA ASN A 496 -11.02 57.76 -3.34
C ASN A 496 -12.29 57.19 -2.71
N LEU A 497 -12.71 56.03 -3.19
CA LEU A 497 -13.85 55.34 -2.60
C LEU A 497 -13.40 54.42 -1.49
N ASP A 498 -14.18 54.42 -0.41
CA ASP A 498 -13.87 53.64 0.78
C ASP A 498 -15.20 53.23 1.42
N GLU A 499 -15.94 52.40 0.68
CA GLU A 499 -17.29 51.95 1.05
C GLU A 499 -17.62 50.74 0.18
N LYS A 500 -18.75 50.08 0.44
CA LYS A 500 -19.16 48.94 -0.36
C LYS A 500 -19.60 49.35 -1.78
N VAL A 501 -19.03 48.69 -2.78
CA VAL A 501 -19.40 48.92 -4.17
C VAL A 501 -19.78 47.61 -4.85
N ILE A 502 -20.48 47.73 -5.98
CA ILE A 502 -20.71 46.60 -6.87
C ILE A 502 -19.52 46.55 -7.85
N GLY A 503 -18.68 45.53 -7.72
CA GLY A 503 -17.46 45.42 -8.51
C GLY A 503 -17.53 44.43 -9.65
N ILE A 504 -17.45 44.93 -10.88
CA ILE A 504 -17.50 44.08 -12.06
C ILE A 504 -16.09 43.85 -12.58
N ALA A 505 -15.56 42.67 -12.29
CA ALA A 505 -14.19 42.30 -12.62
C ALA A 505 -14.14 41.28 -13.75
N TYR A 506 -13.94 41.78 -14.96
CA TYR A 506 -13.86 40.96 -16.17
C TYR A 506 -12.44 41.00 -16.76
N ASP A 507 -11.82 39.82 -16.85
CA ASP A 507 -10.53 39.66 -17.52
C ASP A 507 -10.30 38.21 -17.93
N GLY A 508 -9.05 37.87 -18.21
CA GLY A 508 -8.71 36.53 -18.65
C GLY A 508 -8.61 35.56 -17.50
N THR A 509 -7.78 35.87 -16.51
CA THR A 509 -7.47 34.91 -15.48
C THR A 509 -6.90 35.53 -14.24
N GLY A 510 -7.12 34.85 -13.12
CA GLY A 510 -6.72 35.29 -11.81
C GLY A 510 -7.16 34.17 -10.89
N TYR A 511 -6.31 33.86 -9.91
CA TYR A 511 -6.59 32.80 -8.98
C TYR A 511 -7.78 33.14 -8.07
N GLY A 512 -8.79 32.27 -8.09
CA GLY A 512 -9.98 32.43 -7.25
C GLY A 512 -9.83 31.76 -5.90
N THR A 513 -10.63 32.20 -4.92
CA THR A 513 -10.52 31.67 -3.56
C THR A 513 -10.99 30.22 -3.47
N ASP A 514 -11.86 29.81 -4.40
CA ASP A 514 -12.32 28.41 -4.45
C ASP A 514 -11.31 27.50 -5.19
N GLY A 515 -10.20 28.08 -5.61
CA GLY A 515 -9.13 27.30 -6.26
C GLY A 515 -9.18 27.34 -7.77
N ASN A 516 -10.29 27.87 -8.32
CA ASN A 516 -10.52 27.89 -9.76
C ASN A 516 -10.14 29.22 -10.38
N VAL A 517 -10.07 29.26 -11.71
CA VAL A 517 -9.77 30.49 -12.45
C VAL A 517 -11.00 31.41 -12.44
N TRP A 518 -10.77 32.68 -12.12
CA TRP A 518 -11.82 33.71 -12.16
C TRP A 518 -11.54 34.70 -13.29
N GLY A 519 -12.46 35.63 -13.50
CA GLY A 519 -12.33 36.61 -14.57
C GLY A 519 -13.63 37.03 -15.23
N ALA A 520 -14.75 36.66 -14.60
CA ALA A 520 -16.08 37.09 -15.00
C ALA A 520 -16.94 37.26 -13.74
N GLU A 521 -16.44 38.05 -12.81
CA GLU A 521 -17.02 38.14 -11.47
C GLU A 521 -17.74 39.46 -11.22
N ILE A 522 -18.88 39.35 -10.54
CA ILE A 522 -19.49 40.50 -9.87
C ILE A 522 -19.32 40.30 -8.36
N LEU A 523 -18.62 41.24 -7.74
CA LEU A 523 -18.37 41.19 -6.32
C LEU A 523 -19.07 42.35 -5.64
N VAL A 524 -19.50 42.13 -4.41
CA VAL A 524 -19.85 43.22 -3.51
C VAL A 524 -18.63 43.36 -2.62
N CYS A 525 -17.93 44.49 -2.72
CA CYS A 525 -16.72 44.66 -1.91
C CYS A 525 -16.44 46.06 -1.37
N ASP A 526 -15.66 46.10 -0.30
CA ASP A 526 -15.02 47.33 0.16
C ASP A 526 -13.51 47.14 0.08
N LEU A 527 -12.76 48.00 0.77
CA LEU A 527 -11.31 47.92 0.76
C LEU A 527 -10.73 46.83 1.67
N LYS A 528 -11.58 46.17 2.45
CA LYS A 528 -11.07 45.11 3.31
C LYS A 528 -11.58 43.71 2.99
N SER A 529 -12.73 43.62 2.33
CA SER A 529 -13.34 42.32 2.05
C SER A 529 -14.22 42.35 0.80
N PHE A 530 -14.62 41.17 0.35
CA PHE A 530 -15.50 41.04 -0.79
C PHE A 530 -16.42 39.85 -0.64
N GLU A 531 -17.53 39.87 -1.38
CA GLU A 531 -18.39 38.73 -1.49
C GLU A 531 -18.60 38.43 -2.96
N ARG A 532 -18.44 37.16 -3.34
CA ARG A 532 -18.74 36.74 -4.71
C ARG A 532 -20.25 36.58 -4.88
N ILE A 533 -20.83 37.43 -5.72
CA ILE A 533 -22.29 37.44 -5.93
C ILE A 533 -22.73 36.80 -7.25
N ALA A 534 -21.87 36.91 -8.26
CA ALA A 534 -22.19 36.42 -9.59
C ALA A 534 -20.93 36.07 -10.41
N HIS A 535 -21.05 35.05 -11.25
CA HIS A 535 -19.99 34.66 -12.17
C HIS A 535 -20.59 33.83 -13.30
N LEU A 536 -19.76 33.56 -14.31
CA LEU A 536 -20.16 32.67 -15.40
C LEU A 536 -20.07 31.24 -14.91
N LYS A 537 -20.96 30.38 -15.40
CA LYS A 537 -20.91 28.97 -15.09
C LYS A 537 -19.58 28.36 -15.53
N TYR A 538 -18.94 27.65 -14.62
CA TYR A 538 -17.63 27.05 -14.85
C TYR A 538 -17.63 26.12 -16.06
N LYS A 539 -16.66 26.33 -16.94
CA LYS A 539 -16.41 25.41 -18.04
C LYS A 539 -14.97 24.93 -17.99
N PRO A 540 -14.73 23.66 -18.36
CA PRO A 540 -13.38 23.10 -18.40
C PRO A 540 -12.49 23.74 -19.46
N LEU A 541 -11.24 24.02 -19.10
CA LEU A 541 -10.25 24.52 -20.04
C LEU A 541 -9.22 23.41 -20.25
N PRO A 542 -9.44 22.58 -21.28
CA PRO A 542 -8.58 21.42 -21.53
C PRO A 542 -7.20 21.85 -22.01
N GLY A 543 -6.18 21.47 -21.25
CA GLY A 543 -4.81 21.83 -21.58
C GLY A 543 -4.34 23.16 -21.02
N ASN A 544 -5.20 23.78 -20.20
CA ASN A 544 -4.89 25.06 -19.56
C ASN A 544 -4.22 26.08 -20.49
N GLU A 545 -2.91 26.28 -20.30
CA GLU A 545 -2.14 27.28 -21.02
C GLU A 545 -2.22 27.12 -22.56
N LEU A 546 -2.13 25.88 -23.05
CA LEU A 546 -2.19 25.61 -24.48
C LEU A 546 -3.52 26.09 -25.12
N ALA A 547 -4.61 25.96 -24.37
CA ALA A 547 -5.96 26.33 -24.86
C ALA A 547 -6.09 27.83 -25.06
N ILE A 548 -5.18 28.58 -24.44
CA ILE A 548 -5.20 30.03 -24.54
C ILE A 548 -4.49 30.49 -25.82
N LYS A 549 -3.54 29.67 -26.30
CA LYS A 549 -2.94 29.91 -27.61
C LYS A 549 -3.85 29.31 -28.70
N LYS A 550 -4.18 28.02 -28.55
CA LYS A 550 -5.09 27.34 -29.45
C LYS A 550 -6.51 27.44 -28.90
N ILE A 551 -7.18 28.53 -29.28
CA ILE A 551 -8.46 28.92 -28.67
C ILE A 551 -9.64 28.05 -29.09
N TYR A 552 -9.47 27.26 -30.15
CA TYR A 552 -10.47 26.24 -30.50
C TYR A 552 -10.64 25.20 -29.39
N ARG A 553 -9.60 25.00 -28.59
CA ARG A 553 -9.66 24.13 -27.41
C ARG A 553 -10.53 24.73 -26.32
N THR A 554 -10.44 26.05 -26.13
CA THR A 554 -11.31 26.79 -25.23
C THR A 554 -12.79 26.64 -25.64
N ALA A 555 -13.05 26.83 -26.93
CA ALA A 555 -14.38 26.60 -27.49
C ALA A 555 -14.88 25.21 -27.12
N LEU A 556 -14.04 24.21 -27.35
CA LEU A 556 -14.40 22.81 -27.05
C LEU A 556 -14.70 22.61 -25.58
N GLY A 557 -13.90 23.23 -24.73
CA GLY A 557 -14.14 23.23 -23.29
C GLY A 557 -15.50 23.79 -22.92
N PHE A 558 -15.88 24.88 -23.57
CA PHE A 558 -17.16 25.55 -23.32
C PHE A 558 -18.36 24.76 -23.81
N ILE A 559 -18.16 23.93 -24.82
CA ILE A 559 -19.24 23.17 -25.44
C ILE A 559 -19.10 21.67 -25.21
N PHE A 560 -18.36 21.29 -24.16
CA PHE A 560 -17.95 19.89 -23.96
C PHE A 560 -19.10 18.91 -23.70
N ASP A 561 -20.17 19.40 -23.09
CA ASP A 561 -21.34 18.57 -22.72
C ASP A 561 -22.49 18.63 -23.75
N ASN A 562 -22.21 19.22 -24.91
CA ASN A 562 -23.20 19.44 -25.94
C ASN A 562 -22.51 19.50 -27.29
N ILE A 563 -21.54 18.61 -27.46
CA ILE A 563 -20.72 18.49 -28.66
C ILE A 563 -21.55 18.34 -29.94
N SER A 564 -22.55 17.46 -29.92
CA SER A 564 -23.36 17.14 -31.10
C SER A 564 -24.06 18.36 -31.73
N PHE A 565 -24.27 19.41 -30.94
CA PHE A 565 -24.94 20.61 -31.41
C PHE A 565 -24.10 21.44 -32.39
N TYR A 566 -22.78 21.33 -32.27
CA TYR A 566 -21.87 22.21 -33.01
C TYR A 566 -21.16 21.45 -34.14
N LYS A 567 -21.98 20.80 -34.98
CA LYS A 567 -21.55 19.84 -36.01
C LYS A 567 -20.39 20.35 -36.89
N ASN A 568 -20.61 21.43 -37.63
CA ASN A 568 -19.56 21.96 -38.51
C ASN A 568 -18.24 22.28 -37.80
N PHE A 569 -18.33 22.89 -36.61
CA PHE A 569 -17.13 23.25 -35.86
C PHE A 569 -16.33 22.04 -35.37
N VAL A 570 -17.00 21.05 -34.79
CA VAL A 570 -16.30 19.90 -34.21
C VAL A 570 -15.69 18.99 -35.28
N GLU A 571 -16.36 18.91 -36.44
CA GLU A 571 -15.90 18.11 -37.56
C GLU A 571 -14.65 18.67 -38.23
N GLN A 572 -14.37 19.94 -37.97
CA GLN A 572 -13.13 20.57 -38.44
C GLN A 572 -11.91 20.15 -37.62
N VAL A 573 -12.14 19.69 -36.38
CA VAL A 573 -11.06 19.29 -35.47
C VAL A 573 -10.60 17.88 -35.79
N ASP A 574 -9.30 17.65 -35.74
CA ASP A 574 -8.71 16.33 -35.94
C ASP A 574 -9.32 15.34 -34.95
N SER A 575 -9.74 14.19 -35.48
CA SER A 575 -10.53 13.25 -34.71
C SER A 575 -9.78 12.69 -33.51
N ARG A 576 -8.50 12.38 -33.71
CA ARG A 576 -7.67 11.88 -32.64
C ARG A 576 -7.57 12.90 -31.52
N GLU A 577 -7.31 14.15 -31.91
CA GLU A 577 -7.18 15.24 -30.95
C GLU A 577 -8.48 15.45 -30.19
N LEU A 578 -9.60 15.46 -30.90
CA LEU A 578 -10.92 15.63 -30.30
C LEU A 578 -11.21 14.57 -29.23
N ASP A 579 -10.88 13.32 -29.55
CA ASP A 579 -11.08 12.19 -28.65
C ASP A 579 -10.29 12.39 -27.36
N ILE A 580 -9.04 12.83 -27.53
CA ILE A 580 -8.14 13.01 -26.41
C ILE A 580 -8.51 14.25 -25.61
N ILE A 581 -8.94 15.31 -26.30
CA ILE A 581 -9.41 16.52 -25.63
C ILE A 581 -10.63 16.20 -24.77
N LEU A 582 -11.58 15.46 -25.34
CA LEU A 582 -12.80 15.08 -24.64
C LEU A 582 -12.57 14.08 -23.51
N LYS A 583 -11.59 13.19 -23.69
CA LYS A 583 -11.23 12.26 -22.63
C LYS A 583 -10.50 12.95 -21.46
N GLN A 584 -9.62 13.89 -21.74
CA GLN A 584 -8.87 14.56 -20.67
C GLN A 584 -9.78 15.40 -19.78
N ILE A 585 -10.86 15.94 -20.36
CA ILE A 585 -11.87 16.64 -19.57
C ILE A 585 -12.60 15.66 -18.65
N ASP A 586 -12.94 14.49 -19.19
CA ASP A 586 -13.61 13.45 -18.41
C ASP A 586 -12.74 12.93 -17.28
N ARG A 587 -11.44 12.80 -17.53
CA ARG A 587 -10.53 12.24 -16.54
C ARG A 587 -9.88 13.33 -15.67
N LYS A 588 -10.25 14.59 -15.93
CA LYS A 588 -9.81 15.74 -15.15
C LYS A 588 -8.29 15.95 -15.21
N ILE A 589 -7.69 15.65 -16.35
CA ILE A 589 -6.25 15.77 -16.50
C ILE A 589 -5.88 17.08 -17.18
N ASN A 590 -4.99 17.82 -16.51
CA ASN A 590 -4.54 19.13 -16.98
C ASN A 590 -5.70 19.97 -17.49
N THR A 591 -6.70 20.14 -16.62
CA THR A 591 -7.90 20.89 -16.96
C THR A 591 -8.38 21.72 -15.79
N ALA A 592 -8.40 23.04 -15.96
CA ALA A 592 -8.96 23.91 -14.94
C ALA A 592 -10.40 24.24 -15.29
N TYR A 593 -11.16 24.65 -14.29
CA TYR A 593 -12.49 25.18 -14.53
C TYR A 593 -12.43 26.70 -14.43
N VAL A 594 -13.03 27.37 -15.41
CA VAL A 594 -12.85 28.81 -15.58
C VAL A 594 -14.17 29.55 -15.61
N SER A 595 -14.14 30.69 -14.93
CA SER A 595 -15.14 31.74 -15.04
C SER A 595 -14.39 32.93 -15.61
N SER A 596 -14.39 33.08 -16.93
CA SER A 596 -13.53 34.06 -17.56
C SER A 596 -14.13 34.71 -18.81
N MET A 597 -14.20 36.03 -18.78
CA MET A 597 -14.68 36.82 -19.91
C MET A 597 -13.73 36.72 -21.11
N GLY A 598 -12.43 36.73 -20.84
CA GLY A 598 -11.41 36.52 -21.88
C GLY A 598 -11.56 35.20 -22.61
N ARG A 599 -11.90 34.13 -21.88
CA ARG A 599 -12.09 32.81 -22.48
C ARG A 599 -13.42 32.74 -23.21
N PHE A 600 -14.44 33.36 -22.62
CA PHE A 600 -15.76 33.45 -23.25
C PHE A 600 -15.60 34.03 -24.67
N PHE A 601 -14.95 35.20 -24.76
CA PHE A 601 -14.62 35.82 -26.05
C PHE A 601 -13.81 34.92 -26.98
N ASP A 602 -12.78 34.27 -26.43
CA ASP A 602 -11.97 33.33 -27.24
C ASP A 602 -12.81 32.22 -27.87
N ALA A 603 -13.76 31.68 -27.11
CA ALA A 603 -14.63 30.61 -27.62
C ALA A 603 -15.48 31.14 -28.76
N VAL A 604 -15.98 32.37 -28.61
CA VAL A 604 -16.81 32.98 -29.63
C VAL A 604 -16.01 33.15 -30.91
N ALA A 605 -14.78 33.66 -30.75
CA ALA A 605 -13.90 33.92 -31.88
C ALA A 605 -13.59 32.65 -32.63
N ALA A 606 -13.47 31.56 -31.89
CA ALA A 606 -13.09 30.29 -32.47
C ALA A 606 -14.26 29.66 -33.21
N LEU A 607 -15.45 29.76 -32.62
CA LEU A 607 -16.66 29.19 -33.22
C LEU A 607 -17.04 29.83 -34.55
N ILE A 608 -16.74 31.11 -34.72
CA ILE A 608 -17.18 31.82 -35.91
C ILE A 608 -16.05 32.06 -36.91
N GLY A 609 -14.95 31.34 -36.71
CA GLY A 609 -13.84 31.32 -37.65
C GLY A 609 -13.07 32.61 -37.76
N VAL A 610 -13.07 33.42 -36.70
CA VAL A 610 -12.22 34.60 -36.63
C VAL A 610 -10.77 34.13 -36.47
N ARG A 611 -10.56 33.19 -35.57
CA ARG A 611 -9.24 32.75 -35.18
C ARG A 611 -9.33 31.36 -34.58
N LYS A 612 -8.50 30.44 -35.04
CA LYS A 612 -8.42 29.11 -34.45
C LYS A 612 -7.25 29.09 -33.46
N GLU A 613 -6.19 29.83 -33.77
CA GLU A 613 -5.01 29.96 -32.92
C GLU A 613 -4.52 31.40 -32.90
N VAL A 614 -3.99 31.85 -31.76
CA VAL A 614 -3.56 33.23 -31.61
C VAL A 614 -2.06 33.32 -31.40
N LEU A 615 -1.47 34.43 -31.84
CA LEU A 615 -0.04 34.66 -31.64
C LEU A 615 0.27 35.26 -30.27
N PHE A 616 -0.74 35.88 -29.65
CA PHE A 616 -0.63 36.42 -28.29
C PHE A 616 -1.98 36.43 -27.56
N GLU A 617 -1.92 36.41 -26.23
CA GLU A 617 -3.12 36.45 -25.40
C GLU A 617 -3.92 37.72 -25.69
N GLY A 618 -5.21 37.55 -25.94
CA GLY A 618 -6.10 38.66 -26.27
C GLY A 618 -6.25 39.03 -27.73
N GLN A 619 -5.51 38.38 -28.63
CA GLN A 619 -5.60 38.72 -30.04
C GLN A 619 -7.00 38.55 -30.60
N ALA A 620 -7.62 37.40 -30.35
CA ALA A 620 -8.98 37.13 -30.79
C ALA A 620 -10.01 38.13 -30.19
N ALA A 621 -9.77 38.53 -28.94
CA ALA A 621 -10.57 39.52 -28.24
C ALA A 621 -10.52 40.87 -28.96
N MET A 622 -9.32 41.30 -29.36
CA MET A 622 -9.15 42.58 -30.05
C MET A 622 -9.72 42.58 -31.48
N GLU A 623 -9.47 41.50 -32.21
CA GLU A 623 -10.01 41.34 -33.56
C GLU A 623 -11.53 41.27 -33.58
N LEU A 624 -12.10 40.57 -32.60
CA LEU A 624 -13.54 40.43 -32.49
C LEU A 624 -14.17 41.80 -32.30
N GLU A 625 -13.49 42.67 -31.55
CA GLU A 625 -13.98 44.03 -31.34
C GLU A 625 -13.86 44.91 -32.59
N SER A 626 -12.81 44.72 -33.38
CA SER A 626 -12.52 45.58 -34.51
C SER A 626 -13.46 45.33 -35.66
N LEU A 627 -13.84 44.07 -35.83
CA LEU A 627 -14.67 43.68 -36.96
C LEU A 627 -16.18 43.94 -36.78
N MET A 628 -16.62 44.23 -35.55
CA MET A 628 -18.07 44.35 -35.28
C MET A 628 -18.78 45.49 -36.02
N ALA A 629 -20.02 45.25 -36.39
CA ALA A 629 -20.86 46.26 -37.02
C ALA A 629 -21.70 47.04 -35.97
N GLU A 630 -22.36 48.11 -36.40
CA GLU A 630 -23.32 48.81 -35.56
C GLU A 630 -24.61 47.98 -35.47
N SER A 631 -25.03 47.69 -34.23
CA SER A 631 -26.21 46.88 -33.99
C SER A 631 -26.68 47.06 -32.56
N GLU A 632 -28.00 47.10 -32.39
CA GLU A 632 -28.60 47.17 -31.06
C GLU A 632 -29.02 45.77 -30.58
N GLU A 633 -28.89 44.80 -31.48
CA GLU A 633 -29.39 43.45 -31.24
C GLU A 633 -28.52 42.61 -30.31
N TYR A 634 -29.14 41.64 -29.65
CA TYR A 634 -28.45 40.81 -28.65
C TYR A 634 -29.07 39.41 -28.54
N TYR A 635 -28.39 38.52 -27.80
CA TYR A 635 -28.86 37.14 -27.62
C TYR A 635 -29.54 36.93 -26.28
N GLU A 636 -30.49 35.99 -26.22
CA GLU A 636 -31.20 35.66 -24.98
C GLU A 636 -30.28 35.02 -23.94
N TYR A 637 -30.56 35.30 -22.67
CA TYR A 637 -29.82 34.71 -21.55
C TYR A 637 -30.70 34.50 -20.33
N GLU A 638 -30.38 33.47 -19.56
CA GLU A 638 -31.06 33.19 -18.30
C GLU A 638 -30.09 33.42 -17.15
N ILE A 639 -30.47 34.30 -16.23
CA ILE A 639 -29.77 34.42 -14.98
C ILE A 639 -30.38 33.42 -14.00
N LEU A 640 -29.57 32.45 -13.62
CA LEU A 640 -30.02 31.35 -12.78
C LEU A 640 -29.48 31.54 -11.37
N LYS A 641 -30.34 31.42 -10.38
CA LYS A 641 -29.90 31.58 -9.00
C LYS A 641 -29.62 30.25 -8.33
N GLU A 642 -28.34 29.95 -8.18
CA GLU A 642 -27.88 28.73 -7.52
C GLU A 642 -27.34 29.12 -6.14
N ASP A 643 -26.06 28.81 -5.87
CA ASP A 643 -25.40 29.31 -4.66
C ASP A 643 -25.17 30.81 -4.79
N ARG A 644 -24.84 31.23 -6.01
CA ARG A 644 -24.78 32.64 -6.38
C ARG A 644 -25.37 32.85 -7.77
N TYR A 645 -25.41 34.09 -8.25
CA TYR A 645 -25.93 34.37 -9.58
C TYR A 645 -24.99 33.90 -10.69
N VAL A 646 -25.53 33.09 -11.58
CA VAL A 646 -24.73 32.43 -12.60
C VAL A 646 -25.40 32.56 -13.98
N ILE A 647 -24.58 32.71 -15.02
CA ILE A 647 -25.03 32.63 -16.41
C ILE A 647 -24.25 31.54 -17.13
N ASP A 648 -24.95 30.71 -17.90
CA ASP A 648 -24.32 29.66 -18.69
C ASP A 648 -23.88 30.18 -20.06
N PRO A 649 -22.56 30.28 -20.29
CA PRO A 649 -22.07 30.81 -21.57
C PRO A 649 -22.41 29.93 -22.76
N GLU A 650 -22.49 28.62 -22.54
CA GLU A 650 -22.85 27.68 -23.63
C GLU A 650 -24.22 27.96 -24.24
N LEU A 651 -25.18 28.40 -23.41
CA LEU A 651 -26.51 28.73 -23.93
C LEU A 651 -26.44 29.91 -24.88
N ILE A 652 -25.49 30.82 -24.64
CA ILE A 652 -25.25 31.97 -25.53
C ILE A 652 -24.47 31.54 -26.78
N LEU A 653 -23.50 30.64 -26.61
CA LEU A 653 -22.75 30.07 -27.73
C LEU A 653 -23.65 29.33 -28.70
N ARG A 654 -24.70 28.70 -28.18
CA ARG A 654 -25.68 28.01 -29.03
C ARG A 654 -26.25 28.93 -30.08
N GLN A 655 -26.73 30.09 -29.63
CA GLN A 655 -27.36 31.06 -30.51
C GLN A 655 -26.35 31.64 -31.49
N ILE A 656 -25.12 31.84 -31.03
CA ILE A 656 -24.05 32.38 -31.87
C ILE A 656 -23.76 31.43 -33.04
N TYR A 657 -23.68 30.14 -32.73
CA TYR A 657 -23.39 29.13 -33.74
C TYR A 657 -24.54 29.03 -34.73
N GLU A 658 -25.77 29.02 -34.22
CA GLU A 658 -26.98 29.11 -35.03
C GLU A 658 -26.88 30.22 -36.07
N ASP A 659 -26.62 31.44 -35.59
CA ASP A 659 -26.50 32.62 -36.46
C ASP A 659 -25.40 32.41 -37.48
N TYR A 660 -24.30 31.82 -37.04
CA TYR A 660 -23.17 31.52 -37.91
C TYR A 660 -23.58 30.58 -39.03
N MET A 661 -24.27 29.50 -38.66
CA MET A 661 -24.71 28.48 -39.64
C MET A 661 -25.75 28.98 -40.63
N LYS A 662 -26.52 30.00 -40.23
CA LYS A 662 -27.49 30.62 -41.12
C LYS A 662 -26.80 31.57 -42.13
N GLY A 663 -25.50 31.81 -41.93
CA GLY A 663 -24.72 32.64 -42.84
C GLY A 663 -24.60 34.11 -42.48
N PHE A 664 -24.88 34.47 -41.22
CA PHE A 664 -24.77 35.85 -40.75
C PHE A 664 -23.30 36.25 -40.68
N GLU A 665 -23.04 37.56 -40.83
CA GLU A 665 -21.70 38.09 -40.86
C GLU A 665 -21.07 38.09 -39.48
N LYS A 666 -19.77 37.77 -39.40
CA LYS A 666 -19.02 37.84 -38.16
C LYS A 666 -19.20 39.22 -37.50
N SER A 667 -19.21 40.25 -38.32
CA SER A 667 -19.39 41.64 -37.87
C SER A 667 -20.71 41.80 -37.11
N TYR A 668 -21.76 41.15 -37.60
CA TYR A 668 -23.08 41.20 -36.99
C TYR A 668 -23.15 40.39 -35.68
N ILE A 669 -22.62 39.17 -35.71
CA ILE A 669 -22.59 38.28 -34.56
C ILE A 669 -21.73 38.83 -33.41
N SER A 670 -20.54 39.33 -33.76
CA SER A 670 -19.70 39.98 -32.76
C SER A 670 -20.44 41.09 -32.04
N ALA A 671 -21.11 41.96 -32.79
CA ALA A 671 -21.91 43.05 -32.21
C ALA A 671 -22.96 42.54 -31.24
N LYS A 672 -23.76 41.56 -31.69
CA LYS A 672 -24.76 40.94 -30.84
C LYS A 672 -24.18 40.37 -29.54
N PHE A 673 -23.01 39.71 -29.65
CA PHE A 673 -22.33 39.18 -28.47
C PHE A 673 -21.91 40.29 -27.51
N HIS A 674 -21.30 41.35 -28.04
CA HIS A 674 -20.91 42.48 -27.21
C HIS A 674 -22.12 43.04 -26.47
N ASN A 675 -23.25 43.19 -27.16
CA ASN A 675 -24.46 43.69 -26.51
C ASN A 675 -25.03 42.73 -25.46
N THR A 676 -24.79 41.43 -25.64
CA THR A 676 -25.28 40.43 -24.68
C THR A 676 -24.53 40.57 -23.34
N VAL A 677 -23.21 40.64 -23.42
CA VAL A 677 -22.37 40.85 -22.24
C VAL A 677 -22.74 42.15 -21.50
N VAL A 678 -22.83 43.25 -22.25
CA VAL A 678 -23.33 44.52 -21.70
C VAL A 678 -24.70 44.33 -21.02
N ASN A 679 -25.66 43.76 -21.74
CA ASN A 679 -27.03 43.56 -21.21
C ASN A 679 -27.13 42.66 -19.97
N PHE A 680 -26.51 41.48 -19.99
CA PHE A 680 -26.59 40.62 -18.80
C PHE A 680 -25.82 41.16 -17.60
N THR A 681 -24.72 41.88 -17.87
CA THR A 681 -23.95 42.56 -16.81
C THR A 681 -24.80 43.67 -16.17
N TYR A 682 -25.52 44.42 -17.00
CA TYR A 682 -26.43 45.44 -16.55
C TYR A 682 -27.56 44.84 -15.72
N ASP A 683 -28.11 43.72 -16.19
CA ASP A 683 -29.19 43.03 -15.46
C ASP A 683 -28.75 42.50 -14.11
N LEU A 684 -27.51 42.03 -14.03
CA LEU A 684 -26.93 41.56 -12.77
C LEU A 684 -26.72 42.73 -11.82
N ALA A 685 -26.10 43.79 -12.32
CA ALA A 685 -25.91 45.01 -11.54
C ALA A 685 -27.21 45.54 -10.91
N ASN A 686 -28.31 45.47 -11.66
CA ASN A 686 -29.63 45.82 -11.13
C ASN A 686 -30.15 44.87 -10.04
N LEU A 687 -29.87 43.58 -10.21
CA LEU A 687 -30.30 42.59 -9.21
C LEU A 687 -29.56 42.80 -7.88
N ILE A 688 -28.25 43.03 -7.97
CA ILE A 688 -27.43 43.27 -6.79
C ILE A 688 -27.83 44.56 -6.07
N ARG A 689 -27.93 45.65 -6.82
CA ARG A 689 -28.43 46.92 -6.28
C ARG A 689 -29.80 46.78 -5.57
N LYS A 690 -30.71 46.02 -6.18
CA LYS A 690 -32.03 45.72 -5.63
C LYS A 690 -31.96 44.99 -4.29
N GLU A 691 -30.93 44.15 -4.13
CA GLU A 691 -30.75 43.35 -2.92
C GLU A 691 -29.93 44.05 -1.85
N THR A 692 -28.95 44.83 -2.29
CA THR A 692 -27.96 45.40 -1.39
C THR A 692 -28.15 46.88 -1.09
N GLY A 693 -28.84 47.58 -2.00
CA GLY A 693 -28.99 49.03 -1.91
C GLY A 693 -27.75 49.80 -2.36
N ILE A 694 -26.77 49.11 -2.94
CA ILE A 694 -25.54 49.75 -3.39
C ILE A 694 -25.72 50.35 -4.78
N ASN A 695 -25.38 51.63 -4.90
CA ASN A 695 -25.57 52.37 -6.15
C ASN A 695 -24.27 52.73 -6.89
N LYS A 696 -23.14 52.39 -6.30
CA LYS A 696 -21.85 52.62 -6.94
C LYS A 696 -21.35 51.33 -7.58
N VAL A 697 -21.01 51.42 -8.86
CA VAL A 697 -20.51 50.29 -9.63
C VAL A 697 -19.10 50.59 -10.11
N VAL A 698 -18.22 49.61 -9.92
CA VAL A 698 -16.85 49.71 -10.39
C VAL A 698 -16.60 48.68 -11.50
N LEU A 699 -16.00 49.14 -12.59
CA LEU A 699 -15.64 48.27 -13.70
C LEU A 699 -14.13 48.23 -13.81
N SER A 700 -13.57 47.03 -13.71
CA SER A 700 -12.13 46.82 -13.88
C SER A 700 -11.82 45.41 -14.40
N GLY A 701 -10.53 45.12 -14.57
CA GLY A 701 -10.09 43.94 -15.27
C GLY A 701 -9.81 44.25 -16.72
N GLY A 702 -8.82 43.55 -17.28
CA GLY A 702 -8.36 43.72 -18.65
C GLY A 702 -9.42 43.77 -19.74
N SER A 703 -10.54 43.08 -19.55
CA SER A 703 -11.61 43.04 -20.56
C SER A 703 -12.12 44.44 -20.91
N PHE A 704 -12.00 45.36 -19.96
CA PHE A 704 -12.46 46.71 -20.16
C PHE A 704 -11.50 47.60 -20.97
N GLN A 705 -10.45 46.98 -21.50
CA GLN A 705 -9.63 47.61 -22.54
C GLN A 705 -10.43 47.68 -23.83
N ASN A 706 -11.53 46.90 -23.86
CA ASN A 706 -12.46 46.86 -24.98
C ASN A 706 -13.30 48.12 -24.92
N ARG A 707 -13.13 48.98 -25.91
CA ARG A 707 -13.81 50.30 -25.89
C ARG A 707 -15.31 50.18 -25.89
N TYR A 708 -15.86 49.29 -26.70
CA TYR A 708 -17.31 49.16 -26.82
C TYR A 708 -17.89 48.71 -25.47
N LEU A 709 -17.27 47.67 -24.89
CA LEU A 709 -17.69 47.12 -23.62
C LEU A 709 -17.74 48.20 -22.57
N LEU A 710 -16.64 48.92 -22.38
CA LEU A 710 -16.60 49.99 -21.37
C LEU A 710 -17.58 51.13 -21.66
N ARG A 711 -17.54 51.68 -22.87
CA ARG A 711 -18.41 52.79 -23.23
C ARG A 711 -19.87 52.39 -23.03
N ARG A 712 -20.28 51.28 -23.63
CA ARG A 712 -21.71 50.92 -23.63
C ARG A 712 -22.26 50.64 -22.25
N LEU A 713 -21.40 50.11 -21.39
CA LEU A 713 -21.79 49.77 -20.03
C LEU A 713 -21.85 50.98 -19.12
N ILE A 714 -20.93 51.92 -19.31
CA ILE A 714 -20.99 53.16 -18.53
C ILE A 714 -22.27 53.93 -18.87
N GLU A 715 -22.58 54.03 -20.16
CA GLU A 715 -23.82 54.67 -20.57
C GLU A 715 -25.05 53.97 -19.99
N LYS A 716 -25.18 52.66 -20.21
CA LYS A 716 -26.36 51.93 -19.73
C LYS A 716 -26.61 52.11 -18.23
N LEU A 717 -25.58 51.90 -17.43
CA LEU A 717 -25.68 52.02 -15.98
C LEU A 717 -25.98 53.46 -15.51
N SER A 718 -25.28 54.44 -16.06
CA SER A 718 -25.53 55.87 -15.75
C SER A 718 -26.96 56.30 -16.00
N LEU A 719 -27.51 55.85 -17.13
CA LEU A 719 -28.89 56.16 -17.49
C LEU A 719 -29.93 55.50 -16.58
N SER A 720 -29.50 54.56 -15.75
CA SER A 720 -30.40 53.95 -14.77
C SER A 720 -30.01 54.35 -13.36
N GLY A 721 -29.29 55.46 -13.24
CA GLY A 721 -29.03 56.09 -11.94
C GLY A 721 -27.80 55.61 -11.20
N PHE A 722 -27.08 54.66 -11.77
CA PHE A 722 -25.83 54.20 -11.18
C PHE A 722 -24.80 55.31 -11.22
N GLU A 723 -23.98 55.37 -10.17
CA GLU A 723 -22.77 56.17 -10.18
C GLU A 723 -21.68 55.22 -10.62
N VAL A 724 -21.14 55.46 -11.81
CA VAL A 724 -20.23 54.52 -12.46
C VAL A 724 -18.79 55.02 -12.46
N TYR A 725 -17.88 54.10 -12.17
CA TYR A 725 -16.47 54.40 -12.05
C TYR A 725 -15.69 53.34 -12.78
N SER A 726 -14.59 53.75 -13.41
CA SER A 726 -13.65 52.81 -14.03
C SER A 726 -12.26 53.43 -13.99
N ASN A 727 -11.24 52.62 -14.27
CA ASN A 727 -9.86 53.09 -14.24
C ASN A 727 -9.55 54.21 -15.22
N SER A 728 -8.60 55.04 -14.85
CA SER A 728 -8.20 56.19 -15.65
C SER A 728 -6.74 56.58 -15.42
N LYS A 729 -6.30 56.58 -14.16
CA LYS A 729 -4.93 56.91 -13.83
C LYS A 729 -4.00 55.70 -13.90
N VAL A 730 -4.52 54.53 -13.57
CA VAL A 730 -3.79 53.26 -13.73
C VAL A 730 -4.63 52.36 -14.62
N PRO A 731 -4.02 51.35 -15.27
CA PRO A 731 -4.79 50.52 -16.18
C PRO A 731 -5.84 49.62 -15.51
N CYS A 732 -6.91 49.31 -16.23
CA CYS A 732 -7.85 48.30 -15.77
C CYS A 732 -7.25 46.89 -15.94
N ASN A 733 -6.13 46.78 -16.67
CA ASN A 733 -5.42 45.48 -16.74
C ASN A 733 -4.51 45.26 -15.52
N ASP A 734 -3.72 44.18 -15.55
CA ASP A 734 -2.91 43.81 -14.40
C ASP A 734 -1.83 44.82 -14.04
N GLY A 735 -1.68 45.85 -14.85
CA GLY A 735 -0.79 46.97 -14.53
C GLY A 735 -1.28 47.80 -13.36
N GLY A 736 -2.58 47.71 -13.04
CA GLY A 736 -3.18 48.47 -11.97
C GLY A 736 -3.38 47.70 -10.67
N ILE A 737 -3.06 46.41 -10.69
CA ILE A 737 -3.35 45.49 -9.59
C ILE A 737 -2.66 45.92 -8.29
N SER A 738 -1.39 46.31 -8.42
CA SER A 738 -0.58 46.70 -7.28
C SER A 738 -1.23 47.83 -6.49
N LEU A 739 -1.82 48.81 -7.19
CA LEU A 739 -2.47 49.92 -6.50
C LEU A 739 -3.60 49.40 -5.61
N GLY A 740 -4.45 48.55 -6.19
CA GLY A 740 -5.50 47.87 -5.44
C GLY A 740 -4.98 47.04 -4.28
N GLN A 741 -3.86 46.35 -4.49
CA GLN A 741 -3.27 45.54 -3.41
C GLN A 741 -2.88 46.47 -2.26
N ALA A 742 -2.28 47.60 -2.57
CA ALA A 742 -1.81 48.55 -1.57
C ALA A 742 -2.94 49.11 -0.68
N VAL A 743 -4.04 49.56 -1.30
CA VAL A 743 -5.16 50.17 -0.56
C VAL A 743 -5.91 49.15 0.29
N ILE A 744 -6.07 47.93 -0.25
CA ILE A 744 -6.63 46.83 0.52
C ILE A 744 -5.77 46.52 1.74
N ALA A 745 -4.46 46.38 1.54
CA ALA A 745 -3.53 46.10 2.64
C ALA A 745 -3.59 47.20 3.71
N ASN A 746 -3.64 48.46 3.28
CA ASN A 746 -3.81 49.55 4.22
C ASN A 746 -5.10 49.44 5.04
N LYS A 747 -6.21 49.10 4.38
CA LYS A 747 -7.49 49.02 5.08
C LYS A 747 -7.54 47.86 6.09
N ILE A 748 -6.88 46.76 5.74
CA ILE A 748 -6.81 45.60 6.64
C ILE A 748 -5.99 45.93 7.88
N LEU A 749 -4.93 46.72 7.71
CA LEU A 749 -4.11 47.19 8.83
C LEU A 749 -4.85 48.20 9.70
N GLU A 750 -5.51 49.16 9.06
CA GLU A 750 -6.18 50.30 9.72
C GLU A 750 -7.03 49.91 10.92
N GLY A 751 -7.83 48.85 10.77
CA GLY A 751 -8.64 48.32 11.86
C GLY A 751 -8.34 46.84 12.10
N GLN B 8 -23.12 -93.57 -3.00
CA GLN B 8 -23.45 -92.15 -3.34
C GLN B 8 -22.28 -91.21 -3.00
N ILE B 9 -21.20 -91.31 -3.78
CA ILE B 9 -20.01 -90.46 -3.61
C ILE B 9 -20.24 -89.09 -4.25
N GLN B 10 -19.98 -88.03 -3.50
CA GLN B 10 -20.10 -86.65 -3.99
C GLN B 10 -18.80 -85.86 -3.81
N ALA B 11 -18.67 -84.73 -4.51
CA ALA B 11 -17.44 -83.95 -4.49
C ALA B 11 -17.71 -82.45 -4.63
N ARG B 12 -16.91 -81.64 -3.94
CA ARG B 12 -17.01 -80.17 -4.03
C ARG B 12 -15.64 -79.54 -4.25
N GLN B 13 -15.64 -78.35 -4.84
CA GLN B 13 -14.46 -77.48 -4.78
C GLN B 13 -14.73 -76.34 -3.81
N ILE B 14 -13.84 -76.19 -2.85
CA ILE B 14 -13.97 -75.12 -1.88
C ILE B 14 -12.85 -74.11 -2.11
N ASN B 15 -13.25 -72.86 -2.30
CA ASN B 15 -12.32 -71.75 -2.37
C ASN B 15 -12.45 -70.87 -1.14
N ILE B 16 -11.34 -70.70 -0.43
CA ILE B 16 -11.29 -69.84 0.75
C ILE B 16 -10.46 -68.58 0.48
N PHE B 17 -11.11 -67.43 0.51
CA PHE B 17 -10.45 -66.14 0.33
C PHE B 17 -10.09 -65.53 1.69
N GLY B 18 -8.87 -65.02 1.82
CA GLY B 18 -8.44 -64.40 3.07
C GLY B 18 -7.04 -64.73 3.55
N ILE B 19 -6.76 -64.35 4.80
CA ILE B 19 -5.46 -64.61 5.42
C ILE B 19 -5.50 -66.05 5.93
N VAL B 20 -4.66 -66.91 5.38
CA VAL B 20 -4.72 -68.34 5.67
C VAL B 20 -3.36 -68.98 5.86
N GLN B 21 -2.29 -68.22 5.65
CA GLN B 21 -0.98 -68.81 5.51
C GLN B 21 -0.21 -69.19 6.79
N GLY B 22 -0.17 -68.31 7.79
CA GLY B 22 0.67 -68.57 8.95
C GLY B 22 -0.11 -69.01 10.18
N VAL B 23 -1.13 -69.83 9.98
CA VAL B 23 -2.03 -70.18 11.07
C VAL B 23 -2.26 -71.68 11.22
N GLY B 24 -1.48 -72.47 10.49
CA GLY B 24 -1.63 -73.92 10.45
C GLY B 24 -2.94 -74.37 9.82
N PHE B 25 -3.35 -73.70 8.73
CA PHE B 25 -4.62 -74.00 8.08
C PHE B 25 -4.62 -75.32 7.31
N ARG B 26 -3.54 -75.59 6.57
CA ARG B 26 -3.44 -76.83 5.78
C ARG B 26 -3.45 -78.11 6.63
N PRO B 27 -2.63 -78.18 7.69
CA PRO B 27 -2.73 -79.36 8.58
C PRO B 27 -4.11 -79.51 9.23
N PHE B 28 -4.72 -78.38 9.62
CA PHE B 28 -6.10 -78.38 10.10
C PHE B 28 -7.04 -79.00 9.05
N VAL B 29 -6.96 -78.51 7.81
CA VAL B 29 -7.77 -79.02 6.71
C VAL B 29 -7.46 -80.49 6.46
N PHE B 30 -6.19 -80.85 6.59
CA PHE B 30 -5.75 -82.23 6.45
C PHE B 30 -6.41 -83.12 7.51
N ASN B 31 -6.35 -82.68 8.78
CA ASN B 31 -6.90 -83.44 9.90
C ASN B 31 -8.40 -83.68 9.79
N ILE B 32 -9.16 -82.61 9.62
CA ILE B 32 -10.61 -82.75 9.50
C ILE B 32 -11.03 -83.54 8.27
N ALA B 33 -10.22 -83.51 7.22
CA ALA B 33 -10.43 -84.36 6.06
C ALA B 33 -10.24 -85.84 6.38
N GLN B 34 -9.33 -86.17 7.30
CA GLN B 34 -9.13 -87.56 7.72
C GLN B 34 -10.28 -87.98 8.63
N LYS B 35 -10.66 -87.05 9.51
CA LYS B 35 -11.77 -87.24 10.43
C LYS B 35 -13.08 -87.61 9.71
N TYR B 36 -13.46 -86.85 8.68
CA TYR B 36 -14.68 -87.11 7.93
C TYR B 36 -14.50 -88.10 6.79
N ASN B 37 -13.41 -88.87 6.83
CA ASN B 37 -13.08 -89.86 5.78
C ASN B 37 -13.17 -89.28 4.35
N LEU B 38 -12.61 -88.08 4.16
CA LEU B 38 -12.64 -87.41 2.87
C LEU B 38 -11.32 -87.53 2.10
N LYS B 39 -11.44 -87.63 0.78
CA LYS B 39 -10.30 -87.77 -0.14
C LYS B 39 -10.10 -86.44 -0.88
N GLY B 40 -8.89 -86.23 -1.42
CA GLY B 40 -8.60 -85.00 -2.18
C GLY B 40 -7.34 -84.24 -1.81
N ILE B 41 -7.40 -82.90 -1.92
CA ILE B 41 -6.20 -82.04 -1.89
C ILE B 41 -6.48 -80.63 -1.39
N VAL B 42 -5.41 -79.97 -0.95
CA VAL B 42 -5.45 -78.57 -0.51
C VAL B 42 -4.12 -77.89 -0.82
N TYR B 43 -4.16 -76.66 -1.30
CA TYR B 43 -2.95 -75.87 -1.53
C TYR B 43 -3.24 -74.39 -1.42
N ASN B 44 -2.20 -73.60 -1.14
CA ASN B 44 -2.30 -72.14 -1.10
C ASN B 44 -2.40 -71.57 -2.51
N ASN B 45 -3.21 -70.53 -2.69
CA ASN B 45 -3.28 -69.87 -3.99
C ASN B 45 -3.18 -68.34 -3.88
N SER B 46 -3.20 -67.68 -5.04
CA SER B 46 -3.04 -66.23 -5.17
C SER B 46 -3.72 -65.40 -4.09
N SER B 47 -4.82 -65.91 -3.50
CA SER B 47 -5.68 -65.13 -2.59
C SER B 47 -6.18 -65.87 -1.34
N GLY B 48 -5.60 -67.03 -1.06
CA GLY B 48 -6.00 -67.81 0.12
C GLY B 48 -5.74 -69.29 -0.10
N LEU B 49 -6.82 -70.06 -0.08
CA LEU B 49 -6.70 -71.52 -0.05
C LEU B 49 -7.62 -72.21 -1.07
N TYR B 50 -7.20 -73.37 -1.56
CA TYR B 50 -8.02 -74.17 -2.50
C TYR B 50 -8.15 -75.63 -2.04
N ILE B 51 -9.37 -76.15 -2.03
CA ILE B 51 -9.65 -77.50 -1.56
C ILE B 51 -10.54 -78.28 -2.52
N GLU B 52 -10.25 -79.57 -2.67
CA GLU B 52 -11.14 -80.51 -3.35
C GLU B 52 -11.34 -81.74 -2.48
N VAL B 53 -12.56 -81.96 -2.02
CA VAL B 53 -12.90 -83.14 -1.21
C VAL B 53 -13.88 -84.11 -1.90
N GLU B 54 -13.79 -85.39 -1.52
CA GLU B 54 -14.63 -86.45 -2.10
C GLU B 54 -15.01 -87.55 -1.10
N GLY B 55 -16.24 -87.51 -0.59
CA GLY B 55 -16.75 -88.54 0.33
C GLY B 55 -18.25 -88.78 0.25
N GLU B 56 -18.88 -88.94 1.42
CA GLU B 56 -20.33 -89.07 1.52
C GLU B 56 -20.90 -87.69 1.64
N GLU B 57 -22.10 -87.47 1.12
CA GLU B 57 -22.73 -86.14 1.17
C GLU B 57 -22.60 -85.47 2.55
N LYS B 58 -22.93 -86.23 3.61
CA LYS B 58 -23.00 -85.70 4.98
C LYS B 58 -21.63 -85.27 5.55
N ASP B 59 -20.59 -86.05 5.21
CA ASP B 59 -19.21 -85.76 5.60
C ASP B 59 -18.74 -84.42 5.05
N ILE B 60 -19.03 -84.17 3.78
CA ILE B 60 -18.71 -82.92 3.09
C ILE B 60 -19.34 -81.72 3.77
N GLU B 61 -20.62 -81.86 4.14
CA GLU B 61 -21.35 -80.78 4.82
C GLU B 61 -20.73 -80.46 6.16
N ALA B 62 -20.26 -81.52 6.83
CA ALA B 62 -19.65 -81.40 8.15
C ALA B 62 -18.27 -80.73 8.07
N PHE B 63 -17.50 -81.12 7.06
CA PHE B 63 -16.24 -80.49 6.69
C PHE B 63 -16.45 -78.99 6.48
N ILE B 64 -17.40 -78.65 5.61
CA ILE B 64 -17.77 -77.26 5.29
C ILE B 64 -18.24 -76.48 6.53
N ARG B 65 -18.97 -77.16 7.41
CA ARG B 65 -19.43 -76.57 8.68
C ARG B 65 -18.26 -76.17 9.56
N GLU B 66 -17.28 -77.09 9.69
CA GLU B 66 -16.05 -76.86 10.44
C GLU B 66 -15.32 -75.61 9.99
N ILE B 67 -15.06 -75.49 8.68
CA ILE B 67 -14.30 -74.36 8.17
C ILE B 67 -15.04 -73.03 8.26
N LYS B 68 -16.37 -73.08 8.15
CA LYS B 68 -17.19 -71.86 8.22
C LYS B 68 -17.29 -71.29 9.64
N GLU B 69 -17.47 -72.15 10.65
CA GLU B 69 -17.64 -71.69 12.03
C GLU B 69 -16.45 -71.95 12.98
N ASN B 70 -15.73 -73.04 12.77
CA ASN B 70 -14.58 -73.37 13.64
C ASN B 70 -13.23 -73.53 12.91
N PRO B 71 -12.75 -72.48 12.22
CA PRO B 71 -11.45 -72.52 11.57
C PRO B 71 -10.34 -72.12 12.55
N PRO B 72 -9.05 -72.17 12.14
CA PRO B 72 -7.99 -71.67 13.02
C PRO B 72 -8.26 -70.25 13.51
N SER B 73 -8.04 -70.01 14.80
CA SER B 73 -8.33 -68.72 15.46
C SER B 73 -7.74 -67.51 14.74
N LEU B 74 -6.50 -67.64 14.27
CA LEU B 74 -5.78 -66.51 13.69
C LEU B 74 -6.05 -66.32 12.20
N SER B 75 -6.88 -67.19 11.60
CA SER B 75 -7.28 -67.02 10.21
C SER B 75 -8.28 -65.88 10.06
N VAL B 76 -8.26 -65.23 8.90
CA VAL B 76 -9.20 -64.15 8.63
C VAL B 76 -9.86 -64.43 7.28
N ILE B 77 -11.04 -65.03 7.33
CA ILE B 77 -11.73 -65.49 6.13
C ILE B 77 -12.77 -64.47 5.62
N ASP B 78 -12.49 -63.87 4.47
CA ASP B 78 -13.38 -62.92 3.81
C ASP B 78 -14.59 -63.63 3.20
N GLU B 79 -14.33 -64.63 2.36
CA GLU B 79 -15.37 -65.36 1.63
C GLU B 79 -15.07 -66.86 1.48
N ILE B 80 -16.10 -67.69 1.65
CA ILE B 80 -16.05 -69.11 1.30
C ILE B 80 -17.15 -69.44 0.27
N GLN B 81 -16.73 -69.73 -0.97
CA GLN B 81 -17.68 -70.19 -1.98
C GLN B 81 -17.46 -71.67 -2.29
N VAL B 82 -18.56 -72.37 -2.50
CA VAL B 82 -18.54 -73.82 -2.71
C VAL B 82 -19.32 -74.16 -3.98
N ARG B 83 -18.76 -75.06 -4.79
CA ARG B 83 -19.39 -75.54 -6.02
C ARG B 83 -19.32 -77.06 -6.07
N GLU B 84 -20.28 -77.67 -6.75
CA GLU B 84 -20.29 -79.12 -6.97
C GLU B 84 -19.49 -79.48 -8.22
N VAL B 85 -18.63 -80.49 -8.11
CA VAL B 85 -17.91 -81.01 -9.26
C VAL B 85 -18.01 -82.53 -9.30
N GLU B 86 -17.70 -83.11 -10.46
CA GLU B 86 -17.68 -84.55 -10.63
C GLU B 86 -16.59 -85.21 -9.81
N VAL B 87 -16.71 -86.53 -9.62
CA VAL B 87 -15.76 -87.32 -8.85
C VAL B 87 -14.54 -87.69 -9.67
N LYS B 88 -13.36 -87.36 -9.13
CA LYS B 88 -12.09 -87.68 -9.78
C LYS B 88 -11.47 -88.96 -9.23
N GLU B 89 -12.04 -89.46 -8.14
CA GLU B 89 -11.59 -90.67 -7.44
C GLU B 89 -10.15 -90.62 -6.91
N TYR B 90 -9.91 -89.73 -5.94
CA TYR B 90 -8.63 -89.75 -5.22
C TYR B 90 -8.57 -91.00 -4.34
N LYS B 91 -7.35 -91.40 -3.94
CA LYS B 91 -7.20 -92.51 -3.01
C LYS B 91 -6.95 -92.03 -1.58
N ASP B 92 -6.59 -90.74 -1.44
CA ASP B 92 -6.23 -90.16 -0.14
C ASP B 92 -6.48 -88.65 -0.09
N PHE B 93 -6.03 -88.01 0.99
CA PHE B 93 -5.99 -86.56 1.06
C PHE B 93 -4.58 -86.09 1.33
N LYS B 94 -4.08 -85.20 0.48
CA LYS B 94 -2.71 -84.69 0.60
C LYS B 94 -2.66 -83.18 0.55
N ILE B 95 -1.74 -82.62 1.34
CA ILE B 95 -1.37 -81.21 1.27
C ILE B 95 -0.39 -81.09 0.13
N VAL B 96 -0.68 -80.20 -0.81
CA VAL B 96 0.15 -80.10 -2.03
C VAL B 96 0.79 -78.72 -2.13
N GLY B 97 1.88 -78.63 -2.89
CA GLY B 97 2.62 -77.39 -3.02
C GLY B 97 1.96 -76.40 -3.94
N SER B 98 2.43 -75.16 -3.89
CA SER B 98 2.01 -74.12 -4.81
C SER B 98 3.11 -73.08 -4.95
N LYS B 99 3.09 -72.34 -6.06
CA LYS B 99 4.06 -71.28 -6.32
C LYS B 99 4.04 -70.18 -5.23
N GLU B 100 3.15 -70.34 -4.25
CA GLU B 100 3.02 -69.37 -3.17
C GLU B 100 3.88 -69.77 -1.96
N ASP B 101 4.15 -71.06 -1.84
CA ASP B 101 4.86 -71.63 -0.69
C ASP B 101 6.26 -71.06 -0.51
N GLY B 102 6.59 -70.69 0.73
CA GLY B 102 7.86 -70.04 1.05
C GLY B 102 7.95 -68.63 0.49
N GLY B 103 6.80 -68.08 0.12
CA GLY B 103 6.68 -66.72 -0.38
C GLY B 103 5.83 -65.94 0.61
N PHE B 104 6.42 -64.87 1.14
CA PHE B 104 5.86 -64.11 2.24
C PHE B 104 5.51 -64.95 3.47
N VAL B 105 6.48 -65.12 4.37
CA VAL B 105 6.21 -65.81 5.63
C VAL B 105 5.72 -64.74 6.65
N PRO B 106 4.43 -64.83 7.03
CA PRO B 106 3.83 -63.81 7.91
C PRO B 106 4.32 -63.96 9.33
N VAL B 107 4.65 -62.84 9.97
CA VAL B 107 5.05 -62.84 11.37
C VAL B 107 3.79 -63.01 12.23
N SER B 108 3.87 -63.94 13.17
CA SER B 108 2.73 -64.32 13.99
C SER B 108 2.48 -63.26 15.05
N PRO B 109 1.20 -62.91 15.31
CA PRO B 109 0.85 -62.14 16.48
C PRO B 109 1.17 -62.93 17.74
N ASP B 110 1.31 -62.22 18.86
CA ASP B 110 1.48 -62.86 20.17
C ASP B 110 0.18 -63.61 20.49
N MET B 111 0.31 -64.82 21.03
CA MET B 111 -0.84 -65.68 21.25
C MET B 111 -1.03 -66.03 22.72
N GLY B 112 -2.28 -66.17 23.13
CA GLY B 112 -2.63 -66.60 24.49
C GLY B 112 -2.14 -68.01 24.77
N VAL B 113 -2.17 -68.41 26.04
CA VAL B 113 -1.71 -69.73 26.45
C VAL B 113 -2.65 -70.81 25.92
N CYS B 114 -2.09 -71.84 25.29
CA CYS B 114 -2.91 -72.93 24.74
C CYS B 114 -3.43 -73.88 25.83
N GLU B 115 -4.47 -74.64 25.52
CA GLU B 115 -5.05 -75.60 26.45
C GLU B 115 -3.98 -76.59 26.95
N ASP B 116 -3.05 -76.93 26.06
CA ASP B 116 -1.99 -77.90 26.35
C ASP B 116 -0.98 -77.38 27.38
N CYS B 117 -0.48 -76.16 27.18
CA CYS B 117 0.45 -75.54 28.11
C CYS B 117 -0.23 -75.25 29.45
N LEU B 118 -1.52 -74.95 29.40
CA LEU B 118 -2.32 -74.69 30.59
C LEU B 118 -2.48 -75.94 31.48
N ARG B 119 -2.50 -77.13 30.87
CA ARG B 119 -2.52 -78.39 31.59
C ARG B 119 -1.14 -78.75 32.14
N GLU B 120 -0.10 -78.48 31.35
CA GLU B 120 1.27 -78.71 31.76
C GLU B 120 1.68 -77.75 32.88
N LEU B 121 1.01 -76.60 32.94
CA LEU B 121 1.26 -75.60 33.98
C LEU B 121 0.59 -75.99 35.28
N LYS B 122 -0.58 -76.62 35.16
CA LYS B 122 -1.38 -77.05 36.33
C LYS B 122 -1.09 -78.50 36.77
N ASP B 123 -0.07 -79.10 36.18
CA ASP B 123 0.35 -80.46 36.53
C ASP B 123 1.53 -80.43 37.50
N PRO B 124 1.30 -80.85 38.77
CA PRO B 124 2.33 -80.81 39.81
C PRO B 124 3.57 -81.63 39.50
N LYS B 125 3.40 -82.76 38.82
CA LYS B 125 4.55 -83.61 38.46
C LYS B 125 4.95 -83.39 37.00
N ASP B 126 5.17 -82.12 36.66
CA ASP B 126 5.70 -81.68 35.38
C ASP B 126 6.87 -80.76 35.69
N ARG B 127 7.91 -80.83 34.86
CA ARG B 127 9.09 -79.98 35.00
C ARG B 127 8.74 -78.49 34.88
N ARG B 128 7.67 -78.20 34.14
CA ARG B 128 7.22 -76.82 33.89
C ARG B 128 6.04 -76.42 34.77
N TYR B 129 5.86 -77.12 35.89
CA TYR B 129 4.81 -76.81 36.87
C TYR B 129 5.00 -75.41 37.41
N ARG B 130 3.95 -74.59 37.25
CA ARG B 130 3.94 -73.21 37.76
C ARG B 130 5.07 -72.33 37.19
N TYR B 131 5.52 -72.63 35.98
CA TYR B 131 6.55 -71.84 35.32
C TYR B 131 5.93 -70.65 34.58
N PRO B 132 6.22 -69.43 35.06
CA PRO B 132 5.54 -68.25 34.56
C PRO B 132 5.81 -67.91 33.09
N PHE B 133 6.68 -68.67 32.43
CA PHE B 133 6.96 -68.37 31.02
C PHE B 133 6.84 -69.57 30.08
N ILE B 134 5.94 -70.48 30.44
CA ILE B 134 5.67 -71.67 29.63
C ILE B 134 5.13 -71.30 28.26
N ASN B 135 5.65 -71.98 27.24
CA ASN B 135 5.19 -71.79 25.87
C ASN B 135 5.53 -72.99 24.98
N CYS B 136 4.67 -73.25 23.99
CA CYS B 136 4.94 -74.21 22.93
C CYS B 136 4.87 -73.50 21.58
N THR B 137 4.81 -74.27 20.49
CA THR B 137 4.75 -73.69 19.14
C THR B 137 3.38 -73.13 18.82
N ASN B 138 2.37 -73.60 19.55
CA ASN B 138 0.99 -73.16 19.34
C ASN B 138 0.64 -71.86 20.08
N CYS B 139 1.48 -71.44 21.04
CA CYS B 139 1.13 -70.32 21.91
C CYS B 139 2.33 -69.53 22.43
N GLY B 140 2.05 -68.42 23.12
CA GLY B 140 3.10 -67.59 23.71
C GLY B 140 3.45 -66.33 22.91
N PRO B 141 4.56 -65.67 23.28
CA PRO B 141 4.97 -64.43 22.62
C PRO B 141 5.56 -64.66 21.24
N ARG B 142 5.23 -63.77 20.31
CA ARG B 142 5.87 -63.74 18.99
C ARG B 142 6.35 -62.33 18.68
N PHE B 143 5.47 -61.52 18.11
CA PHE B 143 5.81 -60.16 17.68
C PHE B 143 6.54 -59.32 18.74
N SER B 144 6.02 -59.36 19.96
CA SER B 144 6.57 -58.59 21.08
C SER B 144 8.06 -58.79 21.28
N ILE B 145 8.56 -59.97 20.91
CA ILE B 145 9.95 -60.33 21.17
C ILE B 145 10.78 -60.52 19.90
N ILE B 146 10.14 -60.45 18.73
CA ILE B 146 10.82 -60.62 17.46
C ILE B 146 11.55 -59.33 17.02
N GLU B 147 12.82 -59.49 16.61
CA GLU B 147 13.63 -58.36 16.14
C GLU B 147 13.74 -58.33 14.62
N ASP B 148 13.97 -59.50 14.03
CA ASP B 148 14.19 -59.61 12.59
C ASP B 148 13.63 -60.94 12.06
N ILE B 149 13.63 -61.09 10.74
CA ILE B 149 13.23 -62.35 10.10
C ILE B 149 14.46 -63.07 9.52
N PRO B 150 14.37 -64.41 9.33
CA PRO B 150 13.24 -65.28 9.67
C PRO B 150 13.12 -65.50 11.18
N TYR B 151 11.90 -65.81 11.62
CA TYR B 151 11.61 -66.13 13.03
C TYR B 151 12.68 -67.06 13.60
N ASP B 152 13.53 -66.50 14.47
CA ASP B 152 14.67 -67.19 15.05
C ASP B 152 15.02 -66.64 16.43
N ARG B 153 15.26 -67.54 17.38
CA ARG B 153 15.62 -67.18 18.77
C ARG B 153 16.81 -66.23 18.84
N ALA B 154 17.77 -66.39 17.93
CA ALA B 154 18.93 -65.50 17.82
C ALA B 154 18.55 -64.04 17.46
N LYS B 155 17.40 -63.88 16.83
CA LYS B 155 16.88 -62.56 16.48
C LYS B 155 15.63 -62.27 17.31
N THR B 156 15.65 -62.71 18.57
CA THR B 156 14.64 -62.33 19.57
C THR B 156 15.34 -61.86 20.85
N SER B 157 14.55 -61.43 21.83
CA SER B 157 15.05 -61.05 23.15
C SER B 157 15.42 -62.27 24.00
N MET B 158 15.16 -63.46 23.45
CA MET B 158 15.48 -64.73 24.11
C MET B 158 16.90 -65.23 23.81
N LYS B 159 17.61 -64.51 22.94
CA LYS B 159 18.96 -64.86 22.52
C LYS B 159 19.95 -64.90 23.67
N VAL B 160 19.70 -64.06 24.68
CA VAL B 160 20.58 -63.91 25.84
C VAL B 160 20.39 -65.04 26.86
N PHE B 161 19.39 -65.88 26.61
CA PHE B 161 19.18 -67.08 27.40
C PHE B 161 19.57 -68.33 26.59
N PRO B 162 20.76 -68.92 26.88
CA PRO B 162 21.14 -70.15 26.19
C PRO B 162 20.34 -71.33 26.73
N MET B 163 19.71 -72.08 25.83
CA MET B 163 18.89 -73.25 26.19
C MET B 163 19.68 -74.27 27.01
N CYS B 164 18.98 -74.98 27.89
CA CYS B 164 19.57 -76.08 28.64
C CYS B 164 19.49 -77.37 27.82
N GLU B 165 20.10 -78.44 28.32
CA GLU B 165 20.10 -79.75 27.65
C GLU B 165 18.67 -80.27 27.42
N LYS B 166 17.84 -80.18 28.46
CA LYS B 166 16.48 -80.70 28.41
C LYS B 166 15.55 -79.90 27.48
N CYS B 167 15.73 -78.58 27.45
CA CYS B 167 14.97 -77.70 26.55
C CYS B 167 15.38 -77.89 25.08
N SER B 168 16.68 -78.07 24.86
CA SER B 168 17.23 -78.32 23.52
C SER B 168 16.65 -79.60 22.93
N ARG B 169 16.55 -80.63 23.78
CA ARG B 169 16.01 -81.93 23.39
C ARG B 169 14.63 -81.76 22.76
N GLU B 170 13.75 -81.06 23.47
CA GLU B 170 12.38 -80.83 23.01
C GLU B 170 12.33 -79.88 21.80
N TYR B 171 13.29 -78.98 21.73
CA TYR B 171 13.42 -78.05 20.61
C TYR B 171 13.73 -78.77 19.30
N HIS B 172 14.52 -79.84 19.36
CA HIS B 172 14.97 -80.53 18.14
C HIS B 172 14.17 -81.79 17.76
N ASP B 173 13.27 -82.21 18.65
CA ASP B 173 12.40 -83.36 18.38
C ASP B 173 11.14 -82.93 17.61
N PRO B 174 10.96 -83.45 16.38
CA PRO B 174 9.79 -83.12 15.55
C PRO B 174 8.49 -83.70 16.09
N HIS B 175 8.58 -84.72 16.94
CA HIS B 175 7.42 -85.29 17.61
C HIS B 175 6.91 -84.37 18.74
N ASP B 176 7.78 -83.53 19.26
CA ASP B 176 7.48 -82.70 20.44
C ASP B 176 6.75 -81.41 20.11
N ARG B 177 5.96 -80.93 21.07
CA ARG B 177 5.20 -79.69 20.91
C ARG B 177 6.07 -78.42 21.02
N ARG B 178 7.35 -78.60 21.38
CA ARG B 178 8.30 -77.49 21.48
C ARG B 178 9.29 -77.48 20.30
N PHE B 179 8.99 -78.25 19.25
CA PHE B 179 9.83 -78.29 18.05
C PHE B 179 9.91 -76.91 17.40
N HIS B 180 11.13 -76.38 17.30
CA HIS B 180 11.38 -75.06 16.71
C HIS B 180 10.61 -73.92 17.39
N ALA B 181 10.41 -74.06 18.70
CA ALA B 181 9.76 -73.04 19.51
C ALA B 181 10.84 -72.10 20.02
N GLN B 182 11.01 -70.97 19.33
CA GLN B 182 12.11 -70.05 19.60
C GLN B 182 12.20 -69.60 21.05
N PRO B 183 11.06 -69.32 21.72
CA PRO B 183 11.19 -68.90 23.11
C PRO B 183 11.04 -70.04 24.14
N VAL B 184 11.62 -71.21 23.85
CA VAL B 184 11.63 -72.30 24.83
C VAL B 184 12.39 -71.91 26.08
N ALA B 185 11.82 -72.26 27.23
CA ALA B 185 12.38 -71.92 28.52
C ALA B 185 11.81 -72.80 29.61
N CYS B 186 12.57 -72.97 30.69
CA CYS B 186 12.10 -73.60 31.92
C CYS B 186 12.74 -72.88 33.11
N PHE B 187 12.55 -73.42 34.31
CA PHE B 187 13.15 -72.85 35.52
C PHE B 187 14.67 -72.76 35.46
N ASP B 188 15.30 -73.71 34.77
CA ASP B 188 16.75 -73.85 34.76
C ASP B 188 17.50 -72.86 33.88
N CYS B 189 16.86 -72.40 32.80
CA CYS B 189 17.56 -71.64 31.74
C CYS B 189 16.79 -70.46 31.17
N GLY B 190 15.61 -70.18 31.72
CA GLY B 190 14.75 -69.15 31.17
C GLY B 190 14.53 -67.95 32.07
N PRO B 191 13.64 -67.03 31.64
CA PRO B 191 13.28 -65.84 32.41
C PRO B 191 12.60 -66.17 33.75
N SER B 192 12.70 -65.23 34.69
CA SER B 192 12.07 -65.36 36.00
C SER B 192 11.38 -64.07 36.42
N LEU B 193 10.47 -64.18 37.38
CA LEU B 193 9.76 -63.04 37.92
C LEU B 193 10.57 -62.35 39.00
N SER B 194 10.27 -61.08 39.22
CA SER B 194 10.91 -60.29 40.25
C SER B 194 9.86 -59.37 40.85
N PHE B 195 9.88 -59.23 42.17
CA PHE B 195 8.91 -58.40 42.85
C PHE B 195 9.61 -57.26 43.59
N VAL B 196 9.20 -56.04 43.26
CA VAL B 196 9.80 -54.83 43.82
C VAL B 196 8.70 -53.90 44.32
N GLY B 197 8.97 -53.25 45.46
CA GLY B 197 8.08 -52.22 46.00
C GLY B 197 8.00 -52.31 47.51
N GLU B 198 7.58 -53.48 47.99
CA GLU B 198 7.55 -53.80 49.41
C GLU B 198 8.25 -55.13 49.60
N GLY B 199 8.34 -55.59 50.85
CA GLY B 199 8.93 -56.88 51.13
C GLY B 199 8.10 -58.00 50.55
N CYS B 200 8.75 -58.89 49.81
CA CYS B 200 8.14 -60.13 49.33
C CYS B 200 8.94 -61.29 49.90
N PHE B 201 8.25 -62.12 50.68
CA PHE B 201 8.90 -63.21 51.38
C PHE B 201 8.13 -64.48 51.06
N ASP B 202 7.85 -64.64 49.77
CA ASP B 202 7.00 -65.71 49.27
C ASP B 202 7.14 -65.73 47.75
N ASP B 203 6.38 -66.60 47.11
CA ASP B 203 6.28 -66.62 45.65
C ASP B 203 5.82 -65.25 45.16
N GLU B 204 6.48 -64.74 44.13
CA GLU B 204 6.21 -63.39 43.63
C GLU B 204 4.75 -63.17 43.23
N ILE B 205 4.10 -64.24 42.77
CA ILE B 205 2.68 -64.20 42.42
C ILE B 205 1.80 -63.98 43.65
N LYS B 206 2.03 -64.76 44.71
CA LYS B 206 1.32 -64.60 45.98
C LYS B 206 1.50 -63.20 46.55
N CYS B 207 2.69 -62.63 46.36
CA CYS B 207 2.97 -61.24 46.77
C CYS B 207 2.14 -60.22 45.98
N VAL B 208 1.91 -60.51 44.69
CA VAL B 208 1.02 -59.70 43.86
C VAL B 208 -0.42 -59.81 44.37
N ALA B 209 -0.86 -61.04 44.61
CA ALA B 209 -2.20 -61.31 45.14
C ALA B 209 -2.45 -60.58 46.44
N LYS B 210 -1.49 -60.71 47.37
CA LYS B 210 -1.55 -60.08 48.68
C LYS B 210 -1.67 -58.57 48.53
N ALA B 211 -0.93 -58.00 47.57
CA ALA B 211 -0.95 -56.57 47.37
C ALA B 211 -2.32 -56.12 46.89
N LEU B 212 -2.88 -56.87 45.95
CA LEU B 212 -4.23 -56.60 45.46
C LEU B 212 -5.29 -56.72 46.55
N LYS B 213 -5.18 -57.77 47.37
CA LYS B 213 -6.12 -58.01 48.47
C LYS B 213 -6.14 -56.84 49.45
N GLU B 214 -5.01 -56.14 49.54
CA GLU B 214 -4.87 -54.98 50.44
C GLU B 214 -5.35 -53.67 49.81
N GLY B 215 -5.72 -53.72 48.53
CA GLY B 215 -6.21 -52.54 47.82
C GLY B 215 -5.10 -51.68 47.26
N LYS B 216 -3.95 -52.28 47.00
CA LYS B 216 -2.83 -51.56 46.40
C LYS B 216 -2.83 -51.69 44.87
N ILE B 217 -2.12 -50.76 44.22
CA ILE B 217 -1.96 -50.77 42.77
C ILE B 217 -0.70 -51.56 42.42
N VAL B 218 -0.84 -52.60 41.60
CA VAL B 218 0.32 -53.38 41.15
C VAL B 218 0.57 -53.18 39.66
N ALA B 219 1.81 -52.82 39.32
CA ALA B 219 2.21 -52.72 37.92
C ALA B 219 2.75 -54.07 37.46
N ILE B 220 2.11 -54.64 36.44
CA ILE B 220 2.45 -55.98 35.97
C ILE B 220 3.08 -55.94 34.58
N LYS B 221 4.25 -56.56 34.44
CA LYS B 221 4.90 -56.67 33.14
C LYS B 221 4.40 -57.90 32.40
N GLY B 222 3.46 -57.69 31.49
CA GLY B 222 2.98 -58.74 30.61
C GLY B 222 3.65 -58.73 29.25
N ILE B 223 2.91 -59.19 28.24
CA ILE B 223 3.44 -59.45 26.91
C ILE B 223 3.86 -58.18 26.18
N GLY B 224 2.93 -57.25 26.04
CA GLY B 224 3.15 -56.08 25.22
C GLY B 224 3.69 -54.91 26.00
N GLY B 225 3.80 -55.07 27.31
CA GLY B 225 4.26 -53.98 28.17
C GLY B 225 3.70 -54.09 29.57
N PHE B 226 3.66 -52.96 30.28
CA PHE B 226 3.19 -52.91 31.65
C PHE B 226 1.71 -52.56 31.73
N HIS B 227 1.04 -53.12 32.73
CA HIS B 227 -0.35 -52.78 33.00
C HIS B 227 -0.54 -52.53 34.50
N LEU B 228 -1.49 -51.64 34.82
CA LEU B 228 -1.84 -51.35 36.22
C LEU B 228 -3.07 -52.14 36.66
N ALA B 229 -3.02 -52.64 37.90
CA ALA B 229 -4.02 -53.58 38.41
C ALA B 229 -4.43 -53.27 39.81
N VAL B 230 -5.75 -53.30 40.05
CA VAL B 230 -6.32 -53.23 41.40
C VAL B 230 -7.51 -54.18 41.47
N ASN B 231 -7.92 -54.51 42.69
CA ASN B 231 -9.13 -55.29 42.91
C ASN B 231 -10.35 -54.52 42.38
N ALA B 232 -10.99 -55.08 41.36
CA ALA B 232 -12.10 -54.42 40.68
C ALA B 232 -13.40 -54.40 41.48
N LEU B 233 -13.43 -55.10 42.61
CA LEU B 233 -14.57 -55.03 43.54
C LEU B 233 -14.30 -54.07 44.72
N ASP B 234 -13.12 -53.47 44.72
CA ASP B 234 -12.65 -52.65 45.82
C ASP B 234 -12.79 -51.16 45.46
N ASP B 235 -13.90 -50.54 45.87
CA ASP B 235 -14.20 -49.15 45.53
C ASP B 235 -13.07 -48.21 45.91
N GLU B 236 -12.51 -48.41 47.10
CA GLU B 236 -11.40 -47.57 47.62
C GLU B 236 -10.12 -47.67 46.76
N ALA B 237 -9.73 -48.89 46.40
CA ALA B 237 -8.58 -49.14 45.52
C ALA B 237 -8.74 -48.49 44.15
N VAL B 238 -9.94 -48.58 43.60
CA VAL B 238 -10.23 -47.96 42.30
C VAL B 238 -10.18 -46.42 42.38
N ALA B 239 -10.59 -45.88 43.52
CA ALA B 239 -10.64 -44.44 43.73
C ALA B 239 -9.25 -43.84 43.79
N THR B 240 -8.32 -44.59 44.39
CA THR B 240 -6.95 -44.12 44.52
C THR B 240 -6.22 -44.23 43.18
N LEU B 241 -6.50 -45.29 42.42
CA LEU B 241 -5.94 -45.42 41.07
C LEU B 241 -6.35 -44.24 40.18
N ARG B 242 -7.63 -43.87 40.22
CA ARG B 242 -8.14 -42.67 39.55
C ARG B 242 -7.43 -41.41 40.04
N ARG B 243 -7.28 -41.31 41.37
CA ARG B 243 -6.65 -40.16 42.00
C ARG B 243 -5.20 -39.94 41.54
N ARG B 244 -4.53 -41.04 41.21
CA ARG B 244 -3.11 -41.00 40.87
C ARG B 244 -2.82 -40.77 39.41
N LYS B 245 -3.81 -41.00 38.53
CA LYS B 245 -3.67 -40.65 37.11
C LYS B 245 -4.29 -39.27 36.83
N LYS B 246 -5.43 -39.01 37.49
CA LYS B 246 -6.16 -37.72 37.48
C LYS B 246 -6.70 -37.26 36.11
N ARG B 247 -5.79 -36.96 35.18
CA ARG B 247 -6.17 -36.48 33.84
C ARG B 247 -6.25 -37.66 32.84
N TYR B 248 -7.11 -38.61 33.18
CA TYR B 248 -7.33 -39.80 32.37
C TYR B 248 -8.81 -39.89 32.00
N GLY B 249 -9.67 -40.18 32.99
CA GLY B 249 -11.12 -40.20 32.78
C GLY B 249 -11.72 -41.46 32.14
N LYS B 250 -10.98 -42.05 31.20
CA LYS B 250 -11.44 -43.20 30.43
C LYS B 250 -11.80 -44.42 31.30
N PRO B 251 -12.80 -45.21 30.87
CA PRO B 251 -13.21 -46.37 31.66
C PRO B 251 -12.15 -47.46 31.68
N PHE B 252 -12.02 -48.13 32.81
CA PHE B 252 -11.02 -49.18 32.97
C PHE B 252 -11.48 -50.51 32.37
N ALA B 253 -10.55 -51.20 31.69
CA ALA B 253 -10.80 -52.59 31.29
C ALA B 253 -10.55 -53.54 32.47
N VAL B 254 -11.22 -54.68 32.44
CA VAL B 254 -11.18 -55.62 33.54
C VAL B 254 -10.82 -57.03 33.03
N MET B 255 -10.02 -57.76 33.82
CA MET B 255 -9.73 -59.15 33.51
C MET B 255 -10.51 -60.07 34.43
N MET B 256 -11.14 -61.08 33.85
CA MET B 256 -11.90 -62.05 34.62
C MET B 256 -11.40 -63.45 34.31
N ARG B 257 -11.65 -64.41 35.21
CA ARG B 257 -11.02 -65.74 35.12
C ARG B 257 -11.52 -66.61 33.96
N ASP B 258 -12.83 -66.57 33.71
CA ASP B 258 -13.44 -67.37 32.65
C ASP B 258 -14.75 -66.72 32.18
N VAL B 259 -15.33 -67.29 31.12
CA VAL B 259 -16.61 -66.81 30.59
C VAL B 259 -17.71 -66.80 31.66
N GLU B 260 -17.69 -67.80 32.54
CA GLU B 260 -18.71 -67.88 33.58
C GLU B 260 -18.72 -66.62 34.44
N GLU B 261 -17.54 -66.18 34.88
CA GLU B 261 -17.45 -64.96 35.71
C GLU B 261 -17.88 -63.72 34.91
N VAL B 262 -17.47 -63.66 33.65
CA VAL B 262 -17.88 -62.57 32.76
C VAL B 262 -19.41 -62.48 32.66
N LYS B 263 -20.08 -63.64 32.57
CA LYS B 263 -21.54 -63.68 32.42
C LYS B 263 -22.27 -63.22 33.67
N LYS B 264 -21.57 -63.17 34.80
CA LYS B 264 -22.12 -62.61 36.04
C LYS B 264 -22.30 -61.10 35.96
N TYR B 265 -21.47 -60.44 35.14
CA TYR B 265 -21.46 -58.98 35.04
C TYR B 265 -22.00 -58.48 33.69
N CYS B 266 -21.86 -59.29 32.65
CA CYS B 266 -22.19 -58.87 31.29
C CYS B 266 -23.04 -59.87 30.51
N ILE B 267 -23.75 -59.35 29.51
CA ILE B 267 -24.40 -60.17 28.49
C ILE B 267 -23.28 -60.66 27.57
N VAL B 268 -23.23 -61.97 27.35
CA VAL B 268 -22.22 -62.56 26.48
C VAL B 268 -22.91 -63.44 25.45
N SER B 269 -22.98 -62.95 24.21
CA SER B 269 -23.53 -63.73 23.11
C SER B 269 -22.52 -64.79 22.69
N PRO B 270 -23.00 -65.87 22.03
CA PRO B 270 -22.08 -66.86 21.44
C PRO B 270 -20.97 -66.23 20.62
N GLU B 271 -21.29 -65.13 19.92
CA GLU B 271 -20.34 -64.41 19.07
C GLU B 271 -19.31 -63.62 19.91
N GLU B 272 -19.79 -63.07 21.02
CA GLU B 272 -18.93 -62.37 21.96
C GLU B 272 -18.07 -63.38 22.76
N GLU B 273 -18.62 -64.56 23.00
CA GLU B 273 -17.89 -65.63 23.69
C GLU B 273 -16.70 -66.13 22.86
N ARG B 274 -16.86 -66.16 21.54
CA ARG B 274 -15.79 -66.56 20.63
C ARG B 274 -14.64 -65.54 20.56
N LEU B 275 -14.97 -64.24 20.55
CA LEU B 275 -13.95 -63.19 20.46
C LEU B 275 -13.10 -63.15 21.72
N LEU B 276 -13.73 -63.48 22.85
CA LEU B 276 -13.13 -63.50 24.18
C LEU B 276 -12.18 -64.68 24.36
N LEU B 277 -12.59 -65.86 23.91
CA LEU B 277 -11.84 -67.12 24.13
C LEU B 277 -10.71 -67.31 23.14
N SER B 278 -10.74 -66.54 22.06
CA SER B 278 -9.73 -66.64 21.01
C SER B 278 -8.33 -66.52 21.59
N GLN B 279 -7.37 -67.18 20.94
CA GLN B 279 -5.96 -67.08 21.33
C GLN B 279 -5.42 -65.66 21.16
N ARG B 280 -6.10 -64.87 20.33
CA ARG B 280 -5.81 -63.44 20.18
C ARG B 280 -5.90 -62.76 21.55
N ARG B 281 -6.87 -63.18 22.35
CA ARG B 281 -7.07 -62.70 23.74
C ARG B 281 -7.20 -61.16 23.89
N PRO B 282 -8.28 -60.57 23.35
CA PRO B 282 -8.44 -59.13 23.44
C PRO B 282 -9.41 -58.73 24.52
N ILE B 283 -9.54 -57.43 24.73
CA ILE B 283 -10.61 -56.89 25.54
C ILE B 283 -11.86 -56.87 24.68
N VAL B 284 -12.99 -57.24 25.24
CA VAL B 284 -14.24 -57.15 24.49
C VAL B 284 -15.22 -56.22 25.20
N LEU B 285 -15.73 -55.23 24.48
CA LEU B 285 -16.71 -54.31 25.04
C LEU B 285 -18.06 -55.00 25.07
N LEU B 286 -18.60 -55.19 26.27
CA LEU B 286 -19.82 -55.94 26.48
C LEU B 286 -20.81 -55.09 27.26
N LYS B 287 -22.09 -55.28 26.99
CA LYS B 287 -23.14 -54.59 27.75
C LYS B 287 -23.22 -55.11 29.17
N LYS B 288 -23.30 -54.19 30.12
CA LYS B 288 -23.42 -54.52 31.54
C LYS B 288 -24.79 -55.11 31.85
N LYS B 289 -24.81 -56.10 32.76
CA LYS B 289 -26.04 -56.79 33.16
C LYS B 289 -25.78 -57.67 34.38
N GLY B 290 -26.44 -57.34 35.49
CA GLY B 290 -26.40 -58.19 36.68
C GLY B 290 -25.64 -57.53 37.81
N GLU B 291 -24.61 -58.23 38.30
CA GLU B 291 -23.81 -57.74 39.44
C GLU B 291 -23.00 -56.49 39.04
N LYS B 292 -22.63 -55.69 40.02
CA LYS B 292 -21.90 -54.47 39.73
C LYS B 292 -20.47 -54.50 40.26
N LEU B 293 -19.55 -54.04 39.43
CA LEU B 293 -18.18 -53.85 39.85
C LEU B 293 -18.09 -52.63 40.77
N ALA B 294 -16.87 -52.29 41.20
CA ALA B 294 -16.67 -51.09 41.99
C ALA B 294 -17.07 -49.86 41.20
N LYS B 295 -17.46 -48.82 41.92
CA LYS B 295 -17.66 -47.51 41.32
C LYS B 295 -16.30 -46.98 40.84
N GLY B 296 -16.29 -46.35 39.67
CA GLY B 296 -15.09 -45.72 39.13
C GLY B 296 -14.43 -46.53 38.04
N ILE B 297 -14.97 -47.72 37.76
CA ILE B 297 -14.50 -48.56 36.67
C ILE B 297 -15.03 -48.03 35.32
N ALA B 298 -16.35 -47.95 35.20
CA ALA B 298 -17.02 -47.50 34.00
C ALA B 298 -18.34 -46.82 34.39
N ASP B 299 -18.21 -45.70 35.09
CA ASP B 299 -19.37 -44.96 35.55
C ASP B 299 -20.12 -44.36 34.38
N ASP B 300 -21.45 -44.39 34.46
CA ASP B 300 -22.34 -43.69 33.51
C ASP B 300 -22.30 -44.30 32.12
N LEU B 301 -21.68 -45.47 32.01
CA LEU B 301 -21.64 -46.22 30.76
C LEU B 301 -22.36 -47.56 30.92
N ASP B 302 -22.90 -48.08 29.82
CA ASP B 302 -23.61 -49.36 29.86
C ASP B 302 -22.75 -50.52 29.32
N THR B 303 -21.54 -50.19 28.88
CA THR B 303 -20.56 -51.19 28.43
C THR B 303 -19.37 -51.34 29.38
N LEU B 304 -18.76 -52.52 29.36
CA LEU B 304 -17.56 -52.78 30.13
C LEU B 304 -16.61 -53.56 29.25
N GLY B 305 -15.34 -53.17 29.28
CA GLY B 305 -14.28 -53.87 28.57
C GLY B 305 -13.72 -55.03 29.38
N VAL B 306 -13.94 -56.24 28.88
CA VAL B 306 -13.57 -57.44 29.61
C VAL B 306 -12.60 -58.31 28.83
N MET B 307 -11.58 -58.80 29.52
CA MET B 307 -10.61 -59.73 28.94
C MET B 307 -10.41 -60.96 29.83
N LEU B 308 -9.99 -62.06 29.21
CA LEU B 308 -9.59 -63.27 29.92
C LEU B 308 -8.06 -63.30 30.08
N PRO B 309 -7.54 -64.24 30.89
CA PRO B 309 -6.09 -64.44 31.01
C PRO B 309 -5.45 -64.82 29.69
N TYR B 310 -4.20 -64.41 29.47
CA TYR B 310 -3.52 -64.65 28.19
C TYR B 310 -2.02 -64.95 28.30
N ALA B 311 -1.53 -64.97 29.54
CA ALA B 311 -0.13 -65.26 29.83
C ALA B 311 -0.15 -66.15 31.05
N PRO B 312 0.90 -67.00 31.20
CA PRO B 312 0.95 -67.92 32.36
C PRO B 312 0.80 -67.23 33.72
N ILE B 313 1.35 -66.02 33.86
CA ILE B 313 1.23 -65.26 35.11
C ILE B 313 -0.24 -65.00 35.51
N HIS B 314 -1.11 -64.78 34.52
CA HIS B 314 -2.51 -64.46 34.77
C HIS B 314 -3.22 -65.62 35.43
N TYR B 315 -2.97 -66.83 34.93
CA TYR B 315 -3.57 -68.04 35.48
C TYR B 315 -3.11 -68.34 36.91
N LEU B 316 -1.80 -68.18 37.15
CA LEU B 316 -1.24 -68.33 38.48
C LEU B 316 -1.84 -67.34 39.47
N LEU B 317 -2.08 -66.11 39.01
CA LEU B 317 -2.69 -65.09 39.85
C LEU B 317 -4.15 -65.41 40.14
N MET B 318 -4.84 -65.95 39.12
CA MET B 318 -6.27 -66.22 39.21
C MET B 318 -6.64 -67.28 40.24
N GLU B 319 -5.72 -68.21 40.50
CA GLU B 319 -5.97 -69.21 41.53
C GLU B 319 -5.61 -68.71 42.92
N GLU B 320 -5.01 -67.52 42.98
CA GLU B 320 -4.68 -66.87 44.26
C GLU B 320 -5.71 -65.84 44.73
N ILE B 321 -6.44 -65.26 43.78
CA ILE B 321 -7.43 -64.22 44.07
C ILE B 321 -8.86 -64.69 43.74
N ASP B 322 -9.83 -64.06 44.38
CA ASP B 322 -11.24 -64.40 44.14
C ASP B 322 -12.06 -63.22 43.59
N PHE B 323 -11.37 -62.29 42.91
CA PHE B 323 -12.02 -61.10 42.36
C PHE B 323 -11.54 -60.77 40.96
N PRO B 324 -12.38 -60.13 40.15
CA PRO B 324 -11.89 -59.60 38.90
C PRO B 324 -10.94 -58.43 39.16
N ILE B 325 -10.02 -58.18 38.25
CA ILE B 325 -9.06 -57.10 38.44
C ILE B 325 -9.06 -56.11 37.28
N VAL B 326 -8.81 -54.85 37.60
CA VAL B 326 -8.62 -53.83 36.60
C VAL B 326 -7.30 -54.15 35.91
N MET B 327 -7.30 -54.07 34.57
CA MET B 327 -6.07 -54.14 33.79
C MET B 327 -6.01 -52.97 32.82
N THR B 328 -5.39 -51.89 33.27
CA THR B 328 -5.29 -50.68 32.47
C THR B 328 -3.85 -50.43 32.01
N SER B 329 -3.69 -49.69 30.93
CA SER B 329 -2.36 -49.37 30.40
C SER B 329 -1.41 -48.78 31.47
N GLY B 330 -0.19 -49.32 31.49
CA GLY B 330 0.86 -48.84 32.39
C GLY B 330 1.53 -47.57 31.90
N ASN B 331 0.79 -46.48 31.97
CA ASN B 331 1.23 -45.17 31.53
C ASN B 331 0.72 -44.07 32.48
N VAL B 332 1.32 -42.87 32.37
CA VAL B 332 0.94 -41.71 33.20
C VAL B 332 -0.44 -41.14 32.81
N SER B 333 -0.58 -40.79 31.53
CA SER B 333 -1.85 -40.29 31.00
C SER B 333 -2.30 -41.16 29.82
N GLU B 334 -1.89 -40.80 28.61
CA GLU B 334 -2.31 -41.50 27.39
C GLU B 334 -1.11 -41.91 26.51
N GLU B 335 0.10 -41.62 26.97
CA GLU B 335 1.31 -41.90 26.19
C GLU B 335 1.61 -43.40 26.09
N PRO B 336 2.52 -43.80 25.18
CA PRO B 336 2.90 -45.20 25.03
C PRO B 336 3.12 -45.92 26.35
N ILE B 337 2.47 -47.06 26.46
CA ILE B 337 2.61 -48.00 27.56
C ILE B 337 4.10 -48.34 27.76
N CYS B 338 4.54 -48.33 29.02
CA CYS B 338 5.91 -48.71 29.40
C CYS B 338 6.25 -50.13 28.97
N LYS B 339 7.52 -50.37 28.65
CA LYS B 339 8.00 -51.69 28.22
C LYS B 339 9.29 -52.18 28.87
N ASP B 340 10.07 -51.27 29.45
CA ASP B 340 11.32 -51.61 30.11
C ASP B 340 11.18 -51.47 31.63
N ASN B 341 11.88 -52.33 32.37
CA ASN B 341 11.84 -52.34 33.83
C ASN B 341 12.17 -50.96 34.45
N GLU B 342 13.29 -50.39 34.10
CA GLU B 342 13.66 -49.14 34.69
C GLU B 342 12.85 -47.98 34.16
N GLU B 343 12.38 -48.08 32.94
CA GLU B 343 11.40 -47.13 32.42
C GLU B 343 10.14 -47.12 33.31
N ALA B 344 9.59 -48.30 33.59
CA ALA B 344 8.39 -48.43 34.39
C ALA B 344 8.58 -48.00 35.84
N LEU B 345 9.71 -48.37 36.44
CA LEU B 345 10.02 -48.04 37.83
C LEU B 345 10.09 -46.52 38.05
N GLU B 346 10.60 -45.81 37.05
CA GLU B 346 10.66 -44.35 37.09
C GLU B 346 9.33 -43.69 36.72
N LYS B 347 8.76 -44.05 35.58
CA LYS B 347 7.51 -43.42 35.11
C LYS B 347 6.30 -43.64 36.04
N LEU B 348 6.18 -44.83 36.57
CA LEU B 348 5.02 -45.18 37.38
C LEU B 348 5.34 -45.17 38.88
N LYS B 349 6.35 -44.40 39.28
CA LYS B 349 6.78 -44.35 40.68
C LYS B 349 5.72 -43.70 41.60
N ASP B 350 4.91 -42.81 41.02
CA ASP B 350 3.89 -42.10 41.78
C ASP B 350 2.49 -42.69 41.62
N ILE B 351 2.39 -43.76 40.85
CA ILE B 351 1.11 -44.43 40.59
C ILE B 351 1.08 -45.81 41.23
N ALA B 352 2.00 -46.69 40.82
CA ALA B 352 2.03 -48.06 41.32
C ALA B 352 2.67 -48.17 42.70
N ASP B 353 2.09 -49.01 43.56
CA ASP B 353 2.67 -49.31 44.86
C ASP B 353 3.76 -50.38 44.73
N VAL B 354 3.45 -51.48 44.04
CA VAL B 354 4.42 -52.55 43.80
C VAL B 354 4.53 -52.93 42.31
N PHE B 355 5.58 -53.67 41.97
CA PHE B 355 5.87 -54.05 40.58
C PHE B 355 6.16 -55.55 40.44
N LEU B 356 5.52 -56.18 39.44
CA LEU B 356 5.94 -57.52 39.02
C LEU B 356 6.74 -57.43 37.71
N LEU B 357 8.06 -57.52 37.84
CA LEU B 357 8.97 -57.43 36.69
C LEU B 357 9.41 -58.82 36.27
N ASN B 358 10.01 -58.92 35.10
CA ASN B 358 10.72 -60.12 34.67
C ASN B 358 11.92 -59.72 33.83
N ASN B 359 12.84 -60.66 33.62
CA ASN B 359 14.07 -60.36 32.87
C ASN B 359 14.04 -60.75 31.40
N ARG B 360 12.83 -60.80 30.83
CA ARG B 360 12.69 -60.96 29.39
C ARG B 360 12.30 -59.61 28.80
N ASP B 361 13.17 -59.07 27.93
CA ASP B 361 12.91 -57.80 27.29
C ASP B 361 11.72 -57.87 26.35
N ILE B 362 10.99 -56.76 26.26
CA ILE B 362 9.99 -56.58 25.23
C ILE B 362 10.62 -55.74 24.13
N VAL B 363 10.73 -56.31 22.93
CA VAL B 363 11.30 -55.59 21.81
C VAL B 363 10.31 -54.53 21.32
N ASN B 364 9.11 -54.96 20.96
CA ASN B 364 8.10 -54.06 20.43
C ASN B 364 6.90 -54.02 21.34
N ARG B 365 6.67 -52.88 21.97
CA ARG B 365 5.51 -52.76 22.83
C ARG B 365 4.25 -52.84 21.97
N ILE B 366 3.15 -53.28 22.57
CA ILE B 366 1.89 -53.48 21.86
C ILE B 366 0.75 -53.60 22.85
N ASP B 367 -0.18 -52.64 22.78
CA ASP B 367 -1.29 -52.58 23.70
C ASP B 367 -2.23 -53.76 23.52
N ASP B 368 -3.07 -53.99 24.51
CA ASP B 368 -4.16 -54.94 24.39
C ASP B 368 -5.09 -54.49 23.27
N SER B 369 -5.61 -55.44 22.50
CA SER B 369 -6.66 -55.11 21.53
C SER B 369 -7.96 -54.86 22.28
N VAL B 370 -8.84 -54.07 21.66
CA VAL B 370 -10.17 -53.83 22.17
C VAL B 370 -11.10 -54.03 20.98
N THR B 371 -12.04 -54.95 21.13
CA THR B 371 -12.98 -55.24 20.07
C THR B 371 -14.41 -55.40 20.61
N SER B 372 -15.31 -55.89 19.75
CA SER B 372 -16.73 -56.03 20.06
C SER B 372 -17.46 -56.75 18.92
N PHE B 373 -18.74 -57.05 19.15
CA PHE B 373 -19.59 -57.64 18.13
C PHE B 373 -20.90 -56.87 18.04
N ASN B 374 -21.17 -56.32 16.87
CA ASN B 374 -22.37 -55.54 16.65
C ASN B 374 -22.81 -55.64 15.19
N ALA B 375 -24.12 -55.79 15.00
CA ALA B 375 -24.76 -55.86 13.67
C ALA B 375 -24.18 -56.93 12.74
N GLY B 376 -24.11 -58.16 13.24
CA GLY B 376 -23.71 -59.31 12.42
C GLY B 376 -22.23 -59.57 12.23
N ALA B 377 -21.38 -58.65 12.70
CA ALA B 377 -19.92 -58.81 12.59
C ALA B 377 -19.14 -58.20 13.75
N GLU B 378 -17.89 -58.64 13.87
CA GLU B 378 -16.96 -58.08 14.83
C GLU B 378 -16.67 -56.61 14.48
N ARG B 379 -16.77 -55.73 15.45
CA ARG B 379 -16.38 -54.33 15.26
C ARG B 379 -15.22 -54.00 16.20
N ILE B 380 -14.03 -53.82 15.62
CA ILE B 380 -12.82 -53.65 16.40
C ILE B 380 -12.53 -52.17 16.65
N ILE B 381 -12.24 -51.83 17.90
CA ILE B 381 -11.99 -50.46 18.31
C ILE B 381 -10.50 -50.10 18.32
N ARG B 382 -9.68 -50.97 18.91
CA ARG B 382 -8.23 -50.79 18.93
C ARG B 382 -7.52 -52.08 18.48
N ARG B 383 -6.89 -52.05 17.30
CA ARG B 383 -6.27 -53.24 16.72
C ARG B 383 -4.79 -53.35 17.08
N ALA B 384 -4.47 -54.26 17.99
CA ALA B 384 -3.12 -54.39 18.49
C ALA B 384 -2.75 -55.86 18.81
N ARG B 385 -2.46 -56.16 20.07
CA ARG B 385 -2.02 -57.51 20.44
C ARG B 385 -3.02 -58.57 20.01
N GLY B 386 -2.49 -59.63 19.40
CA GLY B 386 -3.31 -60.76 18.96
C GLY B 386 -3.89 -60.56 17.57
N TYR B 387 -3.90 -59.34 17.07
CA TYR B 387 -4.36 -59.07 15.70
C TYR B 387 -3.21 -58.65 14.82
N ALA B 388 -2.47 -57.63 15.27
CA ALA B 388 -1.26 -57.23 14.56
C ALA B 388 -0.09 -58.17 14.91
N PRO B 389 0.92 -58.30 14.01
CA PRO B 389 1.15 -57.57 12.77
C PRO B 389 0.58 -58.26 11.51
N GLN B 390 -0.45 -59.08 11.69
CA GLN B 390 -1.18 -59.70 10.59
C GLN B 390 -1.74 -58.62 9.65
N PRO B 391 -1.55 -58.77 8.34
CA PRO B 391 -1.95 -57.72 7.40
C PRO B 391 -3.41 -57.77 6.95
N ILE B 392 -3.77 -56.84 6.08
CA ILE B 392 -5.04 -56.88 5.36
C ILE B 392 -4.75 -57.36 3.95
N LEU B 393 -5.47 -58.41 3.55
CA LEU B 393 -5.33 -59.00 2.21
C LEU B 393 -6.06 -58.19 1.15
N LEU B 394 -5.34 -57.88 0.08
CA LEU B 394 -5.93 -57.22 -1.10
C LEU B 394 -6.12 -58.22 -2.25
N LYS B 395 -7.14 -57.98 -3.09
CA LYS B 395 -7.41 -58.83 -4.26
C LYS B 395 -6.37 -58.64 -5.36
N LYS B 396 -6.29 -57.41 -5.88
CA LYS B 396 -5.26 -57.04 -6.85
C LYS B 396 -3.92 -56.81 -6.14
N GLU B 397 -2.83 -57.22 -6.78
CA GLU B 397 -1.49 -57.02 -6.24
C GLU B 397 -1.07 -55.54 -6.28
N VAL B 398 -0.22 -55.14 -5.34
CA VAL B 398 0.25 -53.76 -5.23
C VAL B 398 1.15 -53.37 -6.39
N LYS B 399 0.81 -52.23 -7.02
CA LYS B 399 1.54 -51.68 -8.16
C LYS B 399 2.94 -51.20 -7.74
N ALA B 400 2.98 -50.29 -6.76
CA ALA B 400 4.21 -49.78 -6.18
C ALA B 400 4.05 -49.66 -4.66
N SER B 401 5.15 -49.91 -3.95
CA SER B 401 5.14 -49.94 -2.48
C SER B 401 4.80 -48.57 -1.89
N ILE B 402 3.82 -48.56 -0.99
CA ILE B 402 3.25 -47.33 -0.41
C ILE B 402 3.31 -47.34 1.12
N LEU B 403 3.75 -46.22 1.69
CA LEU B 403 3.66 -46.00 3.13
C LEU B 403 2.62 -44.94 3.46
N ALA B 404 1.52 -45.38 4.08
CA ALA B 404 0.49 -44.47 4.58
C ALA B 404 0.82 -44.14 6.02
N VAL B 405 0.92 -42.85 6.31
CA VAL B 405 1.41 -42.40 7.62
C VAL B 405 0.32 -42.35 8.70
N GLY B 406 -0.94 -42.40 8.28
CA GLY B 406 -2.07 -42.33 9.20
C GLY B 406 -2.45 -40.89 9.50
N GLY B 407 -3.09 -40.68 10.66
CA GLY B 407 -3.52 -39.35 11.06
C GLY B 407 -2.93 -38.94 12.40
N PHE B 408 -3.79 -38.36 13.23
CA PHE B 408 -3.40 -37.83 14.53
C PHE B 408 -3.87 -38.76 15.65
N TYR B 409 -5.16 -38.72 15.95
CA TYR B 409 -5.79 -39.58 16.93
C TYR B 409 -5.62 -41.07 16.55
N LYS B 410 -5.43 -41.91 17.56
CA LYS B 410 -5.47 -43.37 17.43
C LYS B 410 -4.72 -43.84 16.20
N ASN B 411 -3.48 -43.37 16.07
CA ASN B 411 -2.68 -43.59 14.88
C ASN B 411 -2.24 -45.03 14.65
N THR B 412 -2.33 -45.44 13.39
CA THR B 412 -1.66 -46.62 12.86
C THR B 412 -1.07 -46.21 11.51
N PHE B 413 0.00 -46.87 11.09
CA PHE B 413 0.52 -46.69 9.73
C PHE B 413 0.26 -47.94 8.88
N CYS B 414 0.46 -47.81 7.58
CA CYS B 414 0.22 -48.95 6.67
C CYS B 414 1.21 -49.02 5.51
N MET B 415 1.89 -50.16 5.39
CA MET B 415 2.81 -50.42 4.25
C MET B 415 2.24 -51.42 3.29
N THR B 416 2.28 -51.10 2.00
CA THR B 416 1.80 -52.03 0.98
C THR B 416 2.96 -52.78 0.34
N LYS B 417 2.70 -54.04 0.03
CA LYS B 417 3.57 -54.89 -0.78
C LYS B 417 2.78 -56.15 -1.12
N GLY B 418 2.83 -56.57 -2.38
CA GLY B 418 2.12 -57.76 -2.85
C GLY B 418 0.61 -57.68 -2.70
N HIS B 419 0.02 -58.76 -2.20
CA HIS B 419 -1.41 -58.82 -1.92
C HIS B 419 -1.74 -58.34 -0.49
N TYR B 420 -0.78 -57.69 0.17
CA TYR B 420 -0.94 -57.34 1.59
C TYR B 420 -0.71 -55.88 1.89
N ALA B 421 -1.61 -55.33 2.70
CA ALA B 421 -1.42 -54.03 3.28
C ALA B 421 -1.04 -54.25 4.73
N PHE B 422 0.20 -53.90 5.06
CA PHE B 422 0.71 -54.10 6.41
C PHE B 422 0.42 -52.92 7.32
N ILE B 423 -0.80 -52.94 7.87
CA ILE B 423 -1.20 -51.96 8.85
C ILE B 423 -0.53 -52.26 10.19
N SER B 424 -0.01 -51.22 10.82
CA SER B 424 0.63 -51.36 12.13
C SER B 424 -0.39 -51.62 13.23
N HIS B 425 0.10 -52.09 14.37
CA HIS B 425 -0.67 -52.10 15.59
C HIS B 425 -0.90 -50.66 16.06
N HIS B 426 -1.88 -50.49 16.95
CA HIS B 426 -2.17 -49.20 17.55
C HIS B 426 -0.91 -48.52 18.09
N ILE B 427 -0.71 -47.26 17.70
CA ILE B 427 0.44 -46.48 18.14
C ILE B 427 0.02 -45.45 19.19
N GLY B 428 -1.17 -44.88 19.02
CA GLY B 428 -1.69 -43.86 19.94
C GLY B 428 -1.77 -42.50 19.29
N ASP B 429 -2.08 -41.48 20.08
CA ASP B 429 -2.17 -40.11 19.56
C ASP B 429 -0.77 -39.58 19.31
N LEU B 430 -0.51 -39.20 18.06
CA LEU B 430 0.81 -38.70 17.67
C LEU B 430 0.96 -37.21 17.97
N ASP B 431 1.19 -36.90 19.24
CA ASP B 431 1.32 -35.51 19.67
C ASP B 431 2.42 -35.33 20.70
N ASN B 432 3.22 -36.37 20.91
CA ASN B 432 4.29 -36.30 21.90
C ASN B 432 5.52 -37.10 21.52
N GLU B 433 6.63 -36.83 22.22
CA GLU B 433 7.95 -37.34 21.88
C GLU B 433 8.03 -38.87 21.94
N LYS B 434 7.49 -39.45 23.01
CA LYS B 434 7.55 -40.89 23.21
C LYS B 434 6.66 -41.63 22.23
N ALA B 435 5.56 -40.99 21.84
CA ALA B 435 4.66 -41.51 20.82
C ALA B 435 5.34 -41.50 19.45
N PHE B 436 6.01 -40.39 19.15
CA PHE B 436 6.66 -40.24 17.87
C PHE B 436 7.84 -41.20 17.69
N ASN B 437 8.68 -41.29 18.72
CA ASN B 437 9.83 -42.22 18.70
C ASN B 437 9.34 -43.63 18.46
N TYR B 438 8.36 -44.03 19.25
CA TYR B 438 7.70 -45.33 19.13
C TYR B 438 7.20 -45.56 17.70
N TYR B 439 6.60 -44.51 17.13
CA TYR B 439 6.09 -44.50 15.75
C TYR B 439 7.21 -44.71 14.73
N ILE B 440 8.29 -43.95 14.88
CA ILE B 440 9.48 -44.11 14.03
C ILE B 440 10.03 -45.55 14.05
N GLU B 441 10.37 -46.00 15.26
CA GLU B 441 10.96 -47.31 15.46
C GLU B 441 10.15 -48.43 14.82
N GLN B 442 8.83 -48.34 14.94
CA GLN B 442 7.94 -49.37 14.42
C GLN B 442 7.85 -49.37 12.90
N ILE B 443 7.89 -48.20 12.28
CA ILE B 443 7.95 -48.11 10.83
C ILE B 443 9.18 -48.89 10.34
N GLU B 444 10.33 -48.59 10.94
CA GLU B 444 11.57 -49.29 10.64
C GLU B 444 11.47 -50.79 10.93
N ARG B 445 10.84 -51.14 12.05
CA ARG B 445 10.68 -52.55 12.45
C ARG B 445 9.80 -53.34 11.49
N TYR B 446 8.72 -52.72 11.01
CA TYR B 446 7.81 -53.33 10.04
C TYR B 446 8.42 -53.48 8.66
N LYS B 447 9.36 -52.59 8.31
CA LYS B 447 10.11 -52.67 7.07
C LYS B 447 10.98 -53.93 7.05
N LYS B 448 11.72 -54.15 8.14
CA LYS B 448 12.59 -55.32 8.27
C LYS B 448 11.80 -56.61 8.32
N LEU B 449 10.68 -56.59 9.03
CA LEU B 449 9.92 -57.80 9.29
C LEU B 449 9.16 -58.29 8.06
N PHE B 450 8.92 -57.39 7.11
CA PHE B 450 8.16 -57.72 5.91
C PHE B 450 8.86 -57.35 4.61
N ARG B 451 10.13 -56.95 4.73
CA ARG B 451 11.00 -56.60 3.58
C ARG B 451 10.36 -55.59 2.63
N VAL B 452 9.78 -54.55 3.20
CA VAL B 452 9.08 -53.51 2.46
C VAL B 452 9.97 -52.27 2.34
N ASP B 453 10.01 -51.70 1.14
CA ASP B 453 10.67 -50.42 0.91
C ASP B 453 9.73 -49.48 0.17
N PRO B 454 9.22 -48.45 0.87
CA PRO B 454 8.23 -47.51 0.32
C PRO B 454 8.75 -46.66 -0.85
N GLU B 455 7.91 -46.50 -1.86
CA GLU B 455 8.25 -45.73 -3.06
C GLU B 455 7.50 -44.41 -3.12
N VAL B 456 6.42 -44.32 -2.34
CA VAL B 456 5.63 -43.09 -2.20
C VAL B 456 4.93 -43.04 -0.84
N VAL B 457 4.88 -41.84 -0.27
CA VAL B 457 4.19 -41.60 0.99
C VAL B 457 2.77 -41.11 0.77
N ALA B 458 1.82 -41.67 1.52
CA ALA B 458 0.46 -41.14 1.57
C ALA B 458 0.18 -40.51 2.94
N HIS B 459 -0.20 -39.23 2.93
CA HIS B 459 -0.54 -38.52 4.16
C HIS B 459 -1.94 -37.91 4.12
N ASP B 460 -2.43 -37.56 5.32
CA ASP B 460 -3.67 -36.81 5.47
C ASP B 460 -3.44 -35.38 4.99
N MET B 461 -4.48 -34.76 4.42
CA MET B 461 -4.40 -33.37 3.97
C MET B 461 -4.13 -32.33 5.07
N HIS B 462 -4.47 -32.67 6.31
CA HIS B 462 -4.24 -31.78 7.44
C HIS B 462 -2.76 -31.47 7.54
N LYS B 463 -2.44 -30.18 7.58
CA LYS B 463 -1.05 -29.75 7.55
C LYS B 463 -0.35 -29.80 8.91
N GLY B 464 -1.12 -29.98 9.99
CA GLY B 464 -0.61 -29.93 11.36
C GLY B 464 -0.37 -31.27 12.07
N TYR B 465 -0.76 -32.37 11.43
CA TYR B 465 -0.50 -33.71 11.97
C TYR B 465 1.00 -34.00 11.97
N LEU B 466 1.48 -34.66 13.02
CA LEU B 466 2.85 -35.14 13.02
C LEU B 466 3.06 -36.12 11.86
N SER B 467 2.12 -37.05 11.67
CA SER B 467 2.18 -38.00 10.58
C SER B 467 2.39 -37.31 9.22
N THR B 468 1.79 -36.13 9.08
CA THR B 468 1.96 -35.33 7.88
C THR B 468 3.36 -34.75 7.77
N GLN B 469 3.90 -34.25 8.88
CA GLN B 469 5.25 -33.66 8.91
C GLN B 469 6.35 -34.67 8.64
N TYR B 470 6.21 -35.85 9.22
CA TYR B 470 7.14 -36.95 8.95
C TYR B 470 7.08 -37.34 7.48
N ALA B 471 5.87 -37.34 6.93
CA ALA B 471 5.68 -37.60 5.50
C ALA B 471 6.28 -36.47 4.65
N LYS B 472 6.29 -35.25 5.18
CA LYS B 472 6.91 -34.08 4.53
C LYS B 472 8.44 -34.20 4.49
N SER B 473 9.01 -34.67 5.58
CA SER B 473 10.47 -34.74 5.75
C SER B 473 11.13 -35.84 4.91
N LEU B 474 10.36 -36.85 4.55
CA LEU B 474 10.88 -37.97 3.73
C LEU B 474 11.12 -37.54 2.29
N ASP B 475 12.28 -37.93 1.76
CA ASP B 475 12.64 -37.62 0.37
C ASP B 475 11.94 -38.58 -0.59
N LEU B 476 10.61 -38.56 -0.55
CA LEU B 476 9.76 -39.35 -1.45
C LEU B 476 8.65 -38.47 -2.03
N PRO B 477 8.11 -38.85 -3.20
CA PRO B 477 6.92 -38.15 -3.72
C PRO B 477 5.75 -38.33 -2.77
N LYS B 478 4.85 -37.35 -2.75
CA LYS B 478 3.77 -37.30 -1.77
C LYS B 478 2.37 -37.34 -2.40
N ILE B 479 1.47 -38.14 -1.83
CA ILE B 479 0.05 -38.14 -2.19
C ILE B 479 -0.78 -37.79 -0.96
N GLU B 480 -1.44 -36.65 -1.01
CA GLU B 480 -2.30 -36.25 0.08
C GLU B 480 -3.72 -36.78 -0.10
N VAL B 481 -4.31 -37.25 1.00
CA VAL B 481 -5.63 -37.86 0.97
C VAL B 481 -6.53 -37.21 2.01
N GLN B 482 -7.76 -36.90 1.61
CA GLN B 482 -8.73 -36.29 2.51
C GLN B 482 -9.14 -37.30 3.55
N HIS B 483 -9.20 -36.83 4.80
CA HIS B 483 -9.47 -37.65 5.97
C HIS B 483 -10.66 -38.62 5.83
N HIS B 484 -11.81 -38.08 5.46
CA HIS B 484 -13.06 -38.85 5.45
C HIS B 484 -13.17 -39.71 4.22
N HIS B 485 -12.53 -39.27 3.14
CA HIS B 485 -12.34 -40.10 1.97
C HIS B 485 -11.58 -41.33 2.43
N ALA B 486 -10.51 -41.13 3.20
CA ALA B 486 -9.74 -42.24 3.75
C ALA B 486 -10.60 -43.19 4.59
N HIS B 487 -11.44 -42.65 5.47
CA HIS B 487 -12.37 -43.47 6.26
C HIS B 487 -13.17 -44.45 5.40
N ILE B 488 -13.92 -43.89 4.44
CA ILE B 488 -14.74 -44.66 3.52
C ILE B 488 -13.94 -45.73 2.77
N ALA B 489 -12.72 -45.39 2.36
CA ALA B 489 -11.88 -46.32 1.60
C ALA B 489 -11.30 -47.47 2.45
N SER B 490 -11.16 -47.23 3.74
CA SER B 490 -10.64 -48.24 4.65
C SER B 490 -11.64 -49.39 4.79
N CYS B 491 -12.93 -49.06 4.73
CA CYS B 491 -13.99 -50.05 4.71
C CYS B 491 -14.07 -50.74 3.34
N MET B 492 -13.88 -49.97 2.27
CA MET B 492 -13.90 -50.49 0.91
C MET B 492 -12.79 -51.52 0.70
N ALA B 493 -11.60 -51.22 1.19
CA ALA B 493 -10.48 -52.17 1.13
C ALA B 493 -10.87 -53.51 1.76
N GLU B 494 -11.49 -53.46 2.93
CA GLU B 494 -11.95 -54.65 3.65
C GLU B 494 -12.87 -55.56 2.84
N HIS B 495 -13.65 -54.96 1.93
CA HIS B 495 -14.62 -55.72 1.13
C HIS B 495 -14.21 -55.75 -0.35
N ASN B 496 -12.97 -55.36 -0.60
CA ASN B 496 -12.38 -55.29 -1.94
C ASN B 496 -13.27 -54.57 -2.96
N LEU B 497 -13.80 -53.43 -2.54
CA LEU B 497 -14.63 -52.61 -3.43
C LEU B 497 -13.80 -51.60 -4.20
N ASP B 498 -14.14 -51.45 -5.47
CA ASP B 498 -13.43 -50.55 -6.37
C ASP B 498 -14.42 -49.97 -7.39
N GLU B 499 -15.36 -49.19 -6.87
CA GLU B 499 -16.40 -48.54 -7.65
C GLU B 499 -16.90 -47.33 -6.87
N LYS B 500 -17.56 -46.39 -7.55
CA LYS B 500 -18.21 -45.29 -6.88
C LYS B 500 -19.24 -45.81 -5.88
N VAL B 501 -19.15 -45.34 -4.64
CA VAL B 501 -20.11 -45.70 -3.58
C VAL B 501 -20.63 -44.48 -2.81
N ILE B 502 -21.73 -44.68 -2.09
CA ILE B 502 -22.24 -43.69 -1.13
C ILE B 502 -21.50 -43.83 0.18
N GLY B 503 -20.65 -42.85 0.48
CA GLY B 503 -19.81 -42.89 1.66
C GLY B 503 -20.30 -41.96 2.75
N ILE B 504 -20.79 -42.54 3.82
CA ILE B 504 -21.25 -41.77 4.98
C ILE B 504 -20.15 -41.80 6.04
N ALA B 505 -19.45 -40.68 6.18
CA ALA B 505 -18.35 -40.53 7.13
C ALA B 505 -18.72 -39.54 8.24
N TYR B 506 -18.97 -40.08 9.43
CA TYR B 506 -19.34 -39.31 10.60
C TYR B 506 -18.27 -39.46 11.67
N ASP B 507 -17.66 -38.34 12.09
CA ASP B 507 -16.71 -38.33 13.21
C ASP B 507 -16.64 -36.95 13.92
N GLY B 508 -15.54 -36.71 14.65
CA GLY B 508 -15.31 -35.42 15.31
C GLY B 508 -14.66 -34.36 14.44
N THR B 509 -13.44 -34.64 13.98
CA THR B 509 -12.68 -33.70 13.14
C THR B 509 -11.97 -34.39 11.98
N GLY B 510 -11.86 -33.66 10.88
CA GLY B 510 -10.96 -33.99 9.79
C GLY B 510 -10.87 -32.75 8.92
N TYR B 511 -9.68 -32.47 8.41
CA TYR B 511 -9.45 -31.30 7.56
C TYR B 511 -10.08 -31.50 6.19
N GLY B 512 -11.02 -30.62 5.83
CA GLY B 512 -11.70 -30.69 4.53
C GLY B 512 -10.99 -29.87 3.47
N THR B 513 -11.35 -30.11 2.21
CA THR B 513 -10.70 -29.47 1.07
C THR B 513 -11.01 -27.99 0.98
N ASP B 514 -12.10 -27.56 1.63
CA ASP B 514 -12.48 -26.14 1.65
C ASP B 514 -11.87 -25.39 2.85
N GLY B 515 -10.93 -26.04 3.54
CA GLY B 515 -10.23 -25.43 4.67
C GLY B 515 -10.93 -25.55 6.01
N ASN B 516 -12.20 -25.96 5.98
CA ASN B 516 -13.00 -26.08 7.20
C ASN B 516 -12.98 -27.49 7.78
N VAL B 517 -13.43 -27.62 9.03
CA VAL B 517 -13.48 -28.92 9.70
C VAL B 517 -14.66 -29.74 9.20
N TRP B 518 -14.39 -30.98 8.79
CA TRP B 518 -15.42 -31.92 8.32
C TRP B 518 -15.63 -33.02 9.35
N GLY B 519 -16.67 -33.84 9.13
CA GLY B 519 -17.07 -34.86 10.10
C GLY B 519 -18.53 -35.28 10.08
N ALA B 520 -19.30 -34.75 9.13
CA ALA B 520 -20.71 -35.12 8.96
C ALA B 520 -21.03 -35.17 7.48
N GLU B 521 -20.23 -35.94 6.76
CA GLU B 521 -20.19 -35.88 5.31
C GLU B 521 -20.89 -37.06 4.65
N ILE B 522 -21.48 -36.80 3.50
CA ILE B 522 -21.86 -37.88 2.61
C ILE B 522 -21.19 -37.62 1.29
N LEU B 523 -20.44 -38.61 0.85
CA LEU B 523 -19.60 -38.50 -0.33
C LEU B 523 -20.00 -39.53 -1.37
N VAL B 524 -19.88 -39.15 -2.64
CA VAL B 524 -19.86 -40.09 -3.73
C VAL B 524 -18.40 -40.25 -4.10
N CYS B 525 -17.86 -41.44 -3.83
CA CYS B 525 -16.44 -41.66 -4.05
C CYS B 525 -16.11 -43.08 -4.52
N ASP B 526 -15.09 -43.18 -5.36
CA ASP B 526 -14.37 -44.43 -5.57
C ASP B 526 -13.05 -44.30 -4.82
N LEU B 527 -12.05 -45.10 -5.18
CA LEU B 527 -10.76 -45.04 -4.51
C LEU B 527 -9.86 -43.94 -5.10
N LYS B 528 -10.36 -43.24 -6.13
CA LYS B 528 -9.53 -42.27 -6.84
C LYS B 528 -9.80 -40.85 -6.38
N SER B 529 -11.07 -40.48 -6.35
CA SER B 529 -11.51 -39.15 -5.95
C SER B 529 -12.85 -39.25 -5.22
N PHE B 530 -13.41 -38.09 -4.90
CA PHE B 530 -14.70 -38.03 -4.22
C PHE B 530 -15.46 -36.77 -4.63
N GLU B 531 -16.79 -36.83 -4.55
CA GLU B 531 -17.64 -35.65 -4.67
C GLU B 531 -18.44 -35.51 -3.38
N ARG B 532 -18.46 -34.30 -2.82
CA ARG B 532 -19.14 -34.03 -1.55
C ARG B 532 -20.63 -33.67 -1.77
N ILE B 533 -21.51 -34.60 -1.45
CA ILE B 533 -22.94 -34.45 -1.77
C ILE B 533 -23.77 -33.89 -0.61
N ALA B 534 -23.46 -34.32 0.61
CA ALA B 534 -24.19 -33.83 1.78
C ALA B 534 -23.32 -33.56 3.01
N HIS B 535 -23.72 -32.56 3.78
CA HIS B 535 -23.12 -32.24 5.07
C HIS B 535 -24.08 -31.46 5.94
N LEU B 536 -23.72 -31.31 7.21
CA LEU B 536 -24.45 -30.47 8.13
C LEU B 536 -24.03 -29.01 7.94
N LYS B 537 -24.94 -28.09 8.23
CA LYS B 537 -24.63 -26.66 8.12
C LYS B 537 -23.46 -26.28 9.02
N TYR B 538 -22.52 -25.53 8.46
CA TYR B 538 -21.34 -25.11 9.21
C TYR B 538 -21.69 -24.28 10.44
N LYS B 539 -21.15 -24.69 11.58
CA LYS B 539 -21.29 -23.95 12.83
C LYS B 539 -19.91 -23.55 13.36
N PRO B 540 -19.80 -22.34 13.96
CA PRO B 540 -18.56 -21.90 14.60
C PRO B 540 -18.18 -22.78 15.78
N LEU B 541 -16.89 -23.09 15.92
CA LEU B 541 -16.40 -23.78 17.11
C LEU B 541 -15.42 -22.89 17.86
N PRO B 542 -15.97 -22.04 18.77
CA PRO B 542 -15.23 -20.95 19.42
C PRO B 542 -14.14 -21.46 20.37
N GLY B 543 -12.89 -21.24 19.98
CA GLY B 543 -11.75 -21.66 20.79
C GLY B 543 -11.12 -22.98 20.39
N ASN B 544 -11.66 -23.62 19.35
CA ASN B 544 -11.16 -24.90 18.83
C ASN B 544 -11.06 -26.03 19.87
N GLU B 545 -9.85 -26.44 20.23
CA GLU B 545 -9.67 -27.55 21.17
C GLU B 545 -10.29 -27.28 22.55
N LEU B 546 -10.40 -26.01 22.90
CA LEU B 546 -11.04 -25.64 24.16
C LEU B 546 -12.52 -26.02 24.12
N ALA B 547 -13.18 -25.81 22.99
CA ALA B 547 -14.60 -26.15 22.85
C ALA B 547 -14.84 -27.67 22.84
N ILE B 548 -13.80 -28.42 22.50
CA ILE B 548 -13.90 -29.89 22.49
C ILE B 548 -13.77 -30.45 23.92
N LYS B 549 -13.08 -29.71 24.78
CA LYS B 549 -13.00 -30.04 26.20
C LYS B 549 -14.20 -29.44 26.94
N LYS B 550 -14.38 -28.12 26.79
CA LYS B 550 -15.53 -27.43 27.34
C LYS B 550 -16.63 -27.41 26.30
N ILE B 551 -17.40 -28.49 26.26
CA ILE B 551 -18.39 -28.69 25.21
C ILE B 551 -19.60 -27.75 25.28
N TYR B 552 -19.75 -26.99 26.37
CA TYR B 552 -20.78 -25.97 26.41
C TYR B 552 -20.47 -24.86 25.42
N ARG B 553 -19.19 -24.68 25.10
CA ARG B 553 -18.74 -23.77 24.05
C ARG B 553 -19.15 -24.24 22.66
N THR B 554 -19.09 -25.55 22.44
CA THR B 554 -19.56 -26.20 21.22
C THR B 554 -21.06 -25.92 21.03
N ALA B 555 -21.82 -26.08 22.11
CA ALA B 555 -23.24 -25.73 22.14
C ALA B 555 -23.47 -24.26 21.75
N LEU B 556 -22.68 -23.37 22.33
CA LEU B 556 -22.78 -21.94 22.00
C LEU B 556 -22.59 -21.63 20.51
N GLY B 557 -21.61 -22.27 19.88
CA GLY B 557 -21.35 -22.08 18.46
C GLY B 557 -22.51 -22.58 17.63
N PHE B 558 -23.07 -23.72 18.04
CA PHE B 558 -24.19 -24.34 17.33
C PHE B 558 -25.45 -23.52 17.41
N ILE B 559 -25.65 -22.85 18.54
CA ILE B 559 -26.86 -22.08 18.76
C ILE B 559 -26.65 -20.58 18.50
N PHE B 560 -25.41 -20.21 18.18
CA PHE B 560 -25.02 -18.80 18.06
C PHE B 560 -26.03 -17.85 17.41
N ASP B 561 -26.44 -18.11 16.16
CA ASP B 561 -27.26 -17.13 15.44
C ASP B 561 -28.75 -17.15 15.83
N ASN B 562 -29.04 -17.81 16.95
CA ASN B 562 -30.38 -17.94 17.51
C ASN B 562 -30.32 -18.00 19.05
N ILE B 563 -29.40 -17.23 19.61
CA ILE B 563 -29.10 -17.22 21.06
C ILE B 563 -30.33 -17.06 21.96
N SER B 564 -31.18 -16.08 21.66
CA SER B 564 -32.24 -15.68 22.56
C SER B 564 -33.21 -16.81 22.89
N PHE B 565 -33.25 -17.82 22.02
CA PHE B 565 -34.13 -18.97 22.19
C PHE B 565 -33.64 -19.91 23.31
N TYR B 566 -32.35 -19.86 23.58
CA TYR B 566 -31.72 -20.76 24.55
C TYR B 566 -31.37 -20.01 25.83
N LYS B 567 -32.26 -19.11 26.23
CA LYS B 567 -32.05 -18.16 27.32
C LYS B 567 -31.56 -18.80 28.62
N ASN B 568 -32.19 -19.89 29.03
CA ASN B 568 -31.89 -20.50 30.30
C ASN B 568 -30.47 -21.07 30.38
N PHE B 569 -30.02 -21.66 29.28
CA PHE B 569 -28.68 -22.21 29.19
C PHE B 569 -27.61 -21.11 29.10
N VAL B 570 -27.88 -20.09 28.27
CA VAL B 570 -26.90 -19.03 28.03
C VAL B 570 -26.72 -18.08 29.22
N GLU B 571 -27.78 -17.93 30.02
CA GLU B 571 -27.76 -17.11 31.23
C GLU B 571 -26.83 -17.68 32.29
N GLN B 572 -26.65 -19.00 32.27
CA GLN B 572 -25.76 -19.68 33.20
C GLN B 572 -24.31 -19.72 32.75
N VAL B 573 -24.02 -19.09 31.61
CA VAL B 573 -22.64 -18.87 31.17
C VAL B 573 -22.12 -17.58 31.81
N ASP B 574 -20.92 -17.65 32.39
CA ASP B 574 -20.27 -16.49 32.98
C ASP B 574 -20.30 -15.33 31.99
N SER B 575 -20.80 -14.19 32.45
CA SER B 575 -21.04 -13.03 31.60
C SER B 575 -19.80 -12.54 30.84
N ARG B 576 -18.65 -12.59 31.50
CA ARG B 576 -17.38 -12.16 30.91
C ARG B 576 -16.94 -13.12 29.78
N GLU B 577 -16.97 -14.42 30.07
CA GLU B 577 -16.61 -15.46 29.10
C GLU B 577 -17.54 -15.45 27.88
N LEU B 578 -18.84 -15.31 28.13
CA LEU B 578 -19.83 -15.28 27.07
C LEU B 578 -19.55 -14.16 26.08
N ASP B 579 -19.35 -12.95 26.60
CA ASP B 579 -19.02 -11.78 25.78
C ASP B 579 -17.79 -12.02 24.90
N ILE B 580 -16.80 -12.71 25.46
CA ILE B 580 -15.59 -13.10 24.74
C ILE B 580 -15.92 -14.14 23.65
N ILE B 581 -16.71 -15.16 24.00
CA ILE B 581 -17.12 -16.20 23.07
C ILE B 581 -17.92 -15.66 21.89
N LEU B 582 -18.89 -14.78 22.16
CA LEU B 582 -19.72 -14.21 21.11
C LEU B 582 -18.90 -13.32 20.20
N LYS B 583 -17.88 -12.67 20.76
CA LYS B 583 -16.94 -11.89 19.97
C LYS B 583 -16.00 -12.76 19.14
N GLN B 584 -15.53 -13.85 19.73
CA GLN B 584 -14.72 -14.84 19.03
C GLN B 584 -15.39 -15.30 17.75
N ILE B 585 -16.68 -15.58 17.84
CA ILE B 585 -17.48 -16.04 16.70
C ILE B 585 -17.64 -14.92 15.69
N ASP B 586 -18.02 -13.73 16.17
CA ASP B 586 -18.30 -12.60 15.32
C ASP B 586 -17.08 -12.15 14.51
N ARG B 587 -15.90 -12.16 15.14
CA ARG B 587 -14.68 -11.67 14.50
C ARG B 587 -13.76 -12.80 14.01
N LYS B 588 -14.22 -14.05 14.14
CA LYS B 588 -13.53 -15.25 13.61
C LYS B 588 -12.16 -15.51 14.25
N ILE B 589 -12.00 -15.10 15.50
CA ILE B 589 -10.77 -15.32 16.26
C ILE B 589 -10.74 -16.74 16.81
N ASN B 590 -9.75 -17.53 16.35
CA ASN B 590 -9.57 -18.90 16.82
C ASN B 590 -10.89 -19.71 16.82
N THR B 591 -11.59 -19.64 15.70
CA THR B 591 -12.88 -20.28 15.57
C THR B 591 -13.00 -20.92 14.20
N ALA B 592 -13.08 -22.24 14.18
CA ALA B 592 -13.23 -22.96 12.92
C ALA B 592 -14.69 -23.18 12.66
N TYR B 593 -15.06 -23.26 11.38
CA TYR B 593 -16.40 -23.64 11.02
C TYR B 593 -16.43 -25.15 10.88
N VAL B 594 -17.40 -25.79 11.54
CA VAL B 594 -17.45 -27.24 11.60
C VAL B 594 -18.71 -27.86 11.02
N SER B 595 -18.52 -28.96 10.31
CA SER B 595 -19.56 -29.90 9.96
C SER B 595 -19.08 -31.19 10.62
N SER B 596 -19.74 -31.60 11.70
CA SER B 596 -19.20 -32.67 12.54
C SER B 596 -20.24 -33.38 13.38
N MET B 597 -20.32 -34.71 13.22
CA MET B 597 -21.26 -35.49 13.99
C MET B 597 -20.85 -35.53 15.47
N GLY B 598 -19.55 -35.63 15.74
CA GLY B 598 -19.05 -35.61 17.10
C GLY B 598 -19.50 -34.35 17.81
N ARG B 599 -19.22 -33.20 17.20
CA ARG B 599 -19.61 -31.92 17.78
C ARG B 599 -21.12 -31.75 17.98
N PHE B 600 -21.92 -32.31 17.06
CA PHE B 600 -23.38 -32.27 17.15
C PHE B 600 -23.80 -32.95 18.44
N PHE B 601 -23.29 -34.15 18.67
CA PHE B 601 -23.57 -34.90 19.88
C PHE B 601 -23.14 -34.12 21.13
N ASP B 602 -21.96 -33.51 21.07
CA ASP B 602 -21.47 -32.69 22.18
C ASP B 602 -22.42 -31.57 22.55
N ALA B 603 -22.99 -30.92 21.52
CA ALA B 603 -23.91 -29.82 21.72
C ALA B 603 -25.20 -30.28 22.43
N VAL B 604 -25.69 -31.45 22.03
CA VAL B 604 -26.87 -32.05 22.64
C VAL B 604 -26.57 -32.36 24.11
N ALA B 605 -25.44 -33.01 24.35
CA ALA B 605 -25.01 -33.37 25.70
C ALA B 605 -24.90 -32.15 26.62
N ALA B 606 -24.41 -31.04 26.07
CA ALA B 606 -24.24 -29.82 26.83
C ALA B 606 -25.59 -29.17 27.11
N LEU B 607 -26.40 -29.00 26.07
CA LEU B 607 -27.73 -28.39 26.21
C LEU B 607 -28.63 -29.08 27.22
N ILE B 608 -28.63 -30.41 27.22
CA ILE B 608 -29.54 -31.17 28.08
C ILE B 608 -28.87 -31.66 29.37
N GLY B 609 -27.81 -30.96 29.77
CA GLY B 609 -27.16 -31.19 31.07
C GLY B 609 -26.58 -32.56 31.32
N VAL B 610 -26.13 -33.24 30.26
CA VAL B 610 -25.36 -34.47 30.43
C VAL B 610 -23.97 -34.14 30.97
N ARG B 611 -23.32 -33.14 30.37
CA ARG B 611 -21.97 -32.75 30.75
C ARG B 611 -21.62 -31.39 30.19
N LYS B 612 -20.98 -30.56 31.03
CA LYS B 612 -20.48 -29.25 30.62
C LYS B 612 -19.05 -29.35 30.09
N GLU B 613 -18.25 -30.20 30.72
CA GLU B 613 -16.83 -30.39 30.39
C GLU B 613 -16.44 -31.86 30.37
N VAL B 614 -15.61 -32.26 29.41
CA VAL B 614 -15.13 -33.64 29.32
C VAL B 614 -13.65 -33.78 29.69
N LEU B 615 -13.26 -35.00 30.05
CA LEU B 615 -11.85 -35.33 30.35
C LEU B 615 -11.15 -35.98 29.14
N PHE B 616 -11.93 -36.43 28.17
CA PHE B 616 -11.41 -36.90 26.87
C PHE B 616 -12.44 -36.70 25.78
N GLU B 617 -11.95 -36.42 24.58
CA GLU B 617 -12.77 -36.30 23.38
C GLU B 617 -13.71 -37.52 23.27
N GLY B 618 -14.99 -37.26 23.03
CA GLY B 618 -15.97 -38.33 22.88
C GLY B 618 -16.62 -38.85 24.14
N GLN B 619 -16.20 -38.33 25.30
CA GLN B 619 -16.77 -38.74 26.58
C GLN B 619 -18.29 -38.50 26.65
N ALA B 620 -18.70 -37.30 26.25
CA ALA B 620 -20.12 -36.96 26.21
C ALA B 620 -20.88 -37.83 25.22
N ALA B 621 -20.22 -38.13 24.09
CA ALA B 621 -20.77 -38.98 23.03
C ALA B 621 -21.18 -40.38 23.55
N MET B 622 -20.25 -41.06 24.21
CA MET B 622 -20.50 -42.37 24.80
C MET B 622 -21.56 -42.35 25.90
N GLU B 623 -21.52 -41.34 26.76
CA GLU B 623 -22.43 -41.27 27.89
C GLU B 623 -23.85 -41.06 27.42
N LEU B 624 -23.99 -40.32 26.33
CA LEU B 624 -25.26 -40.02 25.73
C LEU B 624 -25.87 -41.28 25.11
N GLU B 625 -25.01 -42.16 24.60
CA GLU B 625 -25.44 -43.43 24.04
C GLU B 625 -25.91 -44.40 25.12
N SER B 626 -25.21 -44.42 26.26
CA SER B 626 -25.52 -45.34 27.35
C SER B 626 -26.83 -45.04 28.04
N LEU B 627 -27.09 -43.77 28.31
CA LEU B 627 -28.30 -43.41 29.06
C LEU B 627 -29.56 -43.47 28.22
N MET B 628 -29.42 -43.70 26.92
CA MET B 628 -30.57 -43.66 26.01
C MET B 628 -31.64 -44.72 26.32
N ALA B 629 -32.90 -44.35 26.16
CA ALA B 629 -34.02 -45.26 26.39
C ALA B 629 -34.45 -45.92 25.08
N GLU B 630 -35.35 -46.90 25.16
CA GLU B 630 -35.81 -47.56 23.96
C GLU B 630 -37.02 -46.82 23.40
N SER B 631 -36.88 -46.30 22.18
CA SER B 631 -37.94 -45.51 21.53
C SER B 631 -37.80 -45.47 20.01
N GLU B 632 -38.91 -45.15 19.32
CA GLU B 632 -38.94 -45.00 17.87
C GLU B 632 -39.16 -43.55 17.44
N GLU B 633 -39.47 -42.69 18.42
CA GLU B 633 -39.71 -41.26 18.19
C GLU B 633 -38.46 -40.54 17.68
N TYR B 634 -38.67 -39.49 16.90
CA TYR B 634 -37.58 -38.68 16.36
C TYR B 634 -37.98 -37.21 16.29
N TYR B 635 -37.07 -36.38 15.77
CA TYR B 635 -37.31 -34.96 15.61
C TYR B 635 -37.56 -34.59 14.16
N GLU B 636 -38.20 -33.45 13.94
CA GLU B 636 -38.42 -32.97 12.57
C GLU B 636 -37.15 -32.29 12.04
N TYR B 637 -36.73 -32.73 10.86
CA TYR B 637 -35.56 -32.16 10.21
C TYR B 637 -35.90 -31.64 8.81
N GLU B 638 -35.00 -30.87 8.22
CA GLU B 638 -35.21 -30.32 6.89
C GLU B 638 -33.95 -30.41 6.04
N ILE B 639 -34.11 -30.94 4.84
CA ILE B 639 -33.01 -31.09 3.92
C ILE B 639 -33.11 -30.01 2.83
N LEU B 640 -32.26 -28.98 2.94
CA LEU B 640 -32.19 -27.89 1.95
C LEU B 640 -31.19 -28.21 0.84
N LYS B 641 -31.62 -28.06 -0.40
CA LYS B 641 -30.74 -28.30 -1.54
C LYS B 641 -30.29 -27.00 -2.19
N GLU B 642 -28.97 -26.82 -2.26
CA GLU B 642 -28.37 -25.73 -3.04
C GLU B 642 -27.28 -26.32 -3.96
N ASP B 643 -26.02 -26.05 -3.65
CA ASP B 643 -24.88 -26.68 -4.34
C ASP B 643 -24.80 -28.16 -4.01
N ARG B 644 -25.16 -28.48 -2.77
CA ARG B 644 -25.18 -29.84 -2.23
C ARG B 644 -26.18 -29.94 -1.07
N TYR B 645 -26.49 -31.16 -0.64
CA TYR B 645 -27.49 -31.39 0.40
C TYR B 645 -27.00 -30.97 1.79
N VAL B 646 -27.73 -30.05 2.42
CA VAL B 646 -27.34 -29.52 3.73
C VAL B 646 -28.47 -29.59 4.77
N ILE B 647 -28.10 -29.93 6.00
CA ILE B 647 -29.03 -29.99 7.12
C ILE B 647 -28.58 -29.07 8.26
N ASP B 648 -29.48 -28.20 8.72
CA ASP B 648 -29.17 -27.31 9.84
C ASP B 648 -29.37 -28.03 11.19
N PRO B 649 -28.26 -28.23 11.94
CA PRO B 649 -28.36 -28.91 13.24
C PRO B 649 -29.07 -28.07 14.31
N GLU B 650 -28.94 -26.75 14.23
CA GLU B 650 -29.57 -25.84 15.20
C GLU B 650 -31.08 -26.03 15.22
N LEU B 651 -31.65 -26.28 14.04
CA LEU B 651 -33.07 -26.56 13.87
C LEU B 651 -33.52 -27.79 14.67
N ILE B 652 -32.60 -28.74 14.83
CA ILE B 652 -32.86 -29.93 15.65
C ILE B 652 -32.61 -29.61 17.13
N LEU B 653 -31.65 -28.75 17.41
CA LEU B 653 -31.33 -28.39 18.80
C LEU B 653 -32.48 -27.64 19.50
N ARG B 654 -33.19 -26.80 18.73
CA ARG B 654 -34.36 -26.10 19.23
C ARG B 654 -35.32 -27.08 19.89
N GLN B 655 -35.72 -28.10 19.14
CA GLN B 655 -36.68 -29.08 19.63
C GLN B 655 -36.11 -29.84 20.82
N ILE B 656 -34.82 -30.16 20.75
CA ILE B 656 -34.14 -30.84 21.84
C ILE B 656 -34.24 -30.01 23.13
N TYR B 657 -34.04 -28.71 23.00
CA TYR B 657 -34.03 -27.81 24.15
C TYR B 657 -35.43 -27.62 24.71
N GLU B 658 -36.41 -27.50 23.81
CA GLU B 658 -37.82 -27.44 24.17
C GLU B 658 -38.25 -28.67 24.97
N ASP B 659 -37.75 -29.84 24.58
CA ASP B 659 -38.01 -31.08 25.31
C ASP B 659 -37.39 -31.04 26.70
N TYR B 660 -36.18 -30.49 26.79
CA TYR B 660 -35.45 -30.44 28.05
C TYR B 660 -36.09 -29.47 29.03
N MET B 661 -36.58 -28.35 28.49
CA MET B 661 -37.27 -27.33 29.29
C MET B 661 -38.62 -27.82 29.80
N LYS B 662 -39.24 -28.73 29.07
CA LYS B 662 -40.50 -29.34 29.50
C LYS B 662 -40.26 -30.39 30.59
N GLY B 663 -38.99 -30.63 30.91
CA GLY B 663 -38.60 -31.63 31.90
C GLY B 663 -38.52 -33.06 31.41
N PHE B 664 -38.46 -33.28 30.09
CA PHE B 664 -38.33 -34.64 29.54
C PHE B 664 -37.04 -35.30 30.01
N GLU B 665 -37.10 -36.62 30.21
CA GLU B 665 -35.93 -37.43 30.57
C GLU B 665 -34.82 -37.33 29.52
N LYS B 666 -33.57 -37.22 29.98
CA LYS B 666 -32.42 -37.25 29.10
C LYS B 666 -32.48 -38.47 28.18
N SER B 667 -32.79 -39.62 28.78
CA SER B 667 -32.87 -40.89 28.08
C SER B 667 -33.82 -40.85 26.88
N TYR B 668 -34.93 -40.15 27.05
CA TYR B 668 -35.92 -40.04 25.99
C TYR B 668 -35.42 -39.12 24.86
N ILE B 669 -34.88 -37.96 25.25
CA ILE B 669 -34.29 -36.99 24.31
C ILE B 669 -33.19 -37.66 23.49
N SER B 670 -32.24 -38.27 24.17
CA SER B 670 -31.13 -38.98 23.53
C SER B 670 -31.63 -39.98 22.48
N ALA B 671 -32.61 -40.80 22.87
CA ALA B 671 -33.18 -41.80 21.96
C ALA B 671 -33.72 -41.12 20.71
N LYS B 672 -34.51 -40.08 20.92
CA LYS B 672 -35.07 -39.31 19.80
C LYS B 672 -33.97 -38.72 18.92
N PHE B 673 -32.96 -38.10 19.54
CA PHE B 673 -31.86 -37.54 18.78
C PHE B 673 -31.12 -38.59 17.94
N HIS B 674 -30.83 -39.75 18.52
CA HIS B 674 -30.19 -40.84 17.79
C HIS B 674 -31.03 -41.25 16.58
N ASN B 675 -32.34 -41.41 16.78
CA ASN B 675 -33.25 -41.74 15.68
C ASN B 675 -33.31 -40.67 14.60
N THR B 676 -33.14 -39.42 15.00
CA THR B 676 -33.16 -38.28 14.07
C THR B 676 -32.00 -38.40 13.10
N VAL B 677 -30.81 -38.66 13.65
CA VAL B 677 -29.60 -38.86 12.87
C VAL B 677 -29.78 -40.04 11.93
N VAL B 678 -30.30 -41.15 12.45
CA VAL B 678 -30.53 -42.37 11.68
C VAL B 678 -31.48 -42.08 10.53
N ASN B 679 -32.56 -41.36 10.84
CA ASN B 679 -33.58 -41.05 9.86
C ASN B 679 -33.13 -40.08 8.77
N PHE B 680 -32.41 -39.01 9.13
CA PHE B 680 -31.96 -38.07 8.10
C PHE B 680 -30.85 -38.61 7.22
N THR B 681 -30.02 -39.48 7.78
CA THR B 681 -28.99 -40.19 7.00
C THR B 681 -29.66 -41.16 6.03
N TYR B 682 -30.71 -41.84 6.50
CA TYR B 682 -31.48 -42.76 5.65
C TYR B 682 -32.13 -42.03 4.48
N ASP B 683 -32.81 -40.92 4.78
CA ASP B 683 -33.47 -40.12 3.76
C ASP B 683 -32.47 -39.57 2.76
N LEU B 684 -31.29 -39.21 3.24
CA LEU B 684 -30.23 -38.69 2.39
C LEU B 684 -29.65 -39.76 1.46
N ALA B 685 -29.53 -40.98 1.96
CA ALA B 685 -29.12 -42.11 1.15
C ALA B 685 -30.07 -42.33 -0.03
N ASN B 686 -31.37 -42.37 0.24
CA ASN B 686 -32.39 -42.56 -0.79
C ASN B 686 -32.36 -41.50 -1.89
N LEU B 687 -32.26 -40.23 -1.49
CA LEU B 687 -32.18 -39.12 -2.44
C LEU B 687 -30.98 -39.26 -3.38
N ILE B 688 -29.82 -39.56 -2.81
CA ILE B 688 -28.59 -39.75 -3.59
C ILE B 688 -28.69 -40.96 -4.53
N ARG B 689 -29.27 -42.05 -4.03
CA ARG B 689 -29.50 -43.23 -4.87
C ARG B 689 -30.39 -42.87 -6.07
N LYS B 690 -31.42 -42.06 -5.83
CA LYS B 690 -32.34 -41.65 -6.88
C LYS B 690 -31.65 -40.86 -8.00
N GLU B 691 -30.75 -39.94 -7.63
CA GLU B 691 -30.10 -39.07 -8.62
C GLU B 691 -28.89 -39.71 -9.31
N THR B 692 -28.27 -40.70 -8.65
CA THR B 692 -27.04 -41.33 -9.16
C THR B 692 -27.21 -42.79 -9.60
N GLY B 693 -28.07 -43.53 -8.91
CA GLY B 693 -28.29 -44.94 -9.21
C GLY B 693 -27.48 -45.87 -8.33
N ILE B 694 -26.57 -45.29 -7.54
CA ILE B 694 -25.68 -46.06 -6.69
C ILE B 694 -26.43 -46.71 -5.52
N ASN B 695 -26.15 -47.99 -5.28
CA ASN B 695 -26.85 -48.79 -4.30
C ASN B 695 -25.99 -49.28 -3.13
N LYS B 696 -24.68 -49.05 -3.24
CA LYS B 696 -23.74 -49.43 -2.18
C LYS B 696 -23.48 -48.28 -1.20
N VAL B 697 -23.64 -48.55 0.09
CA VAL B 697 -23.42 -47.54 1.12
C VAL B 697 -22.30 -47.96 2.05
N VAL B 698 -21.33 -47.07 2.24
CA VAL B 698 -20.24 -47.28 3.19
C VAL B 698 -20.41 -46.43 4.45
N LEU B 699 -20.35 -47.08 5.61
CA LEU B 699 -20.47 -46.40 6.91
C LEU B 699 -19.15 -46.41 7.67
N SER B 700 -18.51 -45.25 7.75
CA SER B 700 -17.25 -45.15 8.49
C SER B 700 -17.09 -43.79 9.20
N GLY B 701 -15.97 -43.65 9.92
CA GLY B 701 -15.77 -42.51 10.80
C GLY B 701 -15.99 -42.93 12.23
N GLY B 702 -15.30 -42.27 13.16
CA GLY B 702 -15.38 -42.60 14.58
C GLY B 702 -16.78 -42.64 15.19
N SER B 703 -17.71 -41.86 14.65
CA SER B 703 -19.07 -41.83 15.20
C SER B 703 -19.71 -43.21 15.18
N PHE B 704 -19.35 -44.02 14.19
CA PHE B 704 -19.98 -45.32 14.04
C PHE B 704 -19.50 -46.37 15.05
N GLN B 705 -18.67 -45.91 15.99
CA GLN B 705 -18.36 -46.66 17.21
C GLN B 705 -19.62 -46.76 18.09
N ASN B 706 -20.55 -45.82 17.88
CA ASN B 706 -21.88 -45.85 18.48
C ASN B 706 -22.68 -47.04 17.98
N ARG B 707 -22.93 -48.00 18.86
CA ARG B 707 -23.55 -49.26 18.49
C ARG B 707 -24.96 -49.07 17.90
N TYR B 708 -25.74 -48.21 18.54
CA TYR B 708 -27.11 -47.95 18.12
C TYR B 708 -27.13 -47.33 16.73
N LEU B 709 -26.28 -46.34 16.53
CA LEU B 709 -26.17 -45.61 15.29
C LEU B 709 -25.81 -46.52 14.11
N LEU B 710 -24.91 -47.48 14.35
CA LEU B 710 -24.52 -48.45 13.31
C LEU B 710 -25.60 -49.50 13.06
N ARG B 711 -25.98 -50.24 14.10
CA ARG B 711 -26.98 -51.28 13.96
C ARG B 711 -28.22 -50.75 13.26
N ARG B 712 -28.80 -49.69 13.82
CA ARG B 712 -30.06 -49.14 13.33
C ARG B 712 -29.99 -48.68 11.86
N LEU B 713 -28.89 -48.04 11.51
CA LEU B 713 -28.68 -47.52 10.16
C LEU B 713 -28.48 -48.62 9.12
N ILE B 714 -27.71 -49.66 9.48
CA ILE B 714 -27.55 -50.80 8.60
C ILE B 714 -28.90 -51.44 8.28
N GLU B 715 -29.74 -51.62 9.30
CA GLU B 715 -31.03 -52.27 9.14
C GLU B 715 -32.00 -51.44 8.31
N LYS B 716 -32.16 -50.18 8.68
CA LYS B 716 -33.06 -49.27 7.97
C LYS B 716 -32.73 -49.20 6.49
N LEU B 717 -31.42 -49.14 6.18
CA LEU B 717 -30.94 -49.08 4.81
C LEU B 717 -31.09 -50.42 4.10
N SER B 718 -30.79 -51.51 4.79
CA SER B 718 -30.87 -52.85 4.22
C SER B 718 -32.31 -53.19 3.84
N LEU B 719 -33.23 -52.90 4.76
CA LEU B 719 -34.64 -53.14 4.51
C LEU B 719 -35.20 -52.26 3.38
N SER B 720 -34.36 -51.38 2.84
CA SER B 720 -34.77 -50.47 1.78
C SER B 720 -34.03 -50.74 0.47
N GLY B 721 -33.23 -51.81 0.45
CA GLY B 721 -32.58 -52.29 -0.77
C GLY B 721 -31.10 -52.00 -0.94
N PHE B 722 -30.53 -51.24 -0.01
CA PHE B 722 -29.12 -50.86 -0.08
C PHE B 722 -28.19 -52.03 0.26
N GLU B 723 -27.00 -52.02 -0.36
CA GLU B 723 -25.93 -52.92 0.04
C GLU B 723 -25.01 -52.12 0.97
N VAL B 724 -25.10 -52.40 2.28
CA VAL B 724 -24.43 -51.60 3.32
C VAL B 724 -23.16 -52.26 3.89
N TYR B 725 -22.07 -51.49 3.90
CA TYR B 725 -20.78 -51.97 4.36
C TYR B 725 -20.19 -51.07 5.45
N SER B 726 -19.59 -51.70 6.47
CA SER B 726 -18.84 -50.98 7.49
C SER B 726 -17.63 -51.77 7.95
N ASN B 727 -16.80 -51.13 8.77
CA ASN B 727 -15.53 -51.68 9.23
C ASN B 727 -15.64 -52.85 10.21
N SER B 728 -14.67 -53.76 10.14
CA SER B 728 -14.64 -54.96 10.98
C SER B 728 -13.21 -55.43 11.21
N LYS B 729 -12.38 -55.35 10.18
CA LYS B 729 -11.00 -55.79 10.29
C LYS B 729 -10.13 -54.64 10.82
N VAL B 730 -10.46 -53.42 10.40
CA VAL B 730 -9.88 -52.21 10.99
C VAL B 730 -11.00 -51.36 11.61
N PRO B 731 -10.66 -50.43 12.55
CA PRO B 731 -11.70 -49.63 13.18
C PRO B 731 -12.35 -48.62 12.23
N CYS B 732 -13.57 -48.22 12.53
CA CYS B 732 -14.20 -47.10 11.84
C CYS B 732 -13.62 -45.76 12.29
N ASN B 733 -12.92 -45.75 13.43
CA ASN B 733 -12.23 -44.55 13.90
C ASN B 733 -10.89 -44.32 13.20
N ASP B 734 -10.16 -43.29 13.62
CA ASP B 734 -8.91 -42.89 12.99
C ASP B 734 -7.83 -43.96 12.96
N GLY B 735 -8.10 -45.10 13.62
CA GLY B 735 -7.24 -46.27 13.55
C GLY B 735 -7.25 -46.91 12.17
N GLY B 736 -8.34 -46.70 11.44
CA GLY B 736 -8.51 -47.29 10.11
C GLY B 736 -7.99 -46.42 8.97
N ILE B 737 -7.63 -45.17 9.29
CA ILE B 737 -7.29 -44.16 8.29
C ILE B 737 -6.21 -44.59 7.30
N SER B 738 -5.15 -45.18 7.82
CA SER B 738 -3.97 -45.52 7.03
C SER B 738 -4.22 -46.60 5.97
N LEU B 739 -5.13 -47.52 6.26
CA LEU B 739 -5.52 -48.53 5.28
C LEU B 739 -6.22 -47.87 4.09
N GLY B 740 -7.11 -46.93 4.40
CA GLY B 740 -7.81 -46.15 3.38
C GLY B 740 -6.86 -45.26 2.61
N GLN B 741 -5.89 -44.66 3.30
CA GLN B 741 -4.90 -43.82 2.66
C GLN B 741 -4.11 -44.64 1.64
N ALA B 742 -3.72 -45.83 2.06
CA ALA B 742 -2.94 -46.74 1.23
C ALA B 742 -3.65 -47.11 -0.08
N VAL B 743 -4.89 -47.59 0.02
CA VAL B 743 -5.63 -48.05 -1.18
C VAL B 743 -6.03 -46.92 -2.14
N ILE B 744 -6.25 -45.71 -1.62
CA ILE B 744 -6.54 -44.54 -2.43
C ILE B 744 -5.30 -44.12 -3.21
N ALA B 745 -4.18 -43.98 -2.51
CA ALA B 745 -2.89 -43.67 -3.12
C ALA B 745 -2.48 -44.71 -4.18
N ASN B 746 -2.87 -45.96 -3.95
CA ASN B 746 -2.60 -47.07 -4.87
C ASN B 746 -3.42 -46.98 -6.16
N LYS B 747 -4.70 -46.66 -6.02
CA LYS B 747 -5.59 -46.47 -7.18
C LYS B 747 -5.11 -45.28 -8.03
N ILE B 748 -4.67 -44.22 -7.32
CA ILE B 748 -4.09 -43.03 -7.94
C ILE B 748 -2.88 -43.39 -8.81
N LEU B 749 -1.96 -44.19 -8.26
CA LEU B 749 -0.73 -44.55 -8.95
C LEU B 749 -0.96 -45.41 -10.19
N GLU B 750 -1.72 -46.49 -10.04
CA GLU B 750 -1.93 -47.43 -11.15
C GLU B 750 -2.87 -46.87 -12.23
N GLY B 751 -3.87 -46.11 -11.79
CA GLY B 751 -4.85 -45.47 -12.68
C GLY B 751 -4.24 -44.46 -13.66
N GLY C 1 -1.59 18.82 -2.10
CA GLY C 1 -1.02 19.45 -0.86
C GLY C 1 -0.46 18.44 0.13
N ALA C 2 0.35 17.50 -0.35
CA ALA C 2 1.03 16.52 0.51
C ALA C 2 2.22 17.15 1.26
N LEU C 3 1.89 17.98 2.25
CA LEU C 3 2.87 18.54 3.20
C LEU C 3 3.16 17.55 4.31
N ILE C 4 3.07 16.27 3.95
CA ILE C 4 3.50 15.17 4.80
C ILE C 4 5.03 15.15 4.83
N GLU C 5 5.66 15.45 3.69
CA GLU C 5 7.13 15.46 3.61
C GLU C 5 7.77 16.57 4.45
N GLU C 6 6.94 17.55 4.84
CA GLU C 6 7.35 18.59 5.78
C GLU C 6 7.33 18.08 7.23
N VAL C 7 6.29 17.30 7.57
CA VAL C 7 6.18 16.65 8.88
C VAL C 7 7.34 15.65 9.06
N PHE C 8 7.63 14.89 7.99
CA PHE C 8 8.75 13.97 7.93
C PHE C 8 10.07 14.70 8.23
N ALA C 9 10.30 15.81 7.53
CA ALA C 9 11.57 16.53 7.64
C ALA C 9 11.80 17.18 9.00
N ASP C 10 10.71 17.52 9.70
CA ASP C 10 10.82 18.11 11.02
C ASP C 10 11.24 17.09 12.08
N ALA C 11 10.61 15.91 12.04
CA ALA C 11 10.79 14.91 13.09
C ALA C 11 12.07 14.08 12.96
N PHE C 12 12.44 13.76 11.72
CA PHE C 12 13.68 13.05 11.48
C PHE C 12 14.83 14.00 11.07
N ASP C 13 14.74 15.25 11.54
CA ASP C 13 15.71 16.29 11.19
C ASP C 13 17.11 15.89 11.62
N ASN C 14 18.02 15.86 10.64
CA ASN C 14 19.44 15.59 10.82
C ASN C 14 20.24 15.97 9.56
N GLU C 15 21.56 15.80 9.60
CA GLU C 15 22.44 16.14 8.47
C GLU C 15 22.02 15.42 7.19
N TYR C 16 21.76 14.11 7.32
CA TYR C 16 21.41 13.24 6.18
C TYR C 16 20.10 13.68 5.53
N ILE C 17 19.09 13.94 6.35
CA ILE C 17 17.77 14.35 5.87
C ILE C 17 17.79 15.74 5.25
N ARG C 18 18.32 16.72 5.97
CA ARG C 18 18.46 18.11 5.48
C ARG C 18 19.07 18.19 4.09
N ALA C 19 19.97 17.25 3.79
CA ALA C 19 20.70 17.22 2.52
C ALA C 19 19.76 16.93 1.34
N MET C 20 18.73 16.10 1.57
CA MET C 20 17.74 15.76 0.55
C MET C 20 18.37 15.07 -0.67
N GLU C 21 19.24 14.09 -0.39
CA GLU C 21 19.93 13.29 -1.40
C GLU C 21 19.08 12.12 -1.87
N ASP C 22 19.43 11.56 -3.02
CA ASP C 22 18.84 10.31 -3.54
C ASP C 22 19.17 9.15 -2.62
N ALA C 23 20.27 9.25 -1.90
CA ALA C 23 20.69 8.22 -0.96
C ALA C 23 21.53 8.83 0.15
N ALA C 24 21.43 8.27 1.36
CA ALA C 24 22.34 8.66 2.45
C ALA C 24 23.72 8.05 2.19
N LEU C 25 24.77 8.79 2.51
CA LEU C 25 26.12 8.23 2.43
C LEU C 25 26.65 7.92 3.81
N LEU C 26 26.79 6.63 4.12
CA LEU C 26 27.19 6.22 5.45
C LEU C 26 28.60 5.66 5.47
N PHE C 27 29.31 5.96 6.56
CA PHE C 27 30.69 5.52 6.80
C PHE C 27 31.66 6.08 5.76
N GLY C 28 31.11 6.90 4.86
CA GLY C 28 31.92 7.57 3.85
C GLY C 28 31.96 6.84 2.52
N ASN C 29 31.68 5.53 2.54
CA ASN C 29 31.82 4.72 1.34
C ASN C 29 30.59 3.90 0.96
N ILE C 30 29.65 3.74 1.88
CA ILE C 30 28.42 3.03 1.53
C ILE C 30 27.17 3.92 1.55
N THR C 31 26.26 3.58 0.66
CA THR C 31 25.10 4.36 0.40
C THR C 31 23.83 3.57 0.76
N LEU C 32 22.75 4.29 1.12
CA LEU C 32 21.48 3.66 1.55
C LEU C 32 20.25 4.46 1.11
N THR C 33 19.34 3.77 0.43
CA THR C 33 18.13 4.38 -0.09
C THR C 33 16.91 3.52 0.20
N THR C 34 15.73 4.13 0.11
CA THR C 34 14.49 3.36 0.16
C THR C 34 13.43 4.02 -0.70
N ASP C 35 12.57 3.21 -1.31
CA ASP C 35 11.44 3.73 -2.06
C ASP C 35 10.27 2.75 -2.07
N SER C 36 9.06 3.30 -2.00
CA SER C 36 7.83 2.51 -2.15
C SER C 36 7.32 2.67 -3.56
N PHE C 37 6.56 1.67 -4.02
CA PHE C 37 6.08 1.63 -5.40
C PHE C 37 4.60 1.28 -5.43
N THR C 38 3.80 2.23 -5.90
CA THR C 38 2.34 2.17 -5.76
C THR C 38 1.64 2.36 -7.10
N VAL C 39 2.38 2.14 -8.19
CA VAL C 39 1.90 2.35 -9.55
C VAL C 39 0.67 1.50 -9.88
N LYS C 40 -0.34 2.14 -10.49
CA LYS C 40 -1.45 1.44 -11.14
C LYS C 40 -1.53 1.93 -12.59
N PRO C 41 -1.62 1.00 -13.57
CA PRO C 41 -1.75 -0.44 -13.39
C PRO C 41 -0.41 -1.13 -13.07
N LEU C 42 -0.48 -2.33 -12.52
CA LEU C 42 0.72 -3.06 -12.10
C LEU C 42 1.53 -3.55 -13.30
N PHE C 43 0.83 -3.77 -14.40
CA PHE C 43 1.43 -4.20 -15.66
C PHE C 43 1.08 -3.17 -16.74
N PHE C 44 2.12 -2.58 -17.32
CA PHE C 44 1.96 -1.50 -18.27
C PHE C 44 2.94 -1.70 -19.42
N PRO C 45 2.66 -1.09 -20.58
CA PRO C 45 3.61 -1.23 -21.68
C PRO C 45 5.05 -0.92 -21.25
N GLY C 46 5.96 -1.85 -21.51
CA GLY C 46 7.37 -1.64 -21.24
C GLY C 46 7.83 -2.05 -19.85
N GLY C 47 6.90 -2.51 -19.01
CA GLY C 47 7.26 -2.94 -17.67
C GLY C 47 6.13 -3.37 -16.76
N ASP C 48 6.47 -3.47 -15.47
CA ASP C 48 5.53 -3.77 -14.40
C ASP C 48 6.08 -3.29 -13.06
N ILE C 49 5.27 -3.39 -12.00
CA ILE C 49 5.64 -2.91 -10.67
C ILE C 49 6.92 -3.57 -10.14
N GLY C 50 7.17 -4.82 -10.55
CA GLY C 50 8.33 -5.58 -10.11
C GLY C 50 9.64 -5.03 -10.65
N LYS C 51 9.67 -4.81 -11.96
CA LYS C 51 10.87 -4.29 -12.62
C LYS C 51 11.15 -2.89 -12.10
N LEU C 52 10.08 -2.14 -11.88
CA LEU C 52 10.12 -0.79 -11.35
C LEU C 52 10.73 -0.75 -9.95
N ALA C 53 10.25 -1.64 -9.08
CA ALA C 53 10.69 -1.68 -7.69
C ALA C 53 12.20 -1.90 -7.57
N VAL C 54 12.75 -2.71 -8.48
CA VAL C 54 14.18 -3.00 -8.46
C VAL C 54 14.96 -1.83 -9.05
N CYS C 55 14.64 -1.49 -10.29
CA CYS C 55 15.36 -0.48 -11.04
C CYS C 55 15.44 0.85 -10.32
N GLY C 56 14.31 1.30 -9.78
CA GLY C 56 14.25 2.58 -9.08
C GLY C 56 15.22 2.68 -7.93
N THR C 57 15.32 1.61 -7.16
CA THR C 57 16.22 1.57 -6.02
C THR C 57 17.66 1.31 -6.42
N VAL C 58 17.86 0.52 -7.49
CA VAL C 58 19.18 0.34 -8.04
C VAL C 58 19.69 1.71 -8.51
N ASN C 59 18.82 2.46 -9.17
CA ASN C 59 19.16 3.77 -9.65
C ASN C 59 19.49 4.74 -8.52
N ASP C 60 18.58 4.83 -7.55
CA ASP C 60 18.75 5.72 -6.40
C ASP C 60 20.05 5.40 -5.66
N ALA C 61 20.40 4.11 -5.59
CA ALA C 61 21.59 3.66 -4.88
C ALA C 61 22.91 3.98 -5.63
N SER C 62 22.78 4.40 -6.89
CA SER C 62 23.93 4.71 -7.73
C SER C 62 24.13 6.21 -7.84
N MET C 63 23.05 6.97 -7.63
CA MET C 63 23.04 8.43 -7.85
C MET C 63 24.06 9.21 -7.03
N ARG C 64 24.75 8.50 -6.16
CA ARG C 64 25.72 9.11 -5.27
C ARG C 64 27.13 8.83 -5.79
N GLY C 65 27.23 8.16 -6.94
CA GLY C 65 28.51 7.74 -7.53
C GLY C 65 28.92 6.37 -7.03
N ALA C 66 27.98 5.43 -7.11
CA ALA C 66 28.13 4.16 -6.42
C ALA C 66 27.67 2.96 -7.25
N LYS C 67 28.30 1.82 -6.96
CA LYS C 67 27.88 0.53 -7.46
C LYS C 67 26.87 -0.05 -6.47
N PRO C 68 25.60 -0.23 -6.89
CA PRO C 68 24.65 -0.87 -6.00
C PRO C 68 24.92 -2.36 -5.92
N LEU C 69 24.74 -2.96 -4.74
CA LEU C 69 25.06 -4.37 -4.53
C LEU C 69 23.91 -5.18 -3.92
N PHE C 70 23.28 -4.63 -2.89
CA PHE C 70 22.30 -5.37 -2.10
C PHE C 70 21.01 -4.62 -1.97
N LEU C 71 19.91 -5.38 -2.01
CA LEU C 71 18.57 -4.82 -1.94
C LEU C 71 17.68 -5.58 -0.95
N THR C 72 16.74 -4.86 -0.37
CA THR C 72 15.70 -5.50 0.41
C THR C 72 14.41 -5.38 -0.36
N ALA C 73 13.51 -6.34 -0.18
CA ALA C 73 12.22 -6.31 -0.87
C ALA C 73 11.08 -6.58 0.11
N ALA C 74 10.22 -5.58 0.29
CA ALA C 74 9.06 -5.72 1.13
C ALA C 74 7.78 -5.67 0.31
N PHE C 75 6.91 -6.67 0.53
CA PHE C 75 5.68 -6.82 -0.21
C PHE C 75 4.49 -6.71 0.74
N ILE C 76 3.53 -5.86 0.38
CA ILE C 76 2.29 -5.74 1.12
C ILE C 76 1.16 -6.15 0.18
N ILE C 77 0.55 -7.31 0.44
CA ILE C 77 -0.36 -7.94 -0.53
C ILE C 77 -1.79 -8.09 -0.01
N GLU C 78 -2.75 -7.76 -0.88
CA GLU C 78 -4.17 -7.92 -0.60
C GLU C 78 -4.58 -9.40 -0.57
N GLU C 79 -5.37 -9.76 0.43
CA GLU C 79 -6.02 -11.07 0.49
C GLU C 79 -6.63 -11.42 -0.88
N GLY C 80 -6.25 -12.56 -1.42
CA GLY C 80 -6.83 -13.05 -2.67
C GLY C 80 -6.31 -12.43 -3.96
N PHE C 81 -5.18 -11.72 -3.86
CA PHE C 81 -4.45 -11.23 -5.03
C PHE C 81 -3.97 -12.43 -5.84
N PRO C 82 -4.24 -12.42 -7.16
CA PRO C 82 -3.96 -13.60 -8.00
C PRO C 82 -2.48 -13.95 -7.97
N VAL C 83 -2.21 -15.21 -7.63
CA VAL C 83 -0.85 -15.68 -7.42
C VAL C 83 -0.01 -15.73 -8.71
N GLU C 84 -0.69 -15.87 -9.86
CA GLU C 84 -0.01 -15.89 -11.15
C GLU C 84 0.50 -14.51 -11.54
N ASP C 85 -0.19 -13.47 -11.09
CA ASP C 85 0.29 -12.10 -11.25
C ASP C 85 1.51 -11.87 -10.36
N LEU C 86 1.48 -12.47 -9.18
CA LEU C 86 2.60 -12.36 -8.24
C LEU C 86 3.86 -13.04 -8.78
N LYS C 87 3.71 -14.23 -9.35
CA LYS C 87 4.83 -14.93 -9.96
C LYS C 87 5.48 -14.10 -11.07
N LYS C 88 4.66 -13.36 -11.81
CA LYS C 88 5.14 -12.48 -12.86
C LYS C 88 5.92 -11.29 -12.32
N ILE C 89 5.42 -10.70 -11.23
CA ILE C 89 6.08 -9.57 -10.56
C ILE C 89 7.43 -9.99 -10.02
N VAL C 90 7.44 -11.11 -9.29
CA VAL C 90 8.65 -11.64 -8.65
C VAL C 90 9.71 -11.98 -9.70
N LYS C 91 9.29 -12.68 -10.76
CA LYS C 91 10.14 -12.98 -11.91
C LYS C 91 10.80 -11.72 -12.51
N SER C 92 10.00 -10.68 -12.73
CA SER C 92 10.49 -9.40 -13.24
C SER C 92 11.51 -8.76 -12.30
N MET C 93 11.29 -8.91 -10.99
CA MET C 93 12.24 -8.48 -9.98
C MET C 93 13.53 -9.30 -10.06
N ALA C 94 13.41 -10.62 -10.19
CA ALA C 94 14.60 -11.46 -10.31
C ALA C 94 15.43 -11.04 -11.53
N GLU C 95 14.78 -10.85 -12.67
CA GLU C 95 15.45 -10.48 -13.91
C GLU C 95 16.17 -9.13 -13.85
N ALA C 96 15.54 -8.16 -13.21
CA ALA C 96 16.12 -6.82 -13.08
C ALA C 96 17.35 -6.79 -12.16
N ALA C 97 17.28 -7.54 -11.06
CA ALA C 97 18.41 -7.66 -10.13
C ALA C 97 19.60 -8.34 -10.81
N LYS C 98 19.30 -9.34 -11.62
CA LYS C 98 20.31 -10.07 -12.39
C LYS C 98 21.02 -9.14 -13.39
N GLU C 99 20.24 -8.36 -14.14
CA GLU C 99 20.78 -7.41 -15.11
C GLU C 99 21.58 -6.32 -14.41
N ALA C 100 21.07 -5.82 -13.30
CA ALA C 100 21.77 -4.81 -12.52
C ALA C 100 22.99 -5.36 -11.77
N GLY C 101 23.15 -6.68 -11.73
CA GLY C 101 24.27 -7.31 -11.01
C GLY C 101 24.14 -7.11 -9.51
N VAL C 102 22.90 -7.17 -9.05
CA VAL C 102 22.53 -6.86 -7.67
C VAL C 102 21.83 -8.09 -7.05
N LYS C 103 21.82 -8.17 -5.73
CA LYS C 103 21.14 -9.28 -5.04
C LYS C 103 20.19 -8.81 -3.95
N ILE C 104 18.99 -9.39 -3.94
CA ILE C 104 18.02 -9.16 -2.87
C ILE C 104 18.34 -10.11 -1.73
N VAL C 105 18.69 -9.55 -0.58
CA VAL C 105 19.32 -10.31 0.51
C VAL C 105 18.45 -10.44 1.74
N ALA C 106 17.47 -9.55 1.86
CA ALA C 106 16.51 -9.58 2.95
C ALA C 106 15.16 -9.14 2.43
N GLY C 107 14.11 -9.40 3.20
CA GLY C 107 12.79 -8.96 2.83
C GLY C 107 11.72 -9.20 3.85
N ASP C 108 10.48 -9.04 3.38
CA ASP C 108 9.30 -9.25 4.20
C ASP C 108 8.11 -9.41 3.28
N THR C 109 7.13 -10.20 3.71
CA THR C 109 5.84 -10.30 3.05
C THR C 109 4.73 -10.21 4.09
N LYS C 110 3.80 -9.29 3.86
CA LYS C 110 2.63 -9.13 4.71
C LYS C 110 1.40 -9.26 3.85
N VAL C 111 0.42 -10.00 4.36
CA VAL C 111 -0.87 -10.16 3.72
C VAL C 111 -1.90 -9.42 4.57
N VAL C 112 -2.65 -8.51 3.94
CA VAL C 112 -3.68 -7.74 4.64
C VAL C 112 -5.07 -8.09 4.13
N GLU C 113 -6.11 -7.81 4.95
CA GLU C 113 -7.52 -8.09 4.60
C GLU C 113 -7.88 -7.55 3.22
N LYS C 114 -8.84 -8.20 2.58
CA LYS C 114 -9.35 -7.75 1.29
C LYS C 114 -9.88 -6.32 1.46
N GLY C 115 -9.37 -5.40 0.65
CA GLY C 115 -9.80 -4.00 0.69
C GLY C 115 -8.92 -3.06 1.52
N SER C 116 -7.86 -3.59 2.10
CA SER C 116 -6.95 -2.80 2.93
C SER C 116 -5.76 -2.31 2.12
N VAL C 117 -5.66 -2.80 0.89
CA VAL C 117 -4.70 -2.30 -0.06
C VAL C 117 -5.13 -2.69 -1.46
N ASP C 118 -5.04 -1.76 -2.41
CA ASP C 118 -5.36 -2.05 -3.81
C ASP C 118 -4.31 -3.01 -4.39
N ARG C 119 -4.58 -4.30 -4.26
CA ARG C 119 -3.83 -5.38 -4.90
C ARG C 119 -2.45 -5.64 -4.29
N ILE C 120 -1.48 -4.74 -4.51
CA ILE C 120 -0.10 -4.96 -4.06
C ILE C 120 0.77 -3.68 -4.09
N PHE C 121 1.44 -3.40 -2.97
CA PHE C 121 2.52 -2.41 -2.93
C PHE C 121 3.84 -3.10 -2.64
N ILE C 122 4.93 -2.50 -3.13
CA ILE C 122 6.26 -3.01 -2.88
C ILE C 122 7.19 -1.88 -2.43
N ASN C 123 7.94 -2.15 -1.36
CA ASN C 123 9.03 -1.28 -0.97
C ASN C 123 10.37 -1.97 -1.18
N THR C 124 11.34 -1.24 -1.70
CA THR C 124 12.69 -1.76 -1.80
C THR C 124 13.67 -0.79 -1.16
N SER C 125 14.65 -1.33 -0.44
CA SER C 125 15.80 -0.53 0.00
C SER C 125 17.06 -1.04 -0.67
N GLY C 126 18.08 -0.19 -0.73
CA GLY C 126 19.29 -0.55 -1.45
C GLY C 126 20.54 -0.11 -0.74
N ILE C 127 21.59 -0.91 -0.90
CA ILE C 127 22.93 -0.60 -0.42
C ILE C 127 23.89 -0.60 -1.60
N GLY C 128 24.66 0.47 -1.74
CA GLY C 128 25.72 0.54 -2.75
C GLY C 128 27.05 0.97 -2.15
N VAL C 129 28.13 0.73 -2.89
CA VAL C 129 29.46 1.16 -2.45
C VAL C 129 30.02 2.19 -3.44
N LEU C 130 30.54 3.28 -2.88
CA LEU C 130 31.09 4.39 -3.66
C LEU C 130 32.35 4.00 -4.45
N TYR C 131 32.44 4.45 -5.69
CA TYR C 131 33.67 4.35 -6.46
C TYR C 131 34.78 5.23 -5.90
N GLU C 132 36.02 4.89 -6.28
CA GLU C 132 37.26 5.46 -5.72
C GLU C 132 37.20 6.96 -5.40
N GLY C 133 36.98 7.79 -6.42
CA GLY C 133 36.94 9.23 -6.21
C GLY C 133 35.59 9.85 -6.50
N ALA C 134 34.53 9.24 -6.00
CA ALA C 134 33.20 9.72 -6.27
C ALA C 134 32.80 10.80 -5.28
N ASN C 135 32.22 11.87 -5.81
CA ASN C 135 31.68 12.95 -5.00
C ASN C 135 30.48 13.56 -5.69
N VAL C 136 29.36 12.85 -5.61
CA VAL C 136 28.16 13.25 -6.30
C VAL C 136 27.10 13.60 -5.27
N SER C 137 26.51 14.78 -5.40
CA SER C 137 25.55 15.33 -4.45
C SER C 137 24.76 16.43 -5.13
N ILE C 138 23.47 16.59 -4.79
CA ILE C 138 22.64 17.70 -5.32
C ILE C 138 23.16 19.07 -4.93
N LYS C 139 24.13 19.13 -4.03
CA LYS C 139 24.76 20.38 -3.60
C LYS C 139 25.98 20.81 -4.42
N ASN C 140 26.38 19.98 -5.39
CA ASN C 140 27.69 20.11 -6.03
C ASN C 140 27.75 20.91 -7.33
N ALA C 141 26.61 21.42 -7.80
CA ALA C 141 26.60 22.22 -9.01
C ALA C 141 27.17 23.63 -8.78
N LYS C 142 28.13 24.01 -9.63
CA LYS C 142 28.71 25.36 -9.67
C LYS C 142 28.39 26.02 -11.02
N PRO C 143 28.27 27.37 -11.06
CA PRO C 143 28.06 28.06 -12.34
C PRO C 143 29.16 27.74 -13.36
N GLY C 144 28.77 27.41 -14.58
CA GLY C 144 29.73 26.98 -15.60
C GLY C 144 29.63 25.50 -15.93
N ASP C 145 29.00 24.74 -15.03
CA ASP C 145 28.78 23.31 -15.24
C ASP C 145 27.77 23.08 -16.35
N ILE C 146 27.86 21.91 -16.98
CA ILE C 146 26.96 21.53 -18.07
C ILE C 146 25.96 20.48 -17.59
N VAL C 147 24.72 20.60 -18.07
CA VAL C 147 23.66 19.68 -17.71
C VAL C 147 23.39 18.77 -18.89
N LEU C 148 23.39 17.47 -18.63
CA LEU C 148 23.04 16.48 -19.63
C LEU C 148 21.86 15.61 -19.16
N ILE C 149 21.14 15.05 -20.12
CA ILE C 149 20.14 14.02 -19.86
C ILE C 149 20.53 12.77 -20.64
N SER C 150 20.40 11.60 -20.00
CA SER C 150 20.83 10.32 -20.61
C SER C 150 19.97 9.83 -21.79
N GLY C 151 18.78 10.40 -21.97
CA GLY C 151 17.87 10.00 -23.04
C GLY C 151 16.56 10.77 -23.06
N THR C 152 15.58 10.24 -23.81
CA THR C 152 14.33 10.94 -24.04
C THR C 152 13.55 11.18 -22.75
N ILE C 153 12.78 12.28 -22.74
CA ILE C 153 12.09 12.76 -21.56
C ILE C 153 10.60 12.44 -21.63
N GLY C 154 10.08 11.87 -20.53
CA GLY C 154 8.64 11.74 -20.34
C GLY C 154 8.01 10.41 -20.71
N ASP C 155 8.84 9.42 -21.00
CA ASP C 155 8.37 8.10 -21.41
C ASP C 155 7.45 7.43 -20.40
N HIS C 156 7.98 7.18 -19.21
CA HIS C 156 7.25 6.45 -18.19
C HIS C 156 5.94 7.16 -17.82
N GLY C 157 6.04 8.43 -17.44
CA GLY C 157 4.87 9.24 -17.12
C GLY C 157 3.75 9.15 -18.12
N MET C 158 4.07 9.30 -19.40
CA MET C 158 3.04 9.24 -20.42
C MET C 158 2.54 7.81 -20.64
N ALA C 159 3.42 6.83 -20.48
CA ALA C 159 3.04 5.43 -20.68
C ALA C 159 2.00 4.94 -19.66
N VAL C 160 2.26 5.16 -18.37
CA VAL C 160 1.30 4.72 -17.36
C VAL C 160 0.02 5.57 -17.38
N MET C 161 0.14 6.86 -17.66
CA MET C 161 -1.00 7.73 -17.93
C MET C 161 -1.92 7.15 -19.00
N SER C 162 -1.32 6.76 -20.13
CA SER C 162 -2.03 6.20 -21.27
C SER C 162 -2.76 4.90 -20.94
N ALA C 163 -2.07 4.02 -20.21
CA ALA C 163 -2.65 2.74 -19.80
C ALA C 163 -3.69 2.92 -18.70
N ARG C 164 -3.40 3.77 -17.73
CA ARG C 164 -4.26 3.96 -16.54
C ARG C 164 -5.55 4.67 -16.87
N GLU C 165 -5.48 5.64 -17.77
CA GLU C 165 -6.64 6.46 -18.12
C GLU C 165 -7.23 6.08 -19.48
N GLU C 166 -6.79 4.95 -20.02
CA GLU C 166 -7.33 4.37 -21.26
C GLU C 166 -7.28 5.30 -22.46
N LEU C 167 -6.26 6.16 -22.48
CA LEU C 167 -6.06 7.11 -23.55
C LEU C 167 -5.37 6.45 -24.72
N GLN C 168 -6.10 6.34 -25.84
CA GLN C 168 -5.55 5.77 -27.06
C GLN C 168 -4.77 6.86 -27.82
N PHE C 169 -3.56 6.51 -28.25
CA PHE C 169 -2.76 7.42 -29.08
C PHE C 169 -2.44 6.78 -30.43
N ASP C 170 -2.04 7.62 -31.37
CA ASP C 170 -1.66 7.18 -32.72
C ASP C 170 -0.49 6.18 -32.66
N THR C 171 0.40 6.41 -31.69
CA THR C 171 1.52 5.50 -31.41
C THR C 171 1.45 5.03 -29.93
N PRO C 172 1.49 3.70 -29.69
CA PRO C 172 1.57 3.26 -28.30
C PRO C 172 2.88 3.73 -27.65
N ILE C 173 2.79 4.13 -26.39
CA ILE C 173 3.94 4.63 -25.64
C ILE C 173 4.35 3.60 -24.60
N PHE C 174 5.64 3.28 -24.59
CA PHE C 174 6.22 2.32 -23.67
C PHE C 174 7.01 3.01 -22.57
N SER C 175 6.96 2.43 -21.38
CA SER C 175 7.76 2.89 -20.26
C SER C 175 9.24 2.62 -20.52
N ASP C 176 10.11 3.40 -19.87
CA ASP C 176 11.54 3.34 -20.12
C ASP C 176 12.29 2.64 -18.99
N VAL C 177 11.55 2.00 -18.07
CA VAL C 177 12.12 1.33 -16.90
C VAL C 177 13.38 0.57 -17.23
N ALA C 178 14.46 0.93 -16.55
CA ALA C 178 15.78 0.36 -16.76
C ALA C 178 16.69 0.61 -15.55
N PRO C 179 17.63 -0.33 -15.29
CA PRO C 179 18.68 -0.08 -14.30
C PRO C 179 19.83 0.66 -14.97
N LEU C 180 20.26 1.75 -14.36
CA LEU C 180 21.24 2.64 -14.96
C LEU C 180 22.60 2.57 -14.30
N ASN C 181 22.75 1.66 -13.35
CA ASN C 181 24.01 1.53 -12.64
C ASN C 181 25.19 1.23 -13.57
N GLY C 182 24.93 0.53 -14.67
CA GLY C 182 25.94 0.26 -15.70
C GLY C 182 26.39 1.53 -16.41
N LEU C 183 25.42 2.37 -16.80
CA LEU C 183 25.71 3.66 -17.41
C LEU C 183 26.44 4.59 -16.45
N ILE C 184 25.99 4.64 -15.20
CA ILE C 184 26.61 5.44 -14.16
C ILE C 184 28.05 4.98 -13.89
N GLU C 185 28.27 3.66 -13.86
CA GLU C 185 29.61 3.12 -13.71
C GLU C 185 30.60 3.67 -14.78
N LYS C 186 30.12 3.79 -16.02
CA LYS C 186 30.96 4.31 -17.10
C LYS C 186 31.16 5.82 -16.98
N LEU C 187 30.18 6.50 -16.39
CA LEU C 187 30.30 7.93 -16.15
C LEU C 187 31.28 8.21 -15.02
N MET C 188 31.26 7.35 -14.00
CA MET C 188 32.09 7.54 -12.82
C MET C 188 33.58 7.32 -13.12
N THR C 189 33.88 6.98 -14.38
CA THR C 189 35.24 7.06 -14.91
C THR C 189 35.75 8.49 -14.81
N LEU C 190 34.83 9.45 -14.94
CA LEU C 190 35.17 10.87 -14.89
C LEU C 190 35.39 11.42 -13.47
N GLY C 191 35.20 10.57 -12.46
CA GLY C 191 35.50 10.92 -11.07
C GLY C 191 34.80 12.17 -10.58
N GLU C 192 35.59 13.11 -10.06
CA GLU C 192 35.09 14.33 -9.42
C GLU C 192 34.44 15.32 -10.40
N ALA C 193 34.72 15.16 -11.68
CA ALA C 193 34.11 15.99 -12.72
C ALA C 193 32.60 15.77 -12.82
N ILE C 194 32.16 14.58 -12.42
CA ILE C 194 30.74 14.29 -12.26
C ILE C 194 30.31 14.92 -10.92
N LYS C 195 29.43 15.90 -11.01
CA LYS C 195 29.05 16.67 -9.84
C LYS C 195 27.69 16.29 -9.27
N VAL C 196 26.70 16.10 -10.13
CA VAL C 196 25.35 15.74 -9.71
C VAL C 196 24.77 14.63 -10.58
N LEU C 197 24.06 13.69 -9.94
CA LEU C 197 23.36 12.63 -10.63
C LEU C 197 22.00 12.49 -9.98
N ARG C 198 20.94 12.58 -10.77
CA ARG C 198 19.59 12.32 -10.27
C ARG C 198 18.65 11.83 -11.38
N ASP C 199 17.87 10.81 -11.07
CA ASP C 199 16.83 10.33 -11.98
C ASP C 199 15.54 11.15 -11.85
N PRO C 200 15.03 11.67 -12.99
CA PRO C 200 13.87 12.55 -12.94
C PRO C 200 12.62 11.70 -12.88
N THR C 201 12.24 11.32 -11.65
CA THR C 201 11.07 10.50 -11.43
C THR C 201 9.90 11.44 -11.08
N ARG C 202 9.25 11.22 -9.96
CA ARG C 202 8.12 12.07 -9.56
C ARG C 202 8.36 13.57 -9.75
N GLY C 203 7.72 14.15 -10.76
CA GLY C 203 7.87 15.58 -11.06
C GLY C 203 8.73 15.86 -12.29
N GLY C 204 9.30 14.80 -12.86
CA GLY C 204 10.10 14.90 -14.09
C GLY C 204 11.40 15.69 -14.00
N VAL C 205 11.88 16.11 -15.16
CA VAL C 205 13.14 16.84 -15.29
C VAL C 205 13.05 18.20 -14.58
N ALA C 206 11.92 18.88 -14.73
CA ALA C 206 11.69 20.18 -14.11
C ALA C 206 12.03 20.17 -12.62
N GLU C 207 11.51 19.17 -11.91
CA GLU C 207 11.65 19.06 -10.46
C GLU C 207 13.10 18.83 -10.04
N VAL C 208 13.80 17.94 -10.75
CA VAL C 208 15.23 17.74 -10.55
C VAL C 208 16.01 19.05 -10.65
N LEU C 209 15.80 19.82 -11.72
CA LEU C 209 16.54 21.06 -11.93
C LEU C 209 16.32 22.02 -10.77
N TYR C 210 15.09 22.12 -10.29
CA TYR C 210 14.74 22.94 -9.14
C TYR C 210 15.41 22.45 -7.86
N GLU C 211 15.52 21.13 -7.73
CA GLU C 211 16.19 20.53 -6.58
C GLU C 211 17.68 20.83 -6.63
N ILE C 212 18.25 20.79 -7.83
CA ILE C 212 19.65 21.14 -8.02
C ILE C 212 19.86 22.62 -7.69
N SER C 213 18.97 23.46 -8.20
CA SER C 213 18.99 24.90 -7.92
C SER C 213 18.92 25.25 -6.44
N LYS C 214 17.93 24.67 -5.76
CA LYS C 214 17.74 24.91 -4.33
C LYS C 214 18.99 24.53 -3.54
N MET C 215 19.45 23.29 -3.73
CA MET C 215 20.50 22.73 -2.89
C MET C 215 21.91 23.21 -3.23
N SER C 216 22.18 23.40 -4.51
CA SER C 216 23.46 23.94 -4.95
C SER C 216 23.50 25.45 -4.82
N GLY C 217 22.33 26.08 -4.72
CA GLY C 217 22.25 27.53 -4.66
C GLY C 217 22.67 28.17 -5.97
N VAL C 218 22.16 27.62 -7.07
CA VAL C 218 22.49 28.08 -8.42
C VAL C 218 21.23 28.13 -9.28
N GLY C 219 21.39 28.55 -10.53
CA GLY C 219 20.33 28.49 -11.51
C GLY C 219 20.68 27.55 -12.64
N ILE C 220 19.68 27.20 -13.46
CA ILE C 220 19.92 26.29 -14.59
C ILE C 220 19.16 26.76 -15.83
N LYS C 221 19.90 26.82 -16.92
CA LYS C 221 19.33 27.14 -18.19
C LYS C 221 19.35 25.97 -19.12
N ILE C 222 18.18 25.60 -19.61
CA ILE C 222 18.08 24.56 -20.62
C ILE C 222 17.59 25.07 -21.99
N TYR C 223 17.78 24.24 -23.01
CA TYR C 223 17.49 24.63 -24.39
C TYR C 223 16.44 23.73 -25.01
N GLU C 224 15.32 24.34 -25.39
CA GLU C 224 14.19 23.64 -26.00
C GLU C 224 14.59 22.70 -27.13
N GLU C 225 15.31 23.23 -28.12
CA GLU C 225 15.76 22.48 -29.30
C GLU C 225 16.67 21.30 -28.98
N LYS C 226 17.29 21.31 -27.80
CA LYS C 226 18.23 20.28 -27.39
C LYS C 226 17.60 19.18 -26.54
N LEU C 227 16.33 19.31 -26.22
CA LEU C 227 15.65 18.33 -25.35
C LEU C 227 15.17 17.11 -26.13
N PRO C 228 15.65 15.91 -25.74
CA PRO C 228 15.26 14.68 -26.44
C PRO C 228 13.90 14.17 -25.99
N VAL C 229 13.07 13.83 -26.96
CA VAL C 229 11.71 13.40 -26.68
C VAL C 229 11.17 12.63 -27.88
N LYS C 230 10.65 11.43 -27.62
CA LYS C 230 10.04 10.62 -28.68
C LYS C 230 8.83 11.35 -29.22
N GLU C 231 8.67 11.31 -30.53
CA GLU C 231 7.54 11.95 -31.21
C GLU C 231 6.19 11.55 -30.62
N SER C 232 6.08 10.29 -30.21
CA SER C 232 4.85 9.80 -29.60
C SER C 232 4.54 10.56 -28.30
N VAL C 233 5.56 10.81 -27.51
CA VAL C 233 5.40 11.57 -26.28
C VAL C 233 5.12 13.06 -26.57
N LYS C 234 5.85 13.60 -27.55
CA LYS C 234 5.71 14.99 -27.97
C LYS C 234 4.25 15.34 -28.32
N SER C 235 3.65 14.58 -29.22
CA SER C 235 2.29 14.88 -29.67
C SER C 235 1.20 14.46 -28.66
N ALA C 236 1.47 13.44 -27.85
CA ALA C 236 0.57 13.06 -26.78
C ALA C 236 0.40 14.22 -25.78
N CYS C 237 1.52 14.81 -25.40
CA CYS C 237 1.56 15.99 -24.53
C CYS C 237 0.97 17.22 -25.23
N GLU C 238 1.24 17.37 -26.52
CA GLU C 238 0.77 18.52 -27.29
C GLU C 238 -0.75 18.47 -27.46
N PHE C 239 -1.31 17.27 -27.38
CA PHE C 239 -2.74 17.09 -27.50
C PHE C 239 -3.48 17.44 -26.22
N MET C 240 -2.79 17.32 -25.10
CA MET C 240 -3.38 17.56 -23.78
C MET C 240 -2.83 18.82 -23.14
N GLY C 241 -1.94 19.51 -23.85
CA GLY C 241 -1.28 20.71 -23.32
C GLY C 241 -0.36 20.48 -22.13
N ILE C 242 0.29 19.33 -22.09
CA ILE C 242 1.21 18.97 -21.02
C ILE C 242 2.66 19.30 -21.38
N ASP C 243 3.47 19.62 -20.38
CA ASP C 243 4.90 19.82 -20.55
C ASP C 243 5.61 18.52 -20.17
N PHE C 244 6.31 17.90 -21.12
CA PHE C 244 6.99 16.63 -20.83
C PHE C 244 8.06 16.73 -19.74
N LEU C 245 8.47 17.96 -19.46
CA LEU C 245 9.36 18.27 -18.35
C LEU C 245 8.77 17.92 -17.00
N HIS C 246 7.46 17.66 -16.95
CA HIS C 246 6.81 17.33 -15.70
C HIS C 246 6.45 15.86 -15.59
N LEU C 247 6.55 15.12 -16.70
CA LEU C 247 6.23 13.69 -16.69
C LEU C 247 7.41 12.91 -16.18
N ALA C 248 7.14 11.83 -15.46
CA ALA C 248 8.17 10.97 -14.85
C ALA C 248 8.96 10.13 -15.85
N ASN C 249 10.19 9.80 -15.47
CA ASN C 249 11.06 8.89 -16.21
C ASN C 249 11.56 7.81 -15.27
N GLU C 250 11.88 6.62 -15.80
CA GLU C 250 12.36 5.52 -14.96
C GLU C 250 13.57 4.81 -15.55
N GLY C 251 14.06 5.32 -16.67
CA GLY C 251 15.31 4.84 -17.28
C GLY C 251 16.22 5.98 -17.70
N LYS C 252 16.13 7.10 -16.98
CA LYS C 252 16.93 8.30 -17.31
C LYS C 252 17.67 8.89 -16.11
N VAL C 253 18.81 9.51 -16.40
CA VAL C 253 19.50 10.25 -15.37
C VAL C 253 19.87 11.64 -15.89
N VAL C 254 19.69 12.64 -15.04
CA VAL C 254 20.18 14.00 -15.26
C VAL C 254 21.58 14.10 -14.68
N VAL C 255 22.50 14.60 -15.49
CA VAL C 255 23.89 14.69 -15.09
C VAL C 255 24.43 16.10 -15.16
N VAL C 256 25.08 16.52 -14.09
CA VAL C 256 25.82 17.78 -14.10
C VAL C 256 27.32 17.46 -14.07
N VAL C 257 28.09 18.12 -14.94
CA VAL C 257 29.54 17.87 -15.06
C VAL C 257 30.37 19.15 -15.18
N GLU C 258 31.67 19.03 -14.94
CA GLU C 258 32.59 20.10 -15.26
C GLU C 258 32.59 20.41 -16.75
N ARG C 259 32.69 21.69 -17.06
CA ARG C 259 32.62 22.20 -18.42
C ARG C 259 33.48 21.42 -19.42
N ASP C 260 34.74 21.16 -19.06
CA ASP C 260 35.70 20.51 -19.96
C ASP C 260 35.41 19.02 -20.18
N TYR C 261 34.58 18.42 -19.33
CA TYR C 261 34.33 16.98 -19.40
C TYR C 261 32.98 16.60 -19.99
N ALA C 262 32.21 17.62 -20.39
CA ALA C 262 30.87 17.43 -20.92
C ALA C 262 30.83 16.60 -22.21
N GLU C 263 31.75 16.89 -23.12
CA GLU C 263 31.86 16.15 -24.38
C GLU C 263 32.16 14.66 -24.11
N LYS C 264 33.03 14.41 -23.14
CA LYS C 264 33.40 13.04 -22.76
C LYS C 264 32.23 12.33 -22.12
N ALA C 265 31.45 13.05 -21.32
CA ALA C 265 30.29 12.49 -20.64
C ALA C 265 29.19 12.08 -21.62
N LEU C 266 29.02 12.88 -22.67
CA LEU C 266 28.06 12.59 -23.73
C LEU C 266 28.46 11.34 -24.50
N GLU C 267 29.73 11.24 -24.81
CA GLU C 267 30.18 10.12 -25.58
C GLU C 267 30.19 8.84 -24.76
N ILE C 268 30.44 8.96 -23.47
CA ILE C 268 30.35 7.82 -22.58
C ILE C 268 28.92 7.28 -22.55
N MET C 269 27.94 8.19 -22.52
CA MET C 269 26.54 7.79 -22.52
C MET C 269 26.13 7.23 -23.87
N LYS C 270 26.46 7.95 -24.95
CA LYS C 270 26.05 7.53 -26.31
C LYS C 270 26.57 6.16 -26.73
N SER C 271 27.59 5.66 -26.04
CA SER C 271 28.18 4.37 -26.36
C SER C 271 27.64 3.29 -25.41
N HIS C 272 26.59 3.63 -24.67
CA HIS C 272 25.94 2.70 -23.75
C HIS C 272 24.48 2.49 -24.17
N GLU C 273 24.02 1.24 -24.09
CA GLU C 273 22.68 0.85 -24.54
C GLU C 273 21.53 1.73 -24.03
N TYR C 274 21.63 2.25 -22.80
CA TYR C 274 20.58 3.12 -22.27
C TYR C 274 20.88 4.62 -22.43
N GLY C 275 21.91 4.93 -23.23
CA GLY C 275 22.35 6.31 -23.41
C GLY C 275 22.44 6.81 -24.84
N LYS C 276 21.80 6.10 -25.76
CA LYS C 276 21.88 6.45 -27.20
C LYS C 276 21.27 7.80 -27.56
N ASP C 277 20.27 8.23 -26.79
CA ASP C 277 19.54 9.46 -27.10
C ASP C 277 19.97 10.60 -26.20
N ALA C 278 21.12 10.44 -25.55
CA ALA C 278 21.64 11.46 -24.63
C ALA C 278 21.91 12.78 -25.33
N GLU C 279 21.69 13.87 -24.61
CA GLU C 279 21.97 15.22 -25.09
C GLU C 279 22.48 16.13 -23.97
N ILE C 280 23.41 17.01 -24.35
CA ILE C 280 23.71 18.22 -23.59
C ILE C 280 22.46 19.08 -23.71
N ILE C 281 21.87 19.46 -22.57
CA ILE C 281 20.59 20.19 -22.59
C ILE C 281 20.64 21.60 -21.99
N GLY C 282 21.68 21.92 -21.23
CA GLY C 282 21.75 23.21 -20.58
C GLY C 282 23.03 23.53 -19.85
N GLU C 283 22.97 24.56 -19.02
CA GLU C 283 24.12 25.12 -18.31
C GLU C 283 23.66 25.66 -16.93
N VAL C 284 24.52 25.48 -15.94
CA VAL C 284 24.29 25.98 -14.58
C VAL C 284 24.61 27.48 -14.50
N ASN C 285 23.60 28.26 -14.11
CA ASN C 285 23.63 29.71 -14.08
C ASN C 285 24.15 30.28 -12.78
N ASP C 286 24.35 31.59 -12.80
CA ASP C 286 24.66 32.40 -11.63
C ASP C 286 23.34 32.76 -10.97
N SER C 287 22.29 32.89 -11.80
CA SER C 287 20.95 33.25 -11.35
C SER C 287 20.42 32.10 -10.53
N LYS C 288 19.64 32.40 -9.51
CA LYS C 288 19.06 31.32 -8.73
C LYS C 288 17.72 30.89 -9.34
N LEU C 289 17.69 30.83 -10.68
CA LEU C 289 16.49 30.61 -11.45
C LEU C 289 16.59 29.43 -12.42
N VAL C 290 15.45 28.82 -12.72
CA VAL C 290 15.38 27.73 -13.68
C VAL C 290 14.66 28.21 -14.93
N THR C 291 15.43 28.38 -16.00
CA THR C 291 14.96 28.99 -17.24
C THR C 291 15.13 28.10 -18.47
N ILE C 292 14.24 28.25 -19.44
CA ILE C 292 14.34 27.52 -20.70
C ILE C 292 14.36 28.48 -21.89
N ASN C 293 15.33 28.30 -22.78
CA ASN C 293 15.45 29.09 -23.99
C ASN C 293 14.84 28.39 -25.18
N THR C 294 13.99 29.10 -25.91
CA THR C 294 13.44 28.61 -27.17
C THR C 294 14.37 28.98 -28.32
N ILE C 295 14.00 28.59 -29.54
CA ILE C 295 14.70 29.01 -30.75
C ILE C 295 14.75 30.55 -30.85
N TYR C 296 15.93 31.07 -31.20
CA TYR C 296 16.15 32.52 -31.39
C TYR C 296 16.55 33.31 -30.13
N GLY C 297 16.35 32.70 -28.96
CA GLY C 297 16.77 33.29 -27.69
C GLY C 297 15.67 33.94 -26.87
N THR C 298 14.53 33.24 -26.76
CA THR C 298 13.40 33.72 -25.96
C THR C 298 13.34 32.95 -24.64
N SER C 299 13.79 33.61 -23.58
CA SER C 299 13.90 32.99 -22.27
C SER C 299 12.58 33.07 -21.49
N ARG C 300 12.26 31.99 -20.79
CA ARG C 300 11.14 31.97 -19.84
C ARG C 300 11.42 31.00 -18.69
N ILE C 301 10.85 31.27 -17.53
CA ILE C 301 11.03 30.40 -16.36
C ILE C 301 10.30 29.07 -16.56
N VAL C 302 10.93 28.00 -16.09
CA VAL C 302 10.30 26.70 -16.09
C VAL C 302 9.35 26.66 -14.90
N ASP C 303 8.09 26.31 -15.15
CA ASP C 303 7.09 26.23 -14.09
C ASP C 303 7.26 24.95 -13.28
N ARG C 304 6.99 25.02 -11.98
CA ARG C 304 7.10 23.86 -11.11
C ARG C 304 5.79 23.02 -11.06
N PRO C 305 5.90 21.68 -11.24
CA PRO C 305 4.76 20.74 -11.21
C PRO C 305 3.87 20.86 -9.96
N GLY D 1 -2.21 -17.93 2.60
CA GLY D 1 -1.51 -17.16 3.66
C GLY D 1 0.00 -17.09 3.45
N ALA D 2 0.71 -18.10 3.96
CA ALA D 2 2.18 -18.18 3.88
C ALA D 2 2.69 -18.91 2.63
N LEU D 3 1.83 -18.97 1.61
CA LEU D 3 2.18 -19.50 0.29
C LEU D 3 2.96 -18.45 -0.51
N ILE D 4 2.94 -17.21 0.00
CA ILE D 4 3.54 -16.05 -0.66
C ILE D 4 5.04 -15.95 -0.38
N GLU D 5 5.41 -16.08 0.90
CA GLU D 5 6.81 -16.12 1.31
C GLU D 5 7.57 -17.29 0.70
N GLU D 6 6.81 -18.26 0.18
CA GLU D 6 7.35 -19.39 -0.57
C GLU D 6 7.85 -18.95 -1.94
N VAL D 7 7.00 -18.24 -2.69
CA VAL D 7 7.36 -17.66 -3.99
C VAL D 7 8.60 -16.77 -3.85
N PHE D 8 8.62 -15.98 -2.78
CA PHE D 8 9.76 -15.16 -2.38
C PHE D 8 11.06 -15.98 -2.30
N ALA D 9 10.97 -17.14 -1.67
CA ALA D 9 12.15 -17.99 -1.45
C ALA D 9 12.76 -18.52 -2.75
N ASP D 10 11.91 -19.01 -3.65
CA ASP D 10 12.36 -19.68 -4.87
C ASP D 10 12.94 -18.78 -5.95
N ALA D 11 12.31 -17.64 -6.19
CA ALA D 11 12.78 -16.69 -7.23
C ALA D 11 13.93 -15.77 -6.78
N PHE D 12 14.01 -15.47 -5.48
CA PHE D 12 15.19 -14.80 -4.93
C PHE D 12 16.08 -15.80 -4.16
N ASP D 13 16.35 -16.93 -4.79
CA ASP D 13 17.25 -17.95 -4.22
C ASP D 13 18.71 -17.53 -4.36
N ASN D 14 19.32 -17.23 -3.22
CA ASN D 14 20.75 -16.94 -3.11
C ASN D 14 21.25 -17.44 -1.74
N GLU D 15 22.53 -17.19 -1.44
CA GLU D 15 23.12 -17.62 -0.15
C GLU D 15 22.59 -16.86 1.08
N TYR D 16 22.15 -15.61 0.88
CA TYR D 16 21.63 -14.77 1.98
C TYR D 16 20.17 -15.07 2.32
N ILE D 17 19.34 -15.21 1.28
CA ILE D 17 17.92 -15.53 1.44
C ILE D 17 17.71 -16.89 2.10
N ARG D 18 18.37 -17.92 1.57
CA ARG D 18 18.28 -19.30 2.07
C ARG D 18 18.67 -19.49 3.54
N ALA D 19 19.43 -18.53 4.08
CA ALA D 19 19.83 -18.57 5.48
C ALA D 19 18.68 -18.19 6.41
N MET D 20 17.67 -17.49 5.88
CA MET D 20 16.44 -17.10 6.61
C MET D 20 16.72 -16.41 7.95
N GLU D 21 17.53 -15.36 7.89
CA GLU D 21 18.00 -14.67 9.09
C GLU D 21 17.10 -13.48 9.41
N ASP D 22 17.23 -12.95 10.62
CA ASP D 22 16.58 -11.70 11.01
C ASP D 22 17.07 -10.53 10.18
N ALA D 23 18.32 -10.63 9.73
CA ALA D 23 19.01 -9.59 8.97
C ALA D 23 20.17 -10.21 8.22
N ALA D 24 20.41 -9.74 7.00
CA ALA D 24 21.56 -10.18 6.21
C ALA D 24 22.86 -9.63 6.77
N LEU D 25 23.91 -10.44 6.71
CA LEU D 25 25.23 -10.03 7.13
C LEU D 25 26.08 -9.74 5.90
N LEU D 26 26.40 -8.47 5.71
CA LEU D 26 27.08 -8.04 4.50
C LEU D 26 28.49 -7.54 4.79
N PHE D 27 29.38 -7.73 3.82
CA PHE D 27 30.81 -7.37 3.94
C PHE D 27 31.48 -7.97 5.17
N GLY D 28 30.91 -9.08 5.68
CA GLY D 28 31.35 -9.72 6.91
C GLY D 28 31.30 -8.80 8.12
N ASN D 29 30.39 -7.83 8.12
CA ASN D 29 30.51 -6.68 9.00
C ASN D 29 29.22 -5.93 9.33
N ILE D 30 28.41 -5.63 8.33
CA ILE D 30 27.18 -4.88 8.58
C ILE D 30 25.92 -5.72 8.34
N THR D 31 24.89 -5.43 9.13
CA THR D 31 23.60 -6.11 9.03
C THR D 31 22.63 -5.29 8.22
N LEU D 32 21.70 -5.97 7.55
CA LEU D 32 20.64 -5.30 6.81
C LEU D 32 19.33 -6.06 6.95
N THR D 33 18.28 -5.33 7.34
CA THR D 33 16.95 -5.89 7.51
C THR D 33 15.91 -4.88 7.04
N THR D 34 14.75 -5.38 6.62
CA THR D 34 13.58 -4.53 6.36
C THR D 34 12.34 -5.19 6.95
N ASP D 35 11.31 -4.38 7.18
CA ASP D 35 10.08 -4.88 7.74
C ASP D 35 8.97 -3.85 7.52
N SER D 36 7.77 -4.37 7.27
CA SER D 36 6.58 -3.54 7.07
C SER D 36 5.66 -3.66 8.26
N PHE D 37 4.93 -2.59 8.55
CA PHE D 37 4.06 -2.53 9.71
C PHE D 37 2.67 -2.09 9.27
N THR D 38 1.71 -2.97 9.52
CA THR D 38 0.35 -2.84 9.00
C THR D 38 -0.70 -2.98 10.12
N VAL D 39 -0.24 -2.81 11.37
CA VAL D 39 -1.06 -3.06 12.57
C VAL D 39 -2.27 -2.14 12.70
N LYS D 40 -3.39 -2.72 13.16
CA LYS D 40 -4.59 -1.96 13.48
C LYS D 40 -5.07 -2.33 14.88
N PRO D 41 -5.37 -1.32 15.73
CA PRO D 41 -5.33 0.11 15.42
C PRO D 41 -3.91 0.66 15.38
N LEU D 42 -3.79 1.87 14.86
CA LEU D 42 -2.53 2.60 14.82
C LEU D 42 -2.04 2.98 16.22
N PHE D 43 -2.99 3.14 17.15
CA PHE D 43 -2.68 3.51 18.52
C PHE D 43 -3.32 2.50 19.45
N PHE D 44 -2.51 1.91 20.33
CA PHE D 44 -2.94 0.80 21.17
C PHE D 44 -2.32 0.89 22.58
N PRO D 45 -2.86 0.15 23.57
CA PRO D 45 -2.30 0.27 24.92
C PRO D 45 -0.82 -0.13 24.96
N GLY D 46 0.04 0.82 25.34
CA GLY D 46 1.47 0.58 25.46
C GLY D 46 2.30 0.87 24.23
N GLY D 47 1.72 1.55 23.24
CA GLY D 47 2.46 1.92 22.05
C GLY D 47 1.63 2.29 20.83
N ASP D 48 2.32 2.46 19.70
CA ASP D 48 1.68 2.79 18.43
C ASP D 48 2.50 2.30 17.24
N ILE D 49 1.95 2.42 16.03
CA ILE D 49 2.61 1.98 14.82
C ILE D 49 3.97 2.66 14.62
N GLY D 50 4.09 3.89 15.12
CA GLY D 50 5.35 4.64 15.04
C GLY D 50 6.47 4.01 15.85
N LYS D 51 6.21 3.78 17.14
CA LYS D 51 7.16 3.13 18.02
C LYS D 51 7.52 1.75 17.50
N LEU D 52 6.49 1.03 17.06
CA LEU D 52 6.62 -0.31 16.51
C LEU D 52 7.52 -0.33 15.27
N ALA D 53 7.30 0.60 14.36
CA ALA D 53 8.07 0.67 13.11
C ALA D 53 9.56 0.81 13.37
N VAL D 54 9.93 1.60 14.38
CA VAL D 54 11.34 1.82 14.71
C VAL D 54 11.90 0.63 15.50
N CYS D 55 11.21 0.28 16.59
CA CYS D 55 11.68 -0.78 17.49
C CYS D 55 11.89 -2.14 16.83
N GLY D 56 10.93 -2.55 16.00
CA GLY D 56 11.00 -3.83 15.29
C GLY D 56 12.24 -3.97 14.43
N THR D 57 12.58 -2.89 13.72
CA THR D 57 13.73 -2.86 12.81
C THR D 57 15.05 -2.71 13.57
N VAL D 58 15.03 -1.88 14.62
CA VAL D 58 16.18 -1.72 15.50
C VAL D 58 16.54 -3.09 16.03
N ASN D 59 15.52 -3.83 16.44
CA ASN D 59 15.70 -5.15 17.03
C ASN D 59 16.26 -6.15 16.02
N ASP D 60 15.63 -6.24 14.84
CA ASP D 60 16.09 -7.16 13.81
C ASP D 60 17.52 -6.87 13.37
N ALA D 61 17.86 -5.59 13.25
CA ALA D 61 19.23 -5.18 12.89
C ALA D 61 20.26 -5.59 13.96
N SER D 62 19.78 -5.76 15.19
CA SER D 62 20.64 -6.15 16.32
C SER D 62 20.83 -7.65 16.40
N MET D 63 19.92 -8.41 15.79
CA MET D 63 19.81 -9.86 16.02
C MET D 63 21.00 -10.72 15.58
N ARG D 64 21.92 -10.16 14.80
CA ARG D 64 23.16 -10.89 14.49
C ARG D 64 24.28 -10.52 15.45
N GLY D 65 23.91 -9.92 16.58
CA GLY D 65 24.88 -9.44 17.55
C GLY D 65 25.55 -8.20 17.02
N ALA D 66 24.73 -7.17 16.80
CA ALA D 66 25.18 -5.95 16.15
C ALA D 66 24.56 -4.72 16.79
N LYS D 67 25.24 -3.59 16.65
CA LYS D 67 24.70 -2.31 17.10
C LYS D 67 23.96 -1.65 15.95
N PRO D 68 22.69 -1.29 16.15
CA PRO D 68 21.96 -0.58 15.10
C PRO D 68 22.35 0.91 15.05
N LEU D 69 22.50 1.47 13.85
CA LEU D 69 22.89 2.86 13.71
C LEU D 69 21.92 3.67 12.85
N PHE D 70 21.65 3.18 11.65
CA PHE D 70 20.90 3.97 10.69
C PHE D 70 19.66 3.25 10.19
N LEU D 71 18.56 4.00 10.13
CA LEU D 71 17.27 3.51 9.66
C LEU D 71 16.77 4.28 8.46
N THR D 72 15.88 3.64 7.71
CA THR D 72 15.11 4.33 6.70
C THR D 72 13.65 4.20 7.10
N ALA D 73 12.83 5.13 6.64
CA ALA D 73 11.40 5.12 6.93
C ALA D 73 10.64 5.46 5.67
N ALA D 74 9.76 4.56 5.27
CA ALA D 74 8.90 4.77 4.11
C ALA D 74 7.44 4.74 4.55
N PHE D 75 6.67 5.69 4.03
CA PHE D 75 5.29 5.88 4.41
C PHE D 75 4.36 5.75 3.23
N ILE D 76 3.34 4.91 3.38
CA ILE D 76 2.28 4.80 2.39
C ILE D 76 1.01 5.25 3.09
N ILE D 77 0.48 6.39 2.66
CA ILE D 77 -0.55 7.11 3.40
C ILE D 77 -1.78 7.31 2.52
N GLU D 78 -2.94 7.12 3.12
CA GLU D 78 -4.21 7.25 2.42
C GLU D 78 -4.61 8.71 2.38
N GLU D 79 -5.06 9.14 1.20
CA GLU D 79 -5.55 10.50 1.01
C GLU D 79 -6.62 10.83 2.05
N GLY D 80 -6.42 11.95 2.75
CA GLY D 80 -7.39 12.43 3.75
C GLY D 80 -7.11 11.91 5.14
N PHE D 81 -5.94 11.29 5.32
CA PHE D 81 -5.50 10.79 6.62
C PHE D 81 -5.10 11.97 7.51
N PRO D 82 -5.70 12.07 8.71
CA PRO D 82 -5.50 13.26 9.54
C PRO D 82 -4.03 13.50 9.85
N VAL D 83 -3.57 14.70 9.50
CA VAL D 83 -2.19 15.12 9.69
C VAL D 83 -1.79 15.10 11.18
N GLU D 84 -2.75 15.35 12.06
CA GLU D 84 -2.51 15.35 13.50
C GLU D 84 -2.18 13.94 13.99
N ASP D 85 -2.88 12.95 13.43
CA ASP D 85 -2.56 11.53 13.63
C ASP D 85 -1.13 11.20 13.15
N LEU D 86 -0.71 11.80 12.04
CA LEU D 86 0.62 11.53 11.47
C LEU D 86 1.75 12.15 12.31
N LYS D 87 1.58 13.39 12.77
CA LYS D 87 2.57 14.03 13.64
C LYS D 87 2.87 13.16 14.87
N LYS D 88 1.81 12.66 15.48
CA LYS D 88 1.92 11.81 16.67
C LYS D 88 2.68 10.50 16.39
N ILE D 89 2.39 9.86 15.26
CA ILE D 89 3.11 8.66 14.84
C ILE D 89 4.60 8.96 14.65
N VAL D 90 4.88 10.02 13.90
CA VAL D 90 6.24 10.42 13.58
C VAL D 90 7.03 10.83 14.84
N LYS D 91 6.36 11.51 15.77
CA LYS D 91 6.99 11.88 17.05
C LYS D 91 7.45 10.64 17.82
N SER D 92 6.60 9.62 17.86
CA SER D 92 6.91 8.36 18.55
C SER D 92 8.12 7.69 17.91
N MET D 93 8.26 7.85 16.60
CA MET D 93 9.37 7.30 15.86
C MET D 93 10.67 7.97 16.27
N ALA D 94 10.66 9.30 16.30
CA ALA D 94 11.87 10.08 16.63
C ALA D 94 12.33 9.87 18.06
N GLU D 95 11.38 9.55 18.94
CA GLU D 95 11.69 9.30 20.34
C GLU D 95 12.28 7.92 20.51
N ALA D 96 11.72 6.95 19.79
CA ALA D 96 12.22 5.58 19.76
C ALA D 96 13.64 5.51 19.23
N ALA D 97 13.87 6.19 18.10
CA ALA D 97 15.20 6.27 17.49
C ALA D 97 16.20 6.89 18.47
N LYS D 98 15.75 7.95 19.16
CA LYS D 98 16.54 8.62 20.18
C LYS D 98 16.94 7.63 21.26
N GLU D 99 16.00 6.80 21.69
CA GLU D 99 16.26 5.83 22.75
C GLU D 99 17.24 4.74 22.30
N ALA D 100 17.01 4.22 21.09
CA ALA D 100 17.84 3.14 20.55
C ALA D 100 19.20 3.63 20.04
N GLY D 101 19.43 4.94 20.11
CA GLY D 101 20.68 5.56 19.64
C GLY D 101 20.84 5.40 18.14
N VAL D 102 19.82 5.81 17.41
CA VAL D 102 19.67 5.51 15.99
C VAL D 102 19.15 6.74 15.24
N LYS D 103 19.48 6.85 13.96
CA LYS D 103 18.99 7.97 13.13
C LYS D 103 18.27 7.50 11.88
N ILE D 104 17.18 8.17 11.54
CA ILE D 104 16.52 7.99 10.25
C ILE D 104 17.30 8.82 9.22
N VAL D 105 17.96 8.15 8.28
CA VAL D 105 18.90 8.81 7.35
C VAL D 105 18.37 8.97 5.91
N ALA D 106 17.36 8.20 5.56
CA ALA D 106 16.72 8.30 4.24
C ALA D 106 15.29 7.83 4.38
N GLY D 107 14.44 8.28 3.48
CA GLY D 107 13.03 7.88 3.51
C GLY D 107 12.26 8.10 2.22
N ASP D 108 10.96 7.80 2.28
CA ASP D 108 10.04 8.10 1.21
C ASP D 108 8.63 8.27 1.76
N THR D 109 7.81 9.00 1.01
CA THR D 109 6.45 9.34 1.39
C THR D 109 5.56 9.27 0.17
N LYS D 110 4.56 8.39 0.21
CA LYS D 110 3.60 8.21 -0.88
C LYS D 110 2.17 8.42 -0.39
N VAL D 111 1.41 9.21 -1.13
CA VAL D 111 -0.01 9.43 -0.88
C VAL D 111 -0.77 8.65 -1.96
N VAL D 112 -1.74 7.85 -1.54
CA VAL D 112 -2.57 7.09 -2.48
C VAL D 112 -4.06 7.47 -2.34
N GLU D 113 -4.83 7.21 -3.39
CA GLU D 113 -6.26 7.53 -3.43
C GLU D 113 -7.03 6.87 -2.28
N LYS D 114 -8.11 7.52 -1.84
CA LYS D 114 -8.96 6.99 -0.77
C LYS D 114 -9.40 5.54 -1.07
N GLY D 115 -9.30 4.68 -0.07
CA GLY D 115 -9.66 3.27 -0.22
C GLY D 115 -8.61 2.37 -0.82
N SER D 116 -7.44 2.94 -1.15
CA SER D 116 -6.29 2.20 -1.71
C SER D 116 -5.33 1.70 -0.64
N VAL D 117 -5.31 2.36 0.51
CA VAL D 117 -4.57 1.90 1.68
C VAL D 117 -5.52 2.15 2.83
N ASP D 118 -5.44 1.32 3.86
CA ASP D 118 -6.22 1.59 5.05
C ASP D 118 -5.42 2.46 6.01
N ARG D 119 -5.59 3.77 5.85
CA ARG D 119 -4.94 4.81 6.67
C ARG D 119 -3.45 5.04 6.42
N ILE D 120 -2.59 4.14 6.89
CA ILE D 120 -1.15 4.30 6.77
C ILE D 120 -0.38 3.00 6.98
N PHE D 121 0.52 2.69 6.05
CA PHE D 121 1.46 1.60 6.24
C PHE D 121 2.84 2.18 6.36
N ILE D 122 3.67 1.58 7.21
CA ILE D 122 5.04 2.03 7.34
C ILE D 122 6.01 0.88 7.10
N ASN D 123 7.03 1.14 6.28
CA ASN D 123 8.17 0.24 6.17
C ASN D 123 9.41 0.89 6.71
N THR D 124 10.20 0.12 7.45
CA THR D 124 11.51 0.58 7.90
C THR D 124 12.58 -0.44 7.55
N SER D 125 13.72 0.05 7.07
CA SER D 125 14.90 -0.78 6.87
C SER D 125 15.97 -0.29 7.83
N GLY D 126 16.92 -1.16 8.18
CA GLY D 126 17.97 -0.81 9.13
C GLY D 126 19.29 -1.48 8.87
N ILE D 127 20.38 -0.75 9.16
CA ILE D 127 21.71 -1.34 9.16
C ILE D 127 22.36 -1.16 10.53
N GLY D 128 23.18 -2.14 10.89
CA GLY D 128 23.92 -2.10 12.14
C GLY D 128 25.34 -2.61 11.95
N VAL D 129 26.19 -2.36 12.95
CA VAL D 129 27.58 -2.83 12.89
C VAL D 129 27.80 -3.99 13.87
N LEU D 130 28.37 -5.06 13.35
CA LEU D 130 28.65 -6.25 14.14
C LEU D 130 29.67 -5.96 15.24
N TYR D 131 29.46 -6.53 16.40
CA TYR D 131 30.45 -6.43 17.49
C TYR D 131 31.67 -7.32 17.20
N GLU D 132 32.74 -7.13 17.96
CA GLU D 132 33.93 -7.96 17.79
C GLU D 132 33.69 -9.37 18.31
N GLY D 133 33.98 -10.35 17.47
CA GLY D 133 33.81 -11.76 17.81
C GLY D 133 32.37 -12.22 17.91
N ALA D 134 31.46 -11.42 17.34
CA ALA D 134 30.05 -11.75 17.33
C ALA D 134 29.75 -12.76 16.23
N ASN D 135 29.35 -13.96 16.62
CA ASN D 135 28.91 -14.99 15.68
C ASN D 135 27.53 -15.51 16.08
N VAL D 136 26.50 -14.76 15.69
CA VAL D 136 25.13 -15.09 16.02
C VAL D 136 24.36 -15.37 14.73
N SER D 137 23.69 -16.51 14.69
CA SER D 137 22.96 -16.95 13.51
C SER D 137 21.84 -17.90 13.91
N ILE D 138 20.85 -18.05 13.03
CA ILE D 138 19.76 -18.99 13.26
C ILE D 138 20.23 -20.44 13.07
N LYS D 139 21.44 -20.61 12.52
CA LYS D 139 22.03 -21.91 12.27
C LYS D 139 22.94 -22.37 13.39
N ASN D 140 23.24 -21.47 14.33
CA ASN D 140 24.33 -21.70 15.28
C ASN D 140 24.05 -22.59 16.50
N ALA D 141 22.78 -22.96 16.74
CA ALA D 141 22.42 -23.78 17.91
C ALA D 141 22.93 -25.22 17.86
N LYS D 142 23.23 -25.78 19.04
CA LYS D 142 23.78 -27.14 19.14
C LYS D 142 23.28 -27.89 20.38
N PRO D 143 23.20 -29.25 20.32
CA PRO D 143 22.77 -30.02 21.49
C PRO D 143 23.57 -29.68 22.75
N GLY D 144 22.87 -29.30 23.81
CA GLY D 144 23.50 -28.86 25.04
C GLY D 144 23.34 -27.38 25.31
N ASP D 145 23.07 -26.60 24.27
CA ASP D 145 22.89 -25.16 24.44
C ASP D 145 21.64 -24.86 25.26
N ILE D 146 21.63 -23.73 25.94
CA ILE D 146 20.49 -23.34 26.77
C ILE D 146 19.63 -22.29 26.07
N VAL D 147 18.31 -22.43 26.23
CA VAL D 147 17.34 -21.50 25.66
C VAL D 147 16.78 -20.59 26.75
N LEU D 148 16.72 -19.29 26.47
CA LEU D 148 16.26 -18.28 27.41
C LEU D 148 15.34 -17.31 26.69
N ILE D 149 14.43 -16.68 27.43
CA ILE D 149 13.59 -15.62 26.87
C ILE D 149 13.68 -14.36 27.73
N SER D 150 13.69 -13.21 27.05
CA SER D 150 13.91 -11.90 27.67
C SER D 150 12.86 -11.48 28.72
N GLY D 151 11.64 -11.99 28.59
CA GLY D 151 10.55 -11.57 29.47
C GLY D 151 9.23 -12.28 29.20
N THR D 152 8.13 -11.63 29.57
CA THR D 152 6.80 -12.26 29.50
C THR D 152 6.39 -12.52 28.07
N ILE D 153 5.68 -13.64 27.89
CA ILE D 153 5.33 -14.14 26.58
C ILE D 153 3.91 -13.74 26.16
N GLY D 154 3.78 -13.08 25.01
CA GLY D 154 2.48 -12.83 24.38
C GLY D 154 1.86 -11.45 24.54
N ASP D 155 2.52 -10.58 25.31
CA ASP D 155 1.96 -9.27 25.68
C ASP D 155 1.41 -8.47 24.50
N HIS D 156 2.20 -8.35 23.44
CA HIS D 156 1.82 -7.51 22.31
C HIS D 156 0.66 -8.08 21.53
N GLY D 157 0.76 -9.38 21.20
CA GLY D 157 -0.26 -10.08 20.43
C GLY D 157 -1.63 -9.90 21.02
N MET D 158 -1.73 -10.07 22.34
CA MET D 158 -2.99 -9.99 23.06
C MET D 158 -3.45 -8.54 23.21
N ALA D 159 -2.50 -7.65 23.51
CA ALA D 159 -2.77 -6.22 23.66
C ALA D 159 -3.44 -5.64 22.43
N VAL D 160 -2.87 -5.89 21.26
CA VAL D 160 -3.38 -5.34 20.00
C VAL D 160 -4.72 -5.99 19.61
N MET D 161 -4.81 -7.32 19.72
CA MET D 161 -6.05 -8.04 19.46
C MET D 161 -7.16 -7.55 20.37
N SER D 162 -6.81 -7.32 21.63
CA SER D 162 -7.75 -6.85 22.64
C SER D 162 -8.27 -5.45 22.30
N ALA D 163 -7.37 -4.57 21.86
CA ALA D 163 -7.75 -3.20 21.49
C ALA D 163 -8.58 -3.14 20.21
N ARG D 164 -8.20 -3.95 19.23
CA ARG D 164 -8.83 -3.96 17.91
C ARG D 164 -10.24 -4.53 17.95
N GLU D 165 -10.37 -5.71 18.54
CA GLU D 165 -11.64 -6.40 18.61
C GLU D 165 -12.46 -5.99 19.83
N GLU D 166 -11.94 -5.04 20.60
CA GLU D 166 -12.58 -4.54 21.84
C GLU D 166 -12.98 -5.68 22.79
N LEU D 167 -11.99 -6.47 23.19
CA LEU D 167 -12.16 -7.59 24.09
C LEU D 167 -11.92 -7.17 25.54
N GLN D 168 -12.92 -7.37 26.39
CA GLN D 168 -12.85 -6.92 27.78
C GLN D 168 -12.41 -8.04 28.73
N PHE D 169 -11.30 -7.81 29.42
CA PHE D 169 -10.77 -8.74 30.42
C PHE D 169 -10.73 -8.12 31.82
N ASP D 170 -10.40 -8.94 32.81
CA ASP D 170 -10.26 -8.47 34.20
C ASP D 170 -9.15 -7.43 34.35
N THR D 171 -8.07 -7.64 33.59
CA THR D 171 -6.94 -6.71 33.57
C THR D 171 -6.63 -6.34 32.12
N PRO D 172 -6.55 -5.02 31.82
CA PRO D 172 -6.15 -4.61 30.48
C PRO D 172 -4.71 -5.03 30.17
N ILE D 173 -4.46 -5.37 28.90
CA ILE D 173 -3.15 -5.85 28.48
C ILE D 173 -2.46 -4.78 27.66
N PHE D 174 -1.20 -4.50 28.01
CA PHE D 174 -0.43 -3.47 27.35
C PHE D 174 0.70 -4.09 26.54
N SER D 175 0.94 -3.52 25.37
CA SER D 175 2.00 -3.97 24.48
C SER D 175 3.36 -3.87 25.16
N ASP D 176 4.33 -4.66 24.70
CA ASP D 176 5.66 -4.63 25.27
C ASP D 176 6.68 -3.90 24.40
N VAL D 177 6.23 -3.33 23.28
CA VAL D 177 7.12 -2.67 22.31
C VAL D 177 8.27 -1.91 22.98
N ALA D 178 9.49 -2.31 22.65
CA ALA D 178 10.68 -1.72 23.25
C ALA D 178 11.91 -2.01 22.40
N PRO D 179 12.87 -1.09 22.37
CA PRO D 179 14.14 -1.31 21.67
C PRO D 179 15.12 -2.11 22.54
N LEU D 180 15.55 -3.26 22.03
CA LEU D 180 16.33 -4.21 22.80
C LEU D 180 17.81 -4.14 22.48
N ASN D 181 18.16 -3.34 21.47
CA ASN D 181 19.55 -3.15 21.09
C ASN D 181 20.49 -2.98 22.30
N GLY D 182 20.04 -2.23 23.30
CA GLY D 182 20.77 -2.03 24.55
C GLY D 182 21.01 -3.31 25.32
N LEU D 183 19.95 -4.11 25.51
CA LEU D 183 20.08 -5.43 26.13
C LEU D 183 20.96 -6.36 25.29
N ILE D 184 20.81 -6.30 23.97
CA ILE D 184 21.65 -7.09 23.05
C ILE D 184 23.14 -6.74 23.22
N GLU D 185 23.44 -5.44 23.26
CA GLU D 185 24.81 -4.96 23.45
C GLU D 185 25.43 -5.50 24.74
N LYS D 186 24.68 -5.40 25.85
CA LYS D 186 25.17 -5.91 27.13
C LYS D 186 25.25 -7.44 27.15
N LEU D 187 24.51 -8.08 26.27
CA LEU D 187 24.51 -9.51 26.12
C LEU D 187 25.70 -9.96 25.31
N MET D 188 26.11 -9.11 24.40
CA MET D 188 27.25 -9.41 23.53
C MET D 188 28.62 -9.32 24.21
N THR D 189 28.64 -9.14 25.53
CA THR D 189 29.86 -9.21 26.33
C THR D 189 30.43 -10.63 26.29
N LEU D 190 29.56 -11.58 26.01
CA LEU D 190 29.92 -12.99 26.01
C LEU D 190 30.10 -13.52 24.58
N GLY D 191 30.48 -12.64 23.65
CA GLY D 191 30.57 -12.99 22.20
C GLY D 191 31.08 -14.38 21.93
N GLU D 192 30.48 -15.03 20.93
CA GLU D 192 30.79 -16.43 20.54
C GLU D 192 30.00 -17.45 21.36
N ALA D 193 29.88 -17.23 22.66
CA ALA D 193 29.00 -18.03 23.50
C ALA D 193 27.52 -17.80 23.16
N ILE D 194 27.17 -16.57 22.78
CA ILE D 194 25.81 -16.29 22.27
C ILE D 194 25.71 -16.88 20.87
N LYS D 195 24.72 -17.76 20.68
CA LYS D 195 24.58 -18.48 19.42
C LYS D 195 23.43 -17.98 18.55
N VAL D 196 22.27 -17.75 19.17
CA VAL D 196 21.08 -17.29 18.45
C VAL D 196 20.35 -16.18 19.20
N LEU D 197 19.93 -15.16 18.46
CA LEU D 197 19.02 -14.15 18.96
C LEU D 197 17.92 -13.98 17.92
N ARG D 198 16.68 -13.97 18.40
CA ARG D 198 15.53 -13.72 17.56
C ARG D 198 14.39 -13.18 18.41
N ASP D 199 13.73 -12.15 17.89
CA ASP D 199 12.53 -11.60 18.53
C ASP D 199 11.31 -12.43 18.10
N PRO D 200 10.53 -12.92 19.09
CA PRO D 200 9.34 -13.72 18.76
C PRO D 200 8.17 -12.83 18.31
N THR D 201 8.31 -12.25 17.12
CA THR D 201 7.27 -11.41 16.53
C THR D 201 6.21 -12.32 15.91
N ARG D 202 5.52 -11.87 14.85
CA ARG D 202 4.41 -12.65 14.28
C ARG D 202 4.76 -14.14 14.23
N GLY D 203 3.90 -14.98 14.80
CA GLY D 203 4.15 -16.42 14.93
C GLY D 203 4.53 -16.86 16.34
N GLY D 204 4.93 -15.91 17.17
CA GLY D 204 5.19 -16.18 18.59
C GLY D 204 6.49 -16.91 18.87
N VAL D 205 6.64 -17.36 20.12
CA VAL D 205 7.82 -18.11 20.56
C VAL D 205 7.90 -19.46 19.87
N ALA D 206 6.74 -20.11 19.71
CA ALA D 206 6.63 -21.38 19.02
C ALA D 206 7.34 -21.36 17.66
N GLU D 207 7.10 -20.31 16.88
CA GLU D 207 7.63 -20.23 15.54
C GLU D 207 9.15 -20.04 15.57
N VAL D 208 9.63 -19.22 16.51
CA VAL D 208 11.05 -19.02 16.70
C VAL D 208 11.75 -20.34 16.96
N LEU D 209 11.19 -21.14 17.87
CA LEU D 209 11.79 -22.43 18.23
C LEU D 209 11.81 -23.38 17.04
N TYR D 210 10.77 -23.35 16.23
CA TYR D 210 10.71 -24.13 15.01
C TYR D 210 11.70 -23.63 13.95
N GLU D 211 11.95 -22.33 13.93
CA GLU D 211 12.93 -21.75 13.01
C GLU D 211 14.37 -22.08 13.42
N ILE D 212 14.64 -22.11 14.72
CA ILE D 212 15.94 -22.55 15.21
C ILE D 212 16.12 -24.04 14.92
N SER D 213 15.08 -24.82 15.18
CA SER D 213 15.07 -26.25 14.93
C SER D 213 15.39 -26.62 13.48
N LYS D 214 14.67 -26.01 12.52
CA LYS D 214 14.84 -26.32 11.11
C LYS D 214 16.23 -25.91 10.61
N MET D 215 16.70 -24.76 11.08
CA MET D 215 17.92 -24.14 10.55
C MET D 215 19.23 -24.56 11.22
N SER D 216 19.17 -24.94 12.50
CA SER D 216 20.35 -25.49 13.19
C SER D 216 20.40 -27.02 13.08
N GLY D 217 19.29 -27.63 12.69
CA GLY D 217 19.20 -29.09 12.57
C GLY D 217 19.16 -29.75 13.94
N VAL D 218 18.36 -29.17 14.85
CA VAL D 218 18.33 -29.60 16.24
C VAL D 218 16.89 -29.68 16.74
N GLY D 219 16.70 -30.28 17.91
CA GLY D 219 15.40 -30.23 18.58
C GLY D 219 15.47 -29.29 19.78
N ILE D 220 14.33 -28.82 20.24
CA ILE D 220 14.28 -27.94 21.41
C ILE D 220 13.20 -28.41 22.39
N LYS D 221 13.63 -28.70 23.61
CA LYS D 221 12.70 -29.01 24.69
C LYS D 221 12.54 -27.76 25.57
N ILE D 222 11.30 -27.38 25.84
CA ILE D 222 11.02 -26.31 26.79
C ILE D 222 10.19 -26.85 27.97
N TYR D 223 10.14 -26.10 29.06
CA TYR D 223 9.43 -26.53 30.26
C TYR D 223 8.40 -25.49 30.69
N GLU D 224 7.13 -25.93 30.77
CA GLU D 224 5.99 -25.05 31.05
C GLU D 224 6.12 -24.18 32.31
N GLU D 225 6.49 -24.77 33.44
CA GLU D 225 6.57 -24.03 34.71
C GLU D 225 7.73 -23.02 34.78
N LYS D 226 8.52 -22.97 33.71
CA LYS D 226 9.65 -22.04 33.61
C LYS D 226 9.37 -20.88 32.64
N LEU D 227 8.26 -20.97 31.91
CA LEU D 227 7.87 -19.93 30.94
C LEU D 227 7.25 -18.73 31.63
N PRO D 228 7.85 -17.55 31.46
CA PRO D 228 7.33 -16.33 32.06
C PRO D 228 6.15 -15.77 31.28
N VAL D 229 5.01 -15.66 31.94
CA VAL D 229 3.79 -15.13 31.35
C VAL D 229 3.15 -14.15 32.33
N LYS D 230 2.57 -13.09 31.81
CA LYS D 230 1.79 -12.17 32.62
C LYS D 230 0.44 -12.83 32.92
N GLU D 231 -0.04 -12.70 34.15
CA GLU D 231 -1.28 -13.35 34.58
C GLU D 231 -2.47 -13.02 33.68
N SER D 232 -2.57 -11.76 33.27
CA SER D 232 -3.68 -11.29 32.44
C SER D 232 -3.69 -11.94 31.04
N VAL D 233 -2.52 -12.35 30.57
CA VAL D 233 -2.36 -13.00 29.26
C VAL D 233 -2.69 -14.49 29.39
N LYS D 234 -2.24 -15.10 30.49
CA LYS D 234 -2.54 -16.49 30.81
C LYS D 234 -4.05 -16.67 30.75
N SER D 235 -4.76 -15.73 31.40
CA SER D 235 -6.21 -15.76 31.55
C SER D 235 -6.92 -15.48 30.24
N ALA D 236 -6.48 -14.43 29.55
CA ALA D 236 -7.01 -14.08 28.24
C ALA D 236 -6.99 -15.28 27.30
N CYS D 237 -5.84 -15.97 27.25
CA CYS D 237 -5.69 -17.18 26.45
C CYS D 237 -6.61 -18.30 26.93
N GLU D 238 -6.71 -18.47 28.25
CA GLU D 238 -7.54 -19.54 28.82
C GLU D 238 -9.01 -19.35 28.44
N PHE D 239 -9.43 -18.11 28.26
CA PHE D 239 -10.81 -17.80 27.88
C PHE D 239 -11.07 -17.97 26.38
N MET D 240 -10.02 -18.07 25.56
CA MET D 240 -10.18 -18.05 24.11
C MET D 240 -9.69 -19.30 23.37
N GLY D 241 -9.03 -20.20 24.10
CA GLY D 241 -8.49 -21.42 23.51
C GLY D 241 -7.15 -21.19 22.82
N ILE D 242 -6.47 -20.11 23.19
CA ILE D 242 -5.25 -19.67 22.52
C ILE D 242 -3.99 -20.01 23.33
N ASP D 243 -2.99 -20.53 22.63
CA ASP D 243 -1.69 -20.82 23.20
C ASP D 243 -0.85 -19.54 23.17
N PHE D 244 -0.42 -19.07 24.34
CA PHE D 244 0.38 -17.83 24.46
C PHE D 244 1.70 -17.87 23.70
N LEU D 245 2.11 -19.08 23.30
CA LEU D 245 3.32 -19.29 22.54
C LEU D 245 3.13 -18.90 21.09
N HIS D 246 1.87 -18.75 20.69
CA HIS D 246 1.52 -18.41 19.33
C HIS D 246 1.40 -16.90 19.13
N LEU D 247 1.40 -16.17 20.25
CA LEU D 247 1.15 -14.73 20.24
C LEU D 247 2.39 -13.89 19.99
N ALA D 248 2.19 -12.79 19.26
CA ALA D 248 3.27 -11.86 18.92
C ALA D 248 3.87 -11.12 20.12
N ASN D 249 5.19 -10.93 20.07
CA ASN D 249 5.92 -10.18 21.07
C ASN D 249 6.72 -9.11 20.36
N GLU D 250 6.85 -7.93 20.97
CA GLU D 250 7.60 -6.84 20.32
C GLU D 250 8.65 -6.20 21.21
N GLY D 251 8.80 -6.73 22.41
CA GLY D 251 9.82 -6.27 23.35
C GLY D 251 10.56 -7.42 23.99
N LYS D 252 10.62 -8.55 23.29
CA LYS D 252 11.30 -9.75 23.82
C LYS D 252 12.31 -10.32 22.84
N VAL D 253 13.31 -11.03 23.35
CA VAL D 253 14.24 -11.78 22.53
C VAL D 253 14.42 -13.21 23.05
N VAL D 254 14.50 -14.16 22.14
CA VAL D 254 14.79 -15.56 22.49
C VAL D 254 16.29 -15.76 22.31
N VAL D 255 16.98 -16.23 23.35
CA VAL D 255 18.44 -16.36 23.29
C VAL D 255 18.95 -17.79 23.52
N VAL D 256 19.91 -18.20 22.71
CA VAL D 256 20.48 -19.54 22.76
C VAL D 256 21.97 -19.42 23.08
N VAL D 257 22.39 -20.01 24.20
CA VAL D 257 23.76 -19.83 24.67
C VAL D 257 24.44 -21.13 25.07
N GLU D 258 25.77 -21.10 25.10
CA GLU D 258 26.57 -22.22 25.60
C GLU D 258 26.24 -22.48 27.05
N ARG D 259 25.98 -23.76 27.37
CA ARG D 259 25.58 -24.20 28.71
C ARG D 259 26.31 -23.44 29.84
N ASP D 260 27.64 -23.42 29.77
CA ASP D 260 28.47 -22.79 30.80
C ASP D 260 28.20 -21.30 31.02
N TYR D 261 27.80 -20.61 29.94
CA TYR D 261 27.61 -19.16 29.99
C TYR D 261 26.14 -18.74 30.17
N ALA D 262 25.25 -19.74 30.23
CA ALA D 262 23.81 -19.51 30.37
C ALA D 262 23.46 -18.70 31.60
N GLU D 263 24.06 -19.06 32.73
CA GLU D 263 23.82 -18.41 34.01
C GLU D 263 24.16 -16.92 33.98
N LYS D 264 25.30 -16.60 33.36
CA LYS D 264 25.79 -15.23 33.27
C LYS D 264 24.90 -14.41 32.33
N ALA D 265 24.39 -15.07 31.29
CA ALA D 265 23.49 -14.45 30.33
C ALA D 265 22.16 -14.04 30.97
N LEU D 266 21.65 -14.90 31.84
CA LEU D 266 20.43 -14.62 32.60
C LEU D 266 20.68 -13.45 33.55
N GLU D 267 21.79 -13.46 34.25
CA GLU D 267 22.07 -12.41 35.20
C GLU D 267 22.15 -11.05 34.55
N ILE D 268 22.85 -10.95 33.44
CA ILE D 268 22.93 -9.65 32.77
C ILE D 268 21.61 -9.21 32.14
N MET D 269 20.73 -10.17 31.87
CA MET D 269 19.39 -9.83 31.40
C MET D 269 18.58 -9.26 32.56
N LYS D 270 18.66 -9.91 33.72
CA LYS D 270 17.98 -9.45 34.92
C LYS D 270 18.38 -8.05 35.39
N SER D 271 19.61 -7.63 35.06
CA SER D 271 20.13 -6.30 35.46
C SER D 271 19.73 -5.16 34.49
N HIS D 272 19.17 -5.53 33.34
CA HIS D 272 18.62 -4.55 32.39
C HIS D 272 17.12 -4.35 32.58
N GLU D 273 16.63 -3.16 32.23
CA GLU D 273 15.23 -2.77 32.41
C GLU D 273 14.25 -3.62 31.60
N TYR D 274 14.71 -4.15 30.46
CA TYR D 274 13.86 -4.97 29.59
C TYR D 274 14.06 -6.47 29.74
N GLY D 275 14.81 -6.87 30.75
CA GLY D 275 15.05 -8.29 30.99
C GLY D 275 14.88 -8.73 32.44
N LYS D 276 14.16 -7.94 33.23
CA LYS D 276 13.95 -8.27 34.64
C LYS D 276 13.07 -9.53 34.83
N ASP D 277 12.17 -9.79 33.88
CA ASP D 277 11.30 -10.97 33.91
C ASP D 277 11.93 -12.20 33.24
N ALA D 278 13.09 -12.01 32.62
CA ALA D 278 13.79 -13.08 31.90
C ALA D 278 13.95 -14.40 32.67
N GLU D 279 14.00 -15.49 31.93
CA GLU D 279 14.10 -16.84 32.49
C GLU D 279 14.79 -17.82 31.56
N ILE D 280 15.36 -18.88 32.15
CA ILE D 280 15.89 -20.03 31.43
C ILE D 280 14.71 -20.99 31.16
N ILE D 281 14.34 -21.16 29.90
CA ILE D 281 13.10 -21.86 29.55
C ILE D 281 13.27 -23.27 28.96
N GLY D 282 14.50 -23.65 28.66
CA GLY D 282 14.79 -24.99 28.17
C GLY D 282 16.16 -25.17 27.54
N GLU D 283 16.34 -26.27 26.83
CA GLU D 283 17.62 -26.58 26.21
C GLU D 283 17.48 -27.18 24.81
N VAL D 284 18.59 -27.12 24.07
CA VAL D 284 18.70 -27.70 22.73
C VAL D 284 19.09 -29.19 22.81
N ASN D 285 18.29 -30.04 22.17
CA ASN D 285 18.59 -31.48 22.05
C ASN D 285 18.75 -31.94 20.61
N ASP D 286 19.24 -33.15 20.42
CA ASP D 286 19.51 -33.71 19.10
C ASP D 286 18.31 -34.46 18.53
N SER D 287 17.13 -34.22 19.11
CA SER D 287 15.92 -34.95 18.74
C SER D 287 15.18 -34.46 17.50
N LYS D 288 15.59 -33.29 16.98
CA LYS D 288 14.95 -32.65 15.81
C LYS D 288 13.45 -32.43 16.03
N LEU D 289 13.07 -32.27 17.29
CA LEU D 289 11.68 -32.12 17.70
C LEU D 289 11.55 -30.95 18.68
N VAL D 290 10.45 -30.21 18.57
CA VAL D 290 10.19 -29.08 19.48
C VAL D 290 9.13 -29.47 20.49
N THR D 291 9.53 -29.64 21.73
CA THR D 291 8.65 -30.18 22.76
C THR D 291 8.50 -29.29 23.98
N ILE D 292 7.38 -29.45 24.68
CA ILE D 292 7.13 -28.77 25.94
C ILE D 292 6.85 -29.81 27.05
N ASN D 293 7.48 -29.62 28.19
CA ASN D 293 7.17 -30.44 29.37
C ASN D 293 6.22 -29.73 30.32
N THR D 294 4.99 -30.22 30.40
CA THR D 294 4.00 -29.68 31.31
C THR D 294 4.32 -30.08 32.75
N ILE D 295 3.61 -29.49 33.70
CA ILE D 295 3.77 -29.87 35.12
C ILE D 295 3.58 -31.39 35.25
N TYR D 296 4.45 -32.02 36.05
CA TYR D 296 4.52 -33.49 36.18
C TYR D 296 5.11 -34.26 34.98
N GLY D 297 5.90 -33.54 34.17
CA GLY D 297 6.68 -34.12 33.06
C GLY D 297 5.90 -34.88 32.01
N THR D 298 5.24 -34.15 31.10
CA THR D 298 4.59 -34.75 29.93
C THR D 298 5.16 -34.07 28.69
N SER D 299 5.75 -34.85 27.79
CA SER D 299 6.49 -34.28 26.66
C SER D 299 5.67 -34.07 25.40
N ARG D 300 4.68 -33.17 25.48
CA ARG D 300 3.88 -32.76 24.33
C ARG D 300 4.73 -32.03 23.29
N ILE D 301 4.48 -32.30 22.01
CA ILE D 301 5.13 -31.53 20.95
C ILE D 301 4.44 -30.17 20.82
N VAL D 302 5.23 -29.11 20.71
CA VAL D 302 4.72 -27.73 20.61
C VAL D 302 4.06 -27.54 19.24
N ASP D 303 2.82 -27.05 19.26
CA ASP D 303 2.06 -26.87 18.03
C ASP D 303 2.53 -25.69 17.22
N ARG D 304 2.78 -25.93 15.94
CA ARG D 304 3.10 -24.85 15.00
C ARG D 304 1.81 -24.07 14.67
N PRO D 305 1.86 -22.71 14.74
CA PRO D 305 0.69 -21.84 14.56
C PRO D 305 -0.08 -22.08 13.26
ZN ZN E . 13.13 72.72 -22.56
ZN ZN F . 28.18 73.07 -22.40
FE FE G . -6.39 40.65 -14.23
ZN ZN H . 1.45 -73.85 24.40
ZN ZN I . 15.15 -75.28 30.04
FE FE J . -11.75 -39.35 11.91
MG MG K . 15.88 9.38 -7.12
MG MG L . 13.05 -10.77 13.55
#